data_8SWS
#
_entry.id   8SWS
#
_cell.length_a   89.883
_cell.length_b   111.120
_cell.length_c   97.963
_cell.angle_alpha   90.00
_cell.angle_beta   108.79
_cell.angle_gamma   90.00
#
_symmetry.space_group_name_H-M   'P 1 21 1'
#
loop_
_entity.id
_entity.type
_entity.pdbx_description
1 polymer 'Purine nucleoside phosphorylase'
2 non-polymer 2-amino-7-{[(3R,4R)-3-hydroxy-4-(hydroxymethyl)pyrrolidin-1-yl]methyl}-3,5-dihydro-4H-pyrrolo[3,2-d]pyrimidin-4-one
3 non-polymer 'SULFATE ION'
4 water water
#
_entity_poly.entity_id   1
_entity_poly.type   'polypeptide(L)'
_entity_poly.pdbx_seq_one_letter_code
;SMSSLDINEQRALIKSAHRYISEKLEDHFSSEFLPKALVICGEGLSGISTKIADEPKPLILSYSTIPGFKVSTVPGHSGE
LIFGYMNGAPVVLMNGRLRSYEGHSLAETVHPIRALHLLGSINVLIVTNAAGGINASFKAGDLMCVYDHINFPGLCGFHP
LRGANFDEFGPRFLATSDAYDLELRKLLFSKKKELNIERKIHEGTYSYVHGPTFESRAESRFLRLAGTDAVGMSTVPEVV
TARHCGWRVLALSLITNECVVDPPASAHDENPVPIQEGKATHEEVLENSAKASKDVQELIFSVVAEI
;
_entity_poly.pdbx_strand_id   A,B,C,D,E,F
#
# COMPACT_ATOMS: atom_id res chain seq x y z
N ASP A 6 24.24 0.58 -7.57
CA ASP A 6 25.11 1.66 -7.11
C ASP A 6 26.44 1.64 -7.85
N ILE A 7 26.86 2.80 -8.38
CA ILE A 7 28.02 2.76 -9.26
C ILE A 7 29.29 2.40 -8.49
N ASN A 8 29.43 2.84 -7.24
CA ASN A 8 30.66 2.54 -6.52
C ASN A 8 30.76 1.05 -6.19
N GLU A 9 29.63 0.41 -5.87
CA GLU A 9 29.66 -1.04 -5.73
C GLU A 9 30.05 -1.68 -7.04
N GLN A 10 29.58 -1.11 -8.14
CA GLN A 10 29.92 -1.65 -9.44
C GLN A 10 31.39 -1.41 -9.77
N ARG A 11 31.92 -0.23 -9.44
CA ARG A 11 33.35 -0.02 -9.71
C ARG A 11 34.19 -0.99 -8.90
N ALA A 12 33.94 -1.06 -7.60
CA ALA A 12 34.71 -1.95 -6.74
C ALA A 12 34.68 -3.37 -7.25
N LEU A 13 33.57 -3.78 -7.84
CA LEU A 13 33.46 -5.18 -8.25
C LEU A 13 34.08 -5.41 -9.64
N ILE A 14 34.08 -4.38 -10.49
CA ILE A 14 34.84 -4.46 -11.74
C ILE A 14 36.33 -4.41 -11.44
N LYS A 15 36.76 -3.46 -10.59
CA LYS A 15 38.15 -3.37 -10.12
C LYS A 15 38.63 -4.72 -9.62
N SER A 16 37.77 -5.39 -8.85
CA SER A 16 38.14 -6.63 -8.20
C SER A 16 38.32 -7.76 -9.21
N ALA A 17 37.37 -7.90 -10.14
CA ALA A 17 37.49 -8.91 -11.18
C ALA A 17 38.75 -8.70 -12.01
N HIS A 18 39.09 -7.44 -12.30
CA HIS A 18 40.29 -7.17 -13.08
C HIS A 18 41.56 -7.56 -12.32
N ARG A 19 41.59 -7.33 -11.00
CA ARG A 19 42.75 -7.75 -10.21
C ARG A 19 42.93 -9.27 -10.27
N TYR A 20 41.87 -10.02 -9.96
CA TYR A 20 41.90 -11.48 -10.04
C TYR A 20 42.41 -11.94 -11.40
N ILE A 21 41.79 -11.45 -12.48
CA ILE A 21 42.18 -11.85 -13.84
C ILE A 21 43.61 -11.43 -14.14
N SER A 22 43.97 -10.18 -13.81
CA SER A 22 45.31 -9.71 -14.13
C SER A 22 46.37 -10.49 -13.37
N GLU A 23 46.05 -10.88 -12.12
CA GLU A 23 47.01 -11.63 -11.32
C GLU A 23 47.11 -13.07 -11.80
N LYS A 24 45.99 -13.67 -12.20
CA LYS A 24 46.02 -15.03 -12.76
C LYS A 24 46.80 -15.06 -14.08
N LEU A 25 46.63 -14.05 -14.92
CA LEU A 25 47.36 -13.98 -16.18
C LEU A 25 48.87 -13.88 -15.92
N GLU A 26 49.27 -12.96 -15.04
CA GLU A 26 50.68 -12.77 -14.72
C GLU A 26 51.30 -14.04 -14.15
N ASP A 27 50.54 -14.76 -13.29
CA ASP A 27 50.99 -16.02 -12.69
C ASP A 27 51.09 -17.16 -13.69
N HIS A 28 50.38 -17.10 -14.82
CA HIS A 28 50.28 -18.24 -15.71
C HIS A 28 51.11 -18.11 -16.98
N PHE A 29 51.27 -16.90 -17.50
CA PHE A 29 51.94 -16.68 -18.78
C PHE A 29 53.32 -16.07 -18.53
N SER A 30 54.34 -16.59 -19.20
CA SER A 30 55.69 -16.07 -18.99
C SER A 30 55.91 -14.75 -19.71
N SER A 31 55.27 -14.54 -20.86
CA SER A 31 55.15 -13.21 -21.45
C SER A 31 53.80 -12.60 -21.11
N GLU A 32 53.81 -11.27 -20.94
CA GLU A 32 52.61 -10.52 -20.65
C GLU A 32 51.49 -10.88 -21.62
N PHE A 33 50.35 -11.29 -21.07
CA PHE A 33 49.20 -11.69 -21.88
C PHE A 33 48.24 -10.51 -22.06
N LEU A 34 48.16 -10.00 -23.30
CA LEU A 34 47.43 -8.80 -23.65
C LEU A 34 46.47 -9.10 -24.81
N PRO A 35 45.27 -9.60 -24.53
CA PRO A 35 44.37 -9.99 -25.63
C PRO A 35 43.91 -8.78 -26.46
N LYS A 36 43.79 -9.01 -27.77
CA LYS A 36 43.32 -7.99 -28.70
C LYS A 36 41.81 -8.05 -28.93
N ALA A 37 41.18 -9.19 -28.69
CA ALA A 37 39.75 -9.34 -28.91
C ALA A 37 39.16 -10.15 -27.78
N LEU A 38 37.94 -9.79 -27.39
CA LEU A 38 37.04 -10.66 -26.67
C LEU A 38 36.11 -11.30 -27.68
N VAL A 39 36.04 -12.64 -27.67
CA VAL A 39 35.13 -13.38 -28.54
C VAL A 39 34.06 -14.00 -27.66
N ILE A 40 32.80 -13.63 -27.91
CA ILE A 40 31.66 -14.16 -27.15
C ILE A 40 30.98 -15.25 -27.97
N CYS A 41 31.02 -16.48 -27.45
CA CYS A 41 30.53 -17.64 -28.19
C CYS A 41 29.03 -17.82 -27.93
N GLY A 42 28.26 -17.74 -29.01
CA GLY A 42 26.83 -17.90 -28.94
C GLY A 42 26.40 -19.36 -28.79
N GLU A 43 25.09 -19.54 -28.79
CA GLU A 43 24.49 -20.85 -28.56
C GLU A 43 24.92 -21.87 -29.60
N GLY A 44 25.48 -23.01 -29.14
CA GLY A 44 25.95 -24.05 -30.03
C GLY A 44 27.32 -23.81 -30.61
N LEU A 45 27.96 -22.69 -30.28
CA LEU A 45 29.21 -22.29 -30.90
C LEU A 45 30.39 -22.41 -29.94
N SER A 46 30.25 -23.22 -28.88
CA SER A 46 31.35 -23.45 -27.95
C SER A 46 32.57 -24.08 -28.64
N GLY A 47 32.38 -24.71 -29.80
CA GLY A 47 33.49 -25.27 -30.56
C GLY A 47 34.61 -24.29 -30.87
N ILE A 48 34.30 -22.99 -30.91
CA ILE A 48 35.32 -21.95 -31.13
C ILE A 48 36.49 -22.13 -30.17
N SER A 49 36.26 -22.68 -28.98
CA SER A 49 37.34 -22.92 -28.03
C SER A 49 38.36 -23.94 -28.53
N THR A 50 37.97 -24.84 -29.44
CA THR A 50 38.96 -25.77 -30.01
C THR A 50 40.01 -25.08 -30.90
N LYS A 51 39.84 -23.80 -31.23
CA LYS A 51 40.82 -23.06 -32.00
C LYS A 51 41.86 -22.38 -31.12
N ILE A 52 41.79 -22.58 -29.81
CA ILE A 52 42.81 -22.06 -28.91
C ILE A 52 43.98 -23.04 -28.94
N ALA A 53 45.19 -22.53 -29.16
CA ALA A 53 46.31 -23.43 -29.33
C ALA A 53 46.71 -24.08 -28.01
N ASP A 54 47.33 -25.26 -28.10
CA ASP A 54 47.81 -25.94 -26.92
C ASP A 54 49.02 -25.22 -26.31
N GLU A 55 49.76 -24.46 -27.12
CA GLU A 55 51.00 -23.85 -26.69
C GLU A 55 51.04 -22.41 -27.21
N PRO A 56 51.35 -21.42 -26.38
CA PRO A 56 51.51 -21.53 -24.92
C PRO A 56 50.21 -22.03 -24.27
N LYS A 57 50.32 -22.66 -23.12
CA LYS A 57 49.17 -23.29 -22.55
C LYS A 57 48.13 -22.24 -22.13
N PRO A 58 46.86 -22.43 -22.48
CA PRO A 58 45.85 -21.43 -22.12
C PRO A 58 45.44 -21.48 -20.65
N LEU A 59 44.84 -20.38 -20.23
CA LEU A 59 44.30 -20.21 -18.89
C LEU A 59 42.79 -20.21 -18.94
N ILE A 60 42.15 -21.07 -18.14
CA ILE A 60 40.71 -21.13 -18.09
C ILE A 60 40.26 -20.72 -16.70
N LEU A 61 39.41 -19.69 -16.64
CA LEU A 61 38.89 -19.18 -15.37
C LEU A 61 37.38 -19.39 -15.37
N SER A 62 36.89 -20.27 -14.50
CA SER A 62 35.45 -20.44 -14.34
C SER A 62 34.82 -19.16 -13.80
N TYR A 63 33.60 -18.84 -14.27
CA TYR A 63 32.92 -17.67 -13.72
C TYR A 63 32.73 -17.80 -12.22
N SER A 64 32.61 -19.04 -11.75
CA SER A 64 32.41 -19.32 -10.33
C SER A 64 33.48 -18.67 -9.46
N THR A 65 34.67 -18.42 -10.01
CA THR A 65 35.80 -17.99 -9.22
C THR A 65 36.17 -16.54 -9.44
N ILE A 66 35.52 -15.85 -10.38
CA ILE A 66 35.85 -14.46 -10.69
C ILE A 66 34.88 -13.56 -9.93
N PRO A 67 35.38 -12.65 -9.10
CA PRO A 67 34.47 -11.77 -8.33
C PRO A 67 33.60 -10.91 -9.22
N GLY A 68 32.32 -10.86 -8.88
CA GLY A 68 31.34 -10.12 -9.64
C GLY A 68 30.70 -10.87 -10.78
N PHE A 69 31.26 -12.00 -11.18
CA PHE A 69 30.66 -12.77 -12.27
C PHE A 69 29.52 -13.61 -11.73
N LYS A 70 28.45 -13.70 -12.51
CA LYS A 70 27.31 -14.54 -12.18
C LYS A 70 27.41 -15.84 -12.97
N VAL A 71 26.76 -16.90 -12.47
CA VAL A 71 26.73 -18.19 -13.17
C VAL A 71 25.37 -18.38 -13.82
N SER A 72 25.39 -18.79 -15.09
CA SER A 72 24.17 -19.03 -15.85
C SER A 72 23.31 -20.09 -15.19
N THR A 73 21.98 -19.92 -15.32
CA THR A 73 21.03 -20.82 -14.69
C THR A 73 21.00 -22.19 -15.37
N VAL A 74 21.34 -22.25 -16.65
CA VAL A 74 21.32 -23.52 -17.39
C VAL A 74 22.45 -24.41 -16.89
N PRO A 75 22.18 -25.69 -16.64
CA PRO A 75 23.27 -26.60 -16.24
C PRO A 75 23.67 -27.51 -17.40
N GLY A 76 24.93 -27.96 -17.42
CA GLY A 76 25.93 -27.53 -16.47
C GLY A 76 26.79 -26.43 -17.07
N HIS A 77 26.16 -25.66 -17.97
CA HIS A 77 26.82 -24.55 -18.64
C HIS A 77 26.95 -23.40 -17.63
N SER A 78 28.01 -23.45 -16.84
CA SER A 78 28.27 -22.41 -15.86
C SER A 78 28.98 -21.21 -16.49
N GLY A 79 29.81 -21.45 -17.49
CA GLY A 79 30.48 -20.38 -18.18
C GLY A 79 31.90 -20.16 -17.68
N GLU A 80 32.76 -19.72 -18.59
CA GLU A 80 34.18 -19.65 -18.31
C GLU A 80 34.80 -18.65 -19.29
N LEU A 81 35.85 -17.95 -18.85
CA LEU A 81 36.75 -17.25 -19.75
C LEU A 81 37.93 -18.15 -20.11
N ILE A 82 38.28 -18.17 -21.40
CA ILE A 82 39.46 -18.88 -21.90
C ILE A 82 40.43 -17.85 -22.50
N PHE A 83 41.65 -17.80 -21.94
CA PHE A 83 42.69 -16.89 -22.39
C PHE A 83 43.74 -17.74 -23.10
N GLY A 84 43.92 -17.51 -24.39
CA GLY A 84 44.94 -18.25 -25.10
C GLY A 84 45.30 -17.58 -26.40
N TYR A 85 46.01 -18.34 -27.24
CA TYR A 85 46.42 -17.87 -28.56
C TYR A 85 45.59 -18.60 -29.61
N MET A 86 44.96 -17.82 -30.48
CA MET A 86 44.20 -18.33 -31.61
C MET A 86 44.81 -17.79 -32.88
N ASN A 87 45.33 -18.70 -33.71
CA ASN A 87 46.02 -18.30 -34.92
C ASN A 87 47.16 -17.34 -34.57
N GLY A 88 47.83 -17.62 -33.45
CA GLY A 88 48.90 -16.77 -32.95
C GLY A 88 48.47 -15.46 -32.29
N ALA A 89 47.20 -15.11 -32.32
CA ALA A 89 46.79 -13.86 -31.70
C ALA A 89 46.28 -14.10 -30.29
N PRO A 90 46.70 -13.31 -29.30
CA PRO A 90 46.17 -13.48 -27.94
C PRO A 90 44.72 -13.03 -27.91
N VAL A 91 43.83 -13.88 -27.38
CA VAL A 91 42.41 -13.54 -27.29
C VAL A 91 41.89 -13.94 -25.91
N VAL A 92 40.67 -13.52 -25.63
CA VAL A 92 39.86 -14.07 -24.55
C VAL A 92 38.52 -14.54 -25.12
N LEU A 93 38.12 -15.75 -24.77
CA LEU A 93 36.85 -16.33 -25.18
C LEU A 93 35.91 -16.33 -23.99
N MET A 94 34.69 -15.87 -24.20
CA MET A 94 33.58 -16.00 -23.26
C MET A 94 32.80 -17.22 -23.72
N ASN A 95 33.03 -18.35 -23.09
CA ASN A 95 32.34 -19.58 -23.42
C ASN A 95 31.11 -19.65 -22.53
N GLY A 96 29.96 -19.41 -23.11
CA GLY A 96 28.86 -19.13 -22.23
C GLY A 96 28.60 -17.65 -22.13
N ARG A 97 27.35 -17.29 -21.94
CA ARG A 97 27.03 -15.90 -21.71
C ARG A 97 25.87 -15.85 -20.72
N LEU A 98 25.77 -14.73 -20.02
CA LEU A 98 24.62 -14.50 -19.17
C LEU A 98 23.55 -13.86 -20.05
N ARG A 99 22.36 -14.42 -20.07
CA ARG A 99 21.25 -13.83 -20.81
C ARG A 99 20.20 -13.32 -19.81
N SER A 100 19.58 -12.18 -20.12
CA SER A 100 18.78 -11.50 -19.11
C SER A 100 17.53 -12.29 -18.72
N TYR A 101 16.94 -13.08 -19.62
CA TYR A 101 15.77 -13.89 -19.26
C TYR A 101 16.03 -14.89 -18.14
N GLU A 102 17.29 -15.14 -17.76
CA GLU A 102 17.59 -16.05 -16.66
C GLU A 102 17.33 -15.41 -15.30
N GLY A 103 17.16 -14.09 -15.25
CA GLY A 103 17.02 -13.35 -14.02
C GLY A 103 18.16 -12.42 -13.72
N HIS A 104 19.18 -12.36 -14.58
CA HIS A 104 20.25 -11.39 -14.40
C HIS A 104 19.85 -10.01 -14.90
N SER A 105 20.26 -8.97 -14.16
CA SER A 105 20.17 -7.62 -14.69
C SER A 105 21.11 -7.45 -15.89
N LEU A 106 20.78 -6.47 -16.74
CA LEU A 106 21.63 -6.20 -17.89
C LEU A 106 23.03 -5.81 -17.44
N ALA A 107 23.13 -5.07 -16.34
CA ALA A 107 24.45 -4.73 -15.81
C ALA A 107 25.26 -5.99 -15.50
N GLU A 108 24.61 -7.04 -15.01
CA GLU A 108 25.35 -8.27 -14.72
C GLU A 108 25.81 -8.95 -16.00
N THR A 109 24.98 -8.91 -17.05
CA THR A 109 25.38 -9.58 -18.26
C THR A 109 26.57 -8.91 -18.94
N VAL A 110 26.80 -7.61 -18.74
CA VAL A 110 27.88 -6.92 -19.43
C VAL A 110 29.04 -6.56 -18.51
N HIS A 111 28.97 -6.93 -17.25
CA HIS A 111 30.10 -6.78 -16.33
C HIS A 111 31.41 -7.40 -16.85
N PRO A 112 31.42 -8.58 -17.48
CA PRO A 112 32.69 -9.10 -18.01
C PRO A 112 33.37 -8.17 -18.98
N ILE A 113 32.60 -7.43 -19.78
CA ILE A 113 33.19 -6.50 -20.74
C ILE A 113 33.96 -5.39 -20.03
N ARG A 114 33.31 -4.76 -19.02
CA ARG A 114 33.98 -3.73 -18.22
C ARG A 114 35.24 -4.26 -17.54
N ALA A 115 35.14 -5.43 -16.91
CA ALA A 115 36.31 -6.01 -16.23
C ALA A 115 37.42 -6.29 -17.23
N LEU A 116 37.09 -6.92 -18.35
CA LEU A 116 38.16 -7.19 -19.32
C LEU A 116 38.73 -5.91 -19.89
N HIS A 117 37.92 -4.85 -19.95
CA HIS A 117 38.42 -3.61 -20.57
C HIS A 117 39.63 -3.07 -19.81
N LEU A 118 39.68 -3.29 -18.50
CA LEU A 118 40.76 -2.75 -17.69
C LEU A 118 42.12 -3.42 -17.93
N LEU A 119 42.17 -4.57 -18.61
CA LEU A 119 43.47 -5.09 -19.03
C LEU A 119 44.18 -4.10 -19.97
N GLY A 120 43.43 -3.22 -20.64
CA GLY A 120 44.01 -2.18 -21.43
C GLY A 120 44.52 -2.58 -22.80
N SER A 121 44.12 -3.74 -23.31
CA SER A 121 44.59 -4.24 -24.60
C SER A 121 43.49 -4.58 -25.59
N ILE A 122 42.32 -5.01 -25.13
CA ILE A 122 41.23 -5.35 -26.04
C ILE A 122 40.70 -4.11 -26.75
N ASN A 123 40.66 -4.17 -28.08
CA ASN A 123 39.95 -3.14 -28.82
C ASN A 123 38.92 -3.70 -29.79
N VAL A 124 38.66 -5.01 -29.76
CA VAL A 124 37.65 -5.59 -30.64
C VAL A 124 36.75 -6.54 -29.85
N LEU A 125 35.44 -6.44 -30.06
CA LEU A 125 34.49 -7.47 -29.62
C LEU A 125 34.06 -8.23 -30.86
N ILE A 126 34.28 -9.54 -30.85
CA ILE A 126 33.70 -10.41 -31.86
C ILE A 126 32.60 -11.19 -31.16
N VAL A 127 31.35 -10.97 -31.53
CA VAL A 127 30.22 -11.59 -30.84
C VAL A 127 29.42 -12.45 -31.81
N THR A 128 29.18 -13.70 -31.45
CA THR A 128 28.34 -14.57 -32.26
C THR A 128 27.04 -14.88 -31.53
N ASN A 129 26.02 -15.23 -32.30
CA ASN A 129 24.77 -15.70 -31.74
C ASN A 129 24.03 -16.54 -32.76
N ALA A 130 22.99 -17.20 -32.28
CA ALA A 130 21.95 -17.83 -33.08
C ALA A 130 20.74 -16.90 -33.13
N ALA A 131 19.98 -16.95 -34.22
CA ALA A 131 18.87 -16.01 -34.37
C ALA A 131 17.76 -16.61 -35.22
N GLY A 132 16.53 -16.16 -34.97
CA GLY A 132 15.40 -16.49 -35.85
C GLY A 132 15.38 -15.57 -37.07
N GLY A 133 15.06 -16.16 -38.22
CA GLY A 133 15.01 -15.35 -39.45
C GLY A 133 13.68 -14.63 -39.61
N ILE A 134 13.71 -13.29 -39.61
CA ILE A 134 12.52 -12.48 -39.84
C ILE A 134 12.41 -12.05 -41.29
N ASN A 135 13.56 -11.67 -41.89
CA ASN A 135 13.65 -11.37 -43.32
C ASN A 135 13.28 -12.62 -44.12
N ALA A 136 12.29 -12.49 -45.02
CA ALA A 136 11.69 -13.65 -45.69
C ALA A 136 12.71 -14.40 -46.53
N SER A 137 13.73 -13.72 -46.98
CA SER A 137 14.70 -14.36 -47.86
C SER A 137 15.77 -15.15 -47.10
N PHE A 138 15.78 -15.07 -45.77
CA PHE A 138 16.75 -15.79 -44.99
C PHE A 138 16.27 -17.23 -44.82
N LYS A 139 17.21 -18.17 -44.88
CA LYS A 139 16.90 -19.57 -44.65
C LYS A 139 17.80 -20.13 -43.56
N ALA A 140 17.29 -21.14 -42.84
CA ALA A 140 18.05 -21.79 -41.78
C ALA A 140 19.37 -22.30 -42.32
N GLY A 141 20.47 -21.97 -41.65
CA GLY A 141 21.80 -22.31 -42.14
C GLY A 141 22.57 -21.14 -42.74
N ASP A 142 21.90 -20.06 -43.17
CA ASP A 142 22.57 -18.82 -43.59
C ASP A 142 23.19 -18.08 -42.39
N LEU A 143 24.29 -17.36 -42.63
CA LEU A 143 24.80 -16.41 -41.64
C LEU A 143 24.28 -15.02 -41.99
N MET A 144 24.23 -14.14 -40.97
CA MET A 144 24.01 -12.70 -41.18
C MET A 144 25.08 -11.93 -40.43
N CYS A 145 25.94 -11.27 -41.17
CA CYS A 145 26.75 -10.21 -40.59
C CYS A 145 25.84 -9.06 -40.14
N VAL A 146 25.93 -8.71 -38.87
CA VAL A 146 25.09 -7.64 -38.31
C VAL A 146 25.71 -6.29 -38.66
N TYR A 147 24.92 -5.41 -39.28
CA TYR A 147 25.48 -4.11 -39.62
C TYR A 147 24.67 -3.02 -38.96
N ASP A 148 23.61 -3.41 -38.22
CA ASP A 148 22.75 -2.48 -37.48
C ASP A 148 21.93 -3.28 -36.47
N HIS A 149 21.34 -2.60 -35.50
CA HIS A 149 20.45 -3.33 -34.61
C HIS A 149 19.24 -2.50 -34.19
N ILE A 150 18.30 -3.18 -33.55
CA ILE A 150 17.15 -2.53 -32.94
C ILE A 150 17.12 -2.98 -31.48
N ASN A 151 17.24 -2.00 -30.58
CA ASN A 151 17.15 -2.20 -29.13
C ASN A 151 15.81 -1.69 -28.59
N PHE A 152 14.77 -2.42 -28.98
CA PHE A 152 13.44 -2.13 -28.46
C PHE A 152 13.34 -2.23 -26.93
N PRO A 153 13.91 -3.24 -26.26
CA PRO A 153 13.93 -3.20 -24.78
C PRO A 153 14.61 -1.95 -24.25
N GLY A 154 15.73 -1.55 -24.87
CA GLY A 154 16.41 -0.31 -24.48
C GLY A 154 15.54 0.93 -24.64
N LEU A 155 14.86 1.06 -25.79
CA LEU A 155 13.93 2.17 -25.98
C LEU A 155 12.91 2.27 -24.86
N CYS A 156 12.51 1.12 -24.32
CA CYS A 156 11.40 1.02 -23.38
C CYS A 156 11.86 0.92 -21.92
N GLY A 157 13.15 1.14 -21.65
CA GLY A 157 13.61 1.22 -20.29
C GLY A 157 14.49 0.09 -19.80
N PHE A 158 14.78 -0.94 -20.61
CA PHE A 158 15.69 -2.01 -20.20
C PHE A 158 17.01 -1.85 -20.95
N HIS A 159 17.94 -1.14 -20.32
CA HIS A 159 19.08 -0.62 -21.08
C HIS A 159 20.35 -0.86 -20.27
N PRO A 160 21.41 -1.39 -20.86
CA PRO A 160 22.61 -1.67 -20.08
C PRO A 160 23.35 -0.44 -19.58
N LEU A 161 23.13 0.75 -20.15
CA LEU A 161 23.78 1.96 -19.64
C LEU A 161 22.93 2.76 -18.65
N ARG A 162 21.71 2.31 -18.34
CA ARG A 162 20.91 2.95 -17.29
C ARG A 162 21.69 3.07 -15.99
N GLY A 163 21.56 4.23 -15.34
CA GLY A 163 22.24 4.55 -14.11
C GLY A 163 23.34 5.55 -14.36
N ALA A 164 24.06 5.87 -13.30
CA ALA A 164 25.20 6.77 -13.41
C ALA A 164 26.15 6.25 -14.48
N ASN A 165 26.78 7.21 -15.18
CA ASN A 165 27.70 6.87 -16.26
C ASN A 165 29.08 6.52 -15.72
N PHE A 166 29.69 5.47 -16.29
CA PHE A 166 31.08 5.14 -16.01
C PHE A 166 31.94 6.10 -16.80
N ASP A 167 32.12 7.32 -16.25
CA ASP A 167 32.81 8.37 -16.99
C ASP A 167 34.26 8.00 -17.30
N GLU A 168 34.85 7.08 -16.55
CA GLU A 168 36.22 6.68 -16.90
C GLU A 168 36.27 5.71 -18.09
N PHE A 169 35.13 5.22 -18.56
CA PHE A 169 35.08 4.29 -19.68
C PHE A 169 34.62 4.92 -20.96
N GLY A 170 33.59 5.78 -20.89
CA GLY A 170 33.00 6.30 -22.09
C GLY A 170 32.00 7.40 -21.81
N PRO A 171 31.40 7.93 -22.88
CA PRO A 171 30.53 9.11 -22.75
C PRO A 171 29.19 8.79 -22.13
N ARG A 172 28.62 9.80 -21.46
CA ARG A 172 27.23 9.71 -21.00
C ARG A 172 26.25 9.36 -22.11
N PHE A 173 26.45 9.93 -23.32
CA PHE A 173 25.50 9.80 -24.42
C PHE A 173 26.23 9.15 -25.58
N LEU A 174 25.86 7.93 -25.90
CA LEU A 174 26.56 7.11 -26.87
C LEU A 174 25.76 7.00 -28.15
N ALA A 175 26.35 7.38 -29.28
CA ALA A 175 25.71 7.12 -30.57
C ALA A 175 25.77 5.64 -30.89
N THR A 176 24.78 5.15 -31.65
CA THR A 176 24.81 3.77 -32.12
C THR A 176 24.58 3.68 -33.63
N SER A 177 24.51 4.81 -34.34
CA SER A 177 24.49 4.78 -35.80
C SER A 177 25.83 4.35 -36.42
N ASP A 178 26.89 4.25 -35.61
CA ASP A 178 28.20 3.77 -36.05
C ASP A 178 28.63 2.53 -35.26
N ALA A 179 27.68 1.67 -34.92
CA ALA A 179 28.02 0.60 -33.98
C ALA A 179 28.83 -0.53 -34.63
N TYR A 180 28.63 -0.80 -35.92
CA TYR A 180 29.16 -2.04 -36.55
C TYR A 180 30.20 -1.67 -37.61
N ASP A 181 31.46 -1.52 -37.17
CA ASP A 181 32.67 -1.20 -37.93
C ASP A 181 32.67 -1.78 -39.36
N LEU A 182 32.88 -0.93 -40.35
CA LEU A 182 32.87 -1.38 -41.74
C LEU A 182 34.08 -2.24 -42.08
N GLU A 183 35.30 -1.80 -41.69
CA GLU A 183 36.48 -2.60 -42.05
C GLU A 183 36.44 -4.01 -41.45
N LEU A 184 35.84 -4.19 -40.25
CA LEU A 184 35.72 -5.56 -39.74
C LEU A 184 34.74 -6.39 -40.57
N ARG A 185 33.64 -5.80 -41.03
CA ARG A 185 32.73 -6.56 -41.88
C ARG A 185 33.39 -6.88 -43.22
N LYS A 186 34.22 -5.95 -43.71
CA LYS A 186 34.92 -6.24 -44.94
C LYS A 186 35.92 -7.36 -44.72
N LEU A 187 36.60 -7.35 -43.56
CA LEU A 187 37.57 -8.41 -43.24
C LEU A 187 36.89 -9.78 -43.15
N LEU A 188 35.69 -9.83 -42.56
CA LEU A 188 34.93 -11.07 -42.50
C LEU A 188 34.62 -11.61 -43.89
N PHE A 189 34.13 -10.73 -44.77
CA PHE A 189 33.85 -11.19 -46.13
C PHE A 189 35.13 -11.60 -46.85
N SER A 190 36.25 -10.90 -46.62
CA SER A 190 37.52 -11.32 -47.20
C SER A 190 37.92 -12.71 -46.75
N LYS A 191 37.63 -13.07 -45.49
CA LYS A 191 38.02 -14.39 -45.05
C LYS A 191 37.05 -15.45 -45.56
N LYS A 192 35.76 -15.13 -45.70
CA LYS A 192 34.87 -16.06 -46.39
C LYS A 192 35.40 -16.38 -47.79
N LYS A 193 35.87 -15.35 -48.53
CA LYS A 193 36.50 -15.56 -49.83
C LYS A 193 37.73 -16.44 -49.71
N GLU A 194 38.69 -16.05 -48.86
CA GLU A 194 39.95 -16.77 -48.75
C GLU A 194 39.72 -18.24 -48.38
N LEU A 195 38.72 -18.50 -47.54
CA LEU A 195 38.43 -19.85 -47.04
C LEU A 195 37.53 -20.66 -47.96
N ASN A 196 37.01 -20.03 -49.01
CA ASN A 196 36.12 -20.68 -49.99
C ASN A 196 34.90 -21.26 -49.28
N ILE A 197 34.42 -20.54 -48.29
CA ILE A 197 33.21 -20.95 -47.59
C ILE A 197 32.01 -20.59 -48.46
N GLU A 198 31.16 -21.59 -48.74
CA GLU A 198 30.02 -21.34 -49.63
C GLU A 198 28.77 -20.85 -48.91
N ARG A 199 28.65 -21.10 -47.59
CA ARG A 199 27.51 -20.67 -46.79
C ARG A 199 27.23 -19.17 -46.97
N LYS A 200 25.95 -18.82 -47.19
CA LYS A 200 25.61 -17.41 -47.33
C LYS A 200 25.98 -16.61 -46.09
N ILE A 201 26.41 -15.38 -46.31
CA ILE A 201 26.57 -14.42 -45.24
C ILE A 201 25.82 -13.20 -45.72
N HIS A 202 24.62 -12.99 -45.18
CA HIS A 202 23.89 -11.75 -45.42
C HIS A 202 24.48 -10.60 -44.62
N GLU A 203 23.91 -9.41 -44.82
CA GLU A 203 24.11 -8.25 -43.96
C GLU A 203 22.72 -7.79 -43.56
N GLY A 204 22.49 -7.55 -42.27
CA GLY A 204 21.23 -6.97 -41.91
C GLY A 204 21.16 -6.58 -40.46
N THR A 205 19.91 -6.39 -40.01
CA THR A 205 19.62 -5.74 -38.75
C THR A 205 19.19 -6.82 -37.77
N TYR A 206 19.85 -6.86 -36.62
CA TYR A 206 19.55 -7.75 -35.52
C TYR A 206 18.73 -7.02 -34.46
N SER A 207 17.64 -7.65 -34.00
CA SER A 207 16.85 -7.09 -32.89
C SER A 207 16.95 -7.99 -31.67
N TYR A 208 17.20 -7.36 -30.54
CA TYR A 208 17.25 -7.98 -29.24
C TYR A 208 15.87 -7.92 -28.63
N VAL A 209 15.34 -9.08 -28.22
CA VAL A 209 14.15 -9.14 -27.36
C VAL A 209 14.49 -9.96 -26.12
N HIS A 210 13.70 -9.79 -25.07
CA HIS A 210 14.09 -10.38 -23.80
C HIS A 210 13.97 -11.90 -23.79
N GLY A 211 12.93 -12.45 -24.42
CA GLY A 211 12.67 -13.87 -24.33
C GLY A 211 12.02 -14.21 -22.99
N PRO A 212 11.96 -15.51 -22.61
CA PRO A 212 12.43 -16.75 -23.23
C PRO A 212 11.44 -17.43 -24.19
N THR A 213 10.27 -16.83 -24.40
CA THR A 213 9.39 -17.32 -25.44
C THR A 213 9.95 -17.04 -26.84
N PHE A 214 9.73 -17.98 -27.75
CA PHE A 214 9.87 -17.66 -29.16
C PHE A 214 8.67 -16.80 -29.61
N GLU A 215 8.87 -16.04 -30.70
CA GLU A 215 7.95 -14.97 -31.04
C GLU A 215 6.61 -15.53 -31.50
N SER A 216 5.52 -14.87 -31.12
CA SER A 216 4.26 -15.15 -31.79
C SER A 216 4.29 -14.62 -33.23
N ARG A 217 3.28 -15.01 -34.00
CA ARG A 217 3.24 -14.57 -35.40
C ARG A 217 3.16 -13.05 -35.47
N ALA A 218 2.25 -12.46 -34.68
CA ALA A 218 2.07 -10.99 -34.65
C ALA A 218 3.32 -10.30 -34.18
N GLU A 219 3.99 -10.87 -33.17
CA GLU A 219 5.26 -10.32 -32.71
C GLU A 219 6.30 -10.35 -33.83
N SER A 220 6.38 -11.45 -34.58
CA SER A 220 7.36 -11.51 -35.66
C SER A 220 7.02 -10.53 -36.77
N ARG A 221 5.72 -10.41 -37.11
CA ARG A 221 5.28 -9.43 -38.09
C ARG A 221 5.60 -8.02 -37.63
N PHE A 222 5.42 -7.75 -36.33
CA PHE A 222 5.79 -6.46 -35.76
C PHE A 222 7.28 -6.21 -35.91
N LEU A 223 8.10 -7.20 -35.54
CA LEU A 223 9.55 -7.04 -35.69
C LEU A 223 9.92 -6.79 -37.15
N ARG A 224 9.22 -7.45 -38.08
CA ARG A 224 9.52 -7.29 -39.49
CA ARG A 224 9.50 -7.30 -39.50
C ARG A 224 9.19 -5.88 -39.96
N LEU A 225 7.96 -5.41 -39.71
CA LEU A 225 7.59 -4.08 -40.14
C LEU A 225 8.48 -3.04 -39.45
N ALA A 226 9.01 -3.36 -38.27
CA ALA A 226 9.92 -2.47 -37.59
C ALA A 226 11.30 -2.42 -38.22
N GLY A 227 11.64 -3.33 -39.13
CA GLY A 227 12.93 -3.35 -39.78
C GLY A 227 13.87 -4.45 -39.33
N THR A 228 13.36 -5.50 -38.69
CA THR A 228 14.22 -6.56 -38.16
C THR A 228 14.55 -7.53 -39.29
N ASP A 229 15.82 -7.92 -39.38
CA ASP A 229 16.14 -9.04 -40.29
C ASP A 229 16.33 -10.36 -39.54
N ALA A 230 16.89 -10.32 -38.33
CA ALA A 230 17.04 -11.50 -37.50
C ALA A 230 16.75 -11.12 -36.05
N VAL A 231 16.23 -12.06 -35.26
CA VAL A 231 15.83 -11.75 -33.88
C VAL A 231 16.47 -12.74 -32.93
N GLY A 232 17.02 -12.22 -31.83
CA GLY A 232 17.60 -13.06 -30.79
C GLY A 232 17.42 -12.48 -29.41
N MET A 233 18.02 -13.11 -28.40
CA MET A 233 17.79 -12.73 -27.00
C MET A 233 19.08 -12.29 -26.33
N SER A 234 20.04 -11.76 -27.08
CA SER A 234 21.32 -11.46 -26.46
C SER A 234 21.97 -10.33 -27.24
N THR A 235 23.31 -10.24 -27.15
CA THR A 235 24.15 -9.48 -28.09
C THR A 235 24.03 -7.95 -28.05
N VAL A 236 22.85 -7.35 -28.27
CA VAL A 236 22.78 -5.88 -28.29
C VAL A 236 23.30 -5.24 -27.01
N PRO A 237 22.98 -5.73 -25.81
CA PRO A 237 23.57 -5.08 -24.61
C PRO A 237 25.07 -5.16 -24.56
N GLU A 238 25.63 -6.28 -25.01
CA GLU A 238 27.08 -6.45 -25.09
CA GLU A 238 27.08 -6.45 -25.09
C GLU A 238 27.70 -5.51 -26.12
N VAL A 239 27.09 -5.38 -27.30
CA VAL A 239 27.61 -4.45 -28.31
C VAL A 239 27.62 -3.03 -27.76
N VAL A 240 26.50 -2.62 -27.14
CA VAL A 240 26.37 -1.27 -26.62
C VAL A 240 27.47 -0.99 -25.60
N THR A 241 27.70 -1.95 -24.70
CA THR A 241 28.71 -1.76 -23.66
C THR A 241 30.12 -1.76 -24.24
N ALA A 242 30.41 -2.69 -25.14
CA ALA A 242 31.68 -2.63 -25.84
C ALA A 242 31.85 -1.27 -26.54
N ARG A 243 30.81 -0.77 -27.23
CA ARG A 243 30.95 0.54 -27.86
C ARG A 243 31.19 1.64 -26.83
N HIS A 244 30.55 1.52 -25.65
CA HIS A 244 30.77 2.51 -24.61
C HIS A 244 32.24 2.52 -24.16
N CYS A 245 32.86 1.35 -24.12
CA CYS A 245 34.27 1.22 -23.75
C CYS A 245 35.22 1.67 -24.89
N GLY A 246 34.71 1.96 -26.07
CA GLY A 246 35.57 2.37 -27.17
C GLY A 246 36.01 1.27 -28.12
N TRP A 247 35.49 0.05 -27.97
CA TRP A 247 35.92 -1.05 -28.83
C TRP A 247 35.22 -0.99 -30.18
N ARG A 248 35.89 -1.52 -31.20
CA ARG A 248 35.22 -1.87 -32.45
C ARG A 248 34.47 -3.19 -32.27
N VAL A 249 33.41 -3.38 -33.05
CA VAL A 249 32.52 -4.52 -32.89
C VAL A 249 32.31 -5.21 -34.24
N LEU A 250 32.45 -6.54 -34.26
CA LEU A 250 32.02 -7.43 -35.34
C LEU A 250 31.04 -8.42 -34.74
N ALA A 251 29.84 -8.54 -35.33
CA ALA A 251 28.78 -9.40 -34.80
C ALA A 251 28.23 -10.24 -35.93
N LEU A 252 28.01 -11.51 -35.63
CA LEU A 252 27.73 -12.54 -36.62
C LEU A 252 26.62 -13.43 -36.10
N SER A 253 25.48 -13.42 -36.78
CA SER A 253 24.35 -14.25 -36.41
C SER A 253 24.35 -15.48 -37.29
N LEU A 254 24.01 -16.61 -36.69
CA LEU A 254 23.65 -17.81 -37.43
C LEU A 254 22.14 -17.93 -37.43
N ILE A 255 21.53 -17.94 -38.62
CA ILE A 255 20.09 -18.12 -38.73
C ILE A 255 19.79 -19.60 -38.45
N THR A 256 19.16 -19.87 -37.30
CA THR A 256 18.88 -21.25 -36.90
C THR A 256 17.48 -21.72 -37.21
N ASN A 257 16.60 -20.81 -37.63
CA ASN A 257 15.18 -21.13 -37.83
C ASN A 257 14.53 -19.94 -38.50
N GLU A 258 13.43 -20.20 -39.21
CA GLU A 258 12.66 -19.16 -39.89
C GLU A 258 11.42 -18.82 -39.06
N CYS A 259 11.31 -17.57 -38.59
CA CYS A 259 10.22 -17.21 -37.69
C CYS A 259 8.87 -17.37 -38.41
N VAL A 260 7.87 -17.82 -37.66
CA VAL A 260 6.53 -17.97 -38.21
C VAL A 260 5.83 -16.61 -38.17
N VAL A 261 5.57 -16.06 -39.36
CA VAL A 261 4.92 -14.76 -39.50
C VAL A 261 3.51 -14.85 -40.07
N ASP A 262 3.13 -15.97 -40.69
CA ASP A 262 1.81 -16.01 -41.31
C ASP A 262 0.72 -15.96 -40.23
N PRO A 263 -0.41 -15.34 -40.52
CA PRO A 263 -1.51 -15.38 -39.56
C PRO A 263 -1.94 -16.80 -39.32
N PRO A 264 -2.31 -17.15 -38.08
CA PRO A 264 -2.76 -18.52 -37.81
C PRO A 264 -4.06 -18.83 -38.54
N ALA A 265 -4.34 -20.12 -38.67
CA ALA A 265 -5.56 -20.56 -39.33
C ALA A 265 -6.78 -19.89 -38.72
N SER A 266 -7.62 -19.30 -39.58
CA SER A 266 -8.89 -18.78 -39.14
C SER A 266 -9.85 -19.92 -38.82
N ALA A 267 -10.80 -19.64 -37.93
CA ALA A 267 -11.91 -20.58 -37.67
C ALA A 267 -12.82 -20.74 -38.85
N HIS A 268 -12.39 -20.24 -40.00
CA HIS A 268 -13.21 -20.08 -41.18
C HIS A 268 -12.51 -20.67 -42.40
N ASP A 269 -11.48 -21.48 -42.20
CA ASP A 269 -10.57 -21.90 -43.26
C ASP A 269 -10.90 -23.33 -43.66
N GLU A 270 -11.11 -23.55 -44.97
CA GLU A 270 -11.63 -24.84 -45.41
C GLU A 270 -10.62 -25.95 -45.17
N ASN A 271 -9.37 -25.76 -45.60
CA ASN A 271 -8.27 -26.66 -45.25
C ASN A 271 -7.24 -25.88 -44.45
N PRO A 272 -7.34 -25.88 -43.12
CA PRO A 272 -6.50 -24.98 -42.31
C PRO A 272 -5.10 -25.52 -42.13
N VAL A 273 -4.12 -24.63 -42.24
CA VAL A 273 -2.76 -24.95 -41.82
C VAL A 273 -2.72 -25.11 -40.30
N PRO A 274 -2.24 -26.24 -39.78
CA PRO A 274 -2.23 -26.43 -38.31
C PRO A 274 -1.32 -25.41 -37.64
N ILE A 275 -1.85 -24.77 -36.62
CA ILE A 275 -1.17 -23.68 -35.94
C ILE A 275 0.21 -24.09 -35.41
N GLN A 276 0.43 -25.39 -35.18
CA GLN A 276 1.73 -25.84 -34.70
C GLN A 276 2.75 -26.12 -35.82
N GLU A 277 2.32 -26.12 -37.07
CA GLU A 277 3.25 -26.32 -38.16
C GLU A 277 4.29 -25.20 -38.18
N GLY A 278 5.56 -25.59 -38.19
CA GLY A 278 6.66 -24.66 -38.26
C GLY A 278 7.19 -24.12 -36.94
N LYS A 279 6.60 -24.49 -35.80
CA LYS A 279 6.95 -23.84 -34.53
C LYS A 279 8.43 -24.03 -34.19
N ALA A 280 9.01 -22.98 -33.61
CA ALA A 280 10.40 -23.03 -33.13
C ALA A 280 10.53 -24.02 -31.96
N THR A 281 11.68 -24.71 -31.89
CA THR A 281 12.08 -25.50 -30.72
C THR A 281 13.54 -25.21 -30.39
N HIS A 282 13.91 -25.44 -29.12
CA HIS A 282 15.32 -25.31 -28.73
C HIS A 282 16.17 -26.30 -29.52
N GLU A 283 15.68 -27.52 -29.70
CA GLU A 283 16.50 -28.56 -30.31
C GLU A 283 16.81 -28.22 -31.78
N GLU A 284 15.84 -27.65 -32.51
CA GLU A 284 16.12 -27.17 -33.86
C GLU A 284 17.24 -26.14 -33.86
N VAL A 285 17.19 -25.22 -32.90
CA VAL A 285 18.19 -24.16 -32.82
C VAL A 285 19.57 -24.77 -32.59
N LEU A 286 19.65 -25.70 -31.63
CA LEU A 286 20.92 -26.35 -31.33
C LEU A 286 21.45 -27.15 -32.50
N GLU A 287 20.58 -27.87 -33.21
CA GLU A 287 21.13 -28.78 -34.20
C GLU A 287 21.60 -27.98 -35.42
N ASN A 288 20.96 -26.83 -35.68
CA ASN A 288 21.39 -25.97 -36.79
C ASN A 288 22.64 -25.18 -36.44
N SER A 289 22.78 -24.77 -35.17
CA SER A 289 24.05 -24.21 -34.72
C SER A 289 25.17 -25.21 -34.87
N ALA A 290 24.93 -26.47 -34.51
CA ALA A 290 25.97 -27.47 -34.62
C ALA A 290 26.38 -27.66 -36.09
N LYS A 291 25.44 -27.53 -37.01
CA LYS A 291 25.77 -27.79 -38.40
C LYS A 291 26.71 -26.71 -38.95
N ALA A 292 26.52 -25.46 -38.50
CA ALA A 292 27.27 -24.33 -39.03
C ALA A 292 28.53 -23.98 -38.24
N SER A 293 28.78 -24.68 -37.12
CA SER A 293 29.83 -24.26 -36.20
C SER A 293 31.22 -24.26 -36.85
N LYS A 294 31.49 -25.24 -37.67
CA LYS A 294 32.83 -25.31 -38.21
C LYS A 294 33.12 -24.12 -39.12
N ASP A 295 32.15 -23.73 -39.97
CA ASP A 295 32.35 -22.51 -40.77
C ASP A 295 32.56 -21.26 -39.90
N VAL A 296 31.72 -21.09 -38.85
CA VAL A 296 31.84 -19.92 -37.97
C VAL A 296 33.21 -19.93 -37.30
N GLN A 297 33.62 -21.10 -36.80
CA GLN A 297 34.92 -21.27 -36.15
C GLN A 297 36.05 -20.85 -37.09
N GLU A 298 36.04 -21.34 -38.31
CA GLU A 298 37.16 -21.02 -39.22
C GLU A 298 37.19 -19.55 -39.58
N LEU A 299 36.01 -18.92 -39.72
CA LEU A 299 35.95 -17.48 -40.02
C LEU A 299 36.60 -16.68 -38.90
N ILE A 300 36.31 -17.03 -37.65
CA ILE A 300 36.82 -16.24 -36.53
C ILE A 300 38.32 -16.47 -36.36
N PHE A 301 38.75 -17.73 -36.48
CA PHE A 301 40.18 -18.08 -36.45
C PHE A 301 40.97 -17.27 -37.49
N SER A 302 40.42 -17.07 -38.69
CA SER A 302 41.12 -16.23 -39.67
C SER A 302 41.11 -14.76 -39.26
N VAL A 303 39.95 -14.27 -38.85
CA VAL A 303 39.79 -12.84 -38.55
C VAL A 303 40.79 -12.40 -37.48
N VAL A 304 40.94 -13.19 -36.41
CA VAL A 304 41.73 -12.72 -35.27
C VAL A 304 43.20 -12.53 -35.63
N ALA A 305 43.71 -13.24 -36.65
CA ALA A 305 45.10 -13.00 -36.98
C ALA A 305 45.31 -11.68 -37.72
N GLU A 306 44.24 -10.98 -38.12
CA GLU A 306 44.36 -9.76 -38.91
C GLU A 306 43.78 -8.53 -38.25
N ILE A 307 43.33 -8.59 -37.01
CA ILE A 307 42.84 -7.38 -36.35
C ILE A 307 43.97 -6.59 -35.66
N GLU B 9 2.97 6.67 1.84
CA GLU B 9 4.37 6.77 2.29
C GLU B 9 5.13 7.83 1.51
N GLN B 10 5.11 7.75 0.17
CA GLN B 10 5.86 8.78 -0.52
C GLN B 10 5.15 10.13 -0.43
N ARG B 11 4.05 10.23 0.33
CA ARG B 11 3.35 11.49 0.42
C ARG B 11 3.92 12.39 1.49
N ALA B 12 4.41 11.80 2.59
CA ALA B 12 5.08 12.61 3.60
C ALA B 12 6.19 13.41 2.96
N LEU B 13 6.97 12.76 2.08
CA LEU B 13 8.04 13.46 1.38
C LEU B 13 7.49 14.59 0.53
N ILE B 14 6.36 14.36 -0.15
CA ILE B 14 5.77 15.42 -0.95
C ILE B 14 5.34 16.59 -0.05
N LYS B 15 4.74 16.29 1.11
CA LYS B 15 4.35 17.37 2.03
C LYS B 15 5.55 18.08 2.64
N SER B 16 6.58 17.34 3.06
CA SER B 16 7.79 18.00 3.55
C SER B 16 8.32 19.00 2.54
N ALA B 17 8.41 18.60 1.27
CA ALA B 17 8.89 19.51 0.23
C ALA B 17 8.00 20.75 0.15
N HIS B 18 6.68 20.55 0.08
CA HIS B 18 5.76 21.68 0.12
C HIS B 18 6.00 22.58 1.32
N ARG B 19 6.06 21.99 2.52
CA ARG B 19 6.22 22.80 3.72
C ARG B 19 7.50 23.64 3.65
N TYR B 20 8.61 23.01 3.28
CA TYR B 20 9.87 23.73 3.18
C TYR B 20 9.76 24.86 2.15
N ILE B 21 9.19 24.58 1.00
CA ILE B 21 9.07 25.60 -0.05
C ILE B 21 8.10 26.70 0.40
N SER B 22 6.93 26.31 0.93
CA SER B 22 5.97 27.29 1.43
C SER B 22 6.60 28.30 2.38
N GLU B 23 7.36 27.80 3.35
CA GLU B 23 7.89 28.69 4.38
C GLU B 23 9.01 29.55 3.84
N LYS B 24 9.83 29.01 2.93
CA LYS B 24 10.83 29.85 2.29
C LYS B 24 10.18 30.97 1.50
N LEU B 25 9.07 30.68 0.79
CA LEU B 25 8.37 31.73 0.07
C LEU B 25 7.82 32.79 1.02
N GLU B 26 7.22 32.38 2.14
CA GLU B 26 6.72 33.35 3.13
C GLU B 26 7.84 34.26 3.64
N ASP B 27 8.96 33.67 4.05
CA ASP B 27 10.08 34.46 4.56
C ASP B 27 10.60 35.43 3.52
N HIS B 28 10.68 34.99 2.25
CA HIS B 28 11.36 35.77 1.23
C HIS B 28 10.52 36.93 0.69
N PHE B 29 9.26 36.67 0.31
CA PHE B 29 8.48 37.70 -0.39
C PHE B 29 7.65 38.52 0.59
N SER B 30 7.72 39.83 0.42
CA SER B 30 6.84 40.77 1.12
C SER B 30 5.39 40.33 0.98
N SER B 31 4.92 40.25 -0.25
CA SER B 31 3.56 39.85 -0.57
C SER B 31 3.50 38.36 -0.86
N GLU B 32 2.31 37.79 -0.69
CA GLU B 32 2.12 36.37 -0.95
C GLU B 32 2.58 36.06 -2.37
N PHE B 33 3.30 34.96 -2.54
CA PHE B 33 3.85 34.58 -3.83
C PHE B 33 3.18 33.30 -4.28
N LEU B 34 2.30 33.40 -5.28
CA LEU B 34 1.49 32.29 -5.77
C LEU B 34 1.81 32.10 -7.25
N PRO B 35 2.74 31.19 -7.59
CA PRO B 35 3.11 31.03 -9.01
C PRO B 35 1.97 30.45 -9.83
N LYS B 36 1.77 30.99 -11.03
CA LYS B 36 0.74 30.50 -11.92
C LYS B 36 1.27 29.46 -12.90
N ALA B 37 2.59 29.42 -13.13
CA ALA B 37 3.16 28.50 -14.11
C ALA B 37 4.43 27.89 -13.54
N LEU B 38 4.67 26.61 -13.87
CA LEU B 38 5.98 25.98 -13.75
C LEU B 38 6.60 25.89 -15.16
N VAL B 39 7.80 26.43 -15.32
CA VAL B 39 8.60 26.27 -16.53
C VAL B 39 9.73 25.31 -16.23
N ILE B 40 9.74 24.16 -16.91
CA ILE B 40 10.86 23.23 -16.81
C ILE B 40 11.80 23.55 -17.95
N CYS B 41 13.03 23.97 -17.59
CA CYS B 41 14.01 24.43 -18.58
C CYS B 41 14.84 23.23 -19.02
N GLY B 42 14.54 22.70 -20.21
CA GLY B 42 15.35 21.63 -20.77
C GLY B 42 16.69 22.15 -21.27
N GLU B 43 17.40 21.27 -21.98
CA GLU B 43 18.73 21.61 -22.52
C GLU B 43 18.71 22.94 -23.25
N GLY B 44 19.67 23.83 -22.92
CA GLY B 44 19.77 25.16 -23.53
C GLY B 44 18.87 26.28 -22.96
N LEU B 45 17.84 25.97 -22.17
CA LEU B 45 16.94 27.03 -21.70
C LEU B 45 17.28 27.54 -20.31
N SER B 46 18.42 27.13 -19.77
CA SER B 46 18.82 27.56 -18.44
C SER B 46 18.89 29.08 -18.32
N GLY B 47 19.19 29.78 -19.43
CA GLY B 47 19.33 31.23 -19.38
C GLY B 47 18.04 32.02 -19.29
N ILE B 48 16.88 31.35 -19.38
CA ILE B 48 15.56 31.96 -19.14
C ILE B 48 15.55 32.59 -17.74
N SER B 49 16.42 32.10 -16.85
CA SER B 49 16.75 32.76 -15.58
C SER B 49 16.82 34.28 -15.71
N THR B 50 17.48 34.77 -16.78
CA THR B 50 17.69 36.21 -16.93
C THR B 50 16.41 36.97 -17.26
N LYS B 51 15.33 36.28 -17.63
CA LYS B 51 14.06 36.96 -17.86
C LYS B 51 13.30 37.23 -16.55
N ILE B 52 13.74 36.67 -15.44
CA ILE B 52 13.09 36.90 -14.13
C ILE B 52 13.44 38.29 -13.63
N ALA B 53 12.42 39.05 -13.22
CA ALA B 53 12.62 40.43 -12.81
C ALA B 53 13.45 40.54 -11.53
N ASP B 54 14.27 41.58 -11.45
CA ASP B 54 15.04 41.84 -10.25
C ASP B 54 14.18 42.31 -9.08
N GLU B 55 13.00 42.87 -9.34
CA GLU B 55 12.13 43.38 -8.27
C GLU B 55 10.72 42.83 -8.48
N PRO B 56 10.12 42.17 -7.46
CA PRO B 56 10.75 41.82 -6.17
C PRO B 56 11.81 40.72 -6.33
N LYS B 57 12.88 40.80 -5.55
CA LYS B 57 14.04 39.94 -5.74
C LYS B 57 13.63 38.47 -5.82
N PRO B 58 14.19 37.71 -6.75
CA PRO B 58 13.83 36.29 -6.86
C PRO B 58 14.24 35.51 -5.62
N LEU B 59 13.62 34.34 -5.47
CA LEU B 59 14.05 33.32 -4.52
C LEU B 59 14.61 32.10 -5.27
N ILE B 60 15.82 31.68 -4.92
CA ILE B 60 16.51 30.56 -5.57
C ILE B 60 16.72 29.48 -4.51
N LEU B 61 16.21 28.27 -4.77
CA LEU B 61 16.33 27.15 -3.84
C LEU B 61 17.07 26.00 -4.50
N SER B 62 18.22 25.64 -3.94
CA SER B 62 18.96 24.50 -4.45
C SER B 62 18.22 23.19 -4.18
N TYR B 63 18.20 22.29 -5.18
CA TYR B 63 17.60 20.97 -4.99
C TYR B 63 18.16 20.27 -3.75
N SER B 64 19.43 20.50 -3.43
CA SER B 64 20.09 19.76 -2.36
C SER B 64 19.49 20.06 -1.00
N THR B 65 18.75 21.14 -0.86
CA THR B 65 18.13 21.51 0.41
C THR B 65 16.61 21.37 0.41
N ILE B 66 16.00 20.83 -0.65
CA ILE B 66 14.55 20.60 -0.68
C ILE B 66 14.30 19.12 -0.45
N PRO B 67 13.46 18.74 0.52
CA PRO B 67 13.17 17.33 0.78
C PRO B 67 12.72 16.59 -0.47
N GLY B 68 13.33 15.41 -0.69
CA GLY B 68 12.95 14.55 -1.78
C GLY B 68 13.51 14.89 -3.14
N PHE B 69 14.07 16.09 -3.33
CA PHE B 69 14.69 16.45 -4.59
C PHE B 69 16.06 15.75 -4.63
N LYS B 70 16.19 14.74 -5.47
CA LYS B 70 17.35 13.85 -5.41
C LYS B 70 18.67 14.57 -5.69
N SER B 78 24.34 20.18 -10.12
CA SER B 78 23.01 20.01 -9.54
C SER B 78 22.00 21.00 -10.13
N GLY B 79 20.81 21.09 -9.50
CA GLY B 79 19.74 21.92 -10.01
C GLY B 79 19.11 22.78 -8.93
N GLU B 80 18.17 23.62 -9.35
CA GLU B 80 17.60 24.62 -8.46
C GLU B 80 16.22 25.03 -8.95
N LEU B 81 15.44 25.58 -8.01
CA LEU B 81 14.14 26.18 -8.28
C LEU B 81 14.28 27.68 -8.17
N ILE B 82 13.71 28.41 -9.13
CA ILE B 82 13.72 29.87 -9.12
C ILE B 82 12.29 30.37 -9.10
N PHE B 83 11.93 31.10 -8.03
CA PHE B 83 10.63 31.73 -7.88
C PHE B 83 10.79 33.22 -8.06
N GLY B 84 10.03 33.80 -8.99
CA GLY B 84 10.06 35.23 -9.23
C GLY B 84 9.02 35.60 -10.28
N TYR B 85 9.09 36.85 -10.73
CA TYR B 85 8.14 37.39 -11.70
C TYR B 85 8.77 37.43 -13.08
N MET B 86 8.06 36.89 -14.07
CA MET B 86 8.50 36.93 -15.44
C MET B 86 7.42 37.63 -16.24
N ASN B 87 7.77 38.77 -16.83
CA ASN B 87 6.81 39.54 -17.63
C ASN B 87 5.52 39.84 -16.84
N GLY B 88 5.65 40.11 -15.54
CA GLY B 88 4.52 40.43 -14.68
C GLY B 88 3.86 39.25 -14.00
N ALA B 89 4.14 38.01 -14.43
CA ALA B 89 3.46 36.81 -13.95
C ALA B 89 4.33 36.12 -12.92
N PRO B 90 3.81 35.74 -11.75
CA PRO B 90 4.62 34.96 -10.81
C PRO B 90 4.80 33.55 -11.36
N VAL B 91 6.05 33.09 -11.39
CA VAL B 91 6.37 31.78 -11.95
C VAL B 91 7.43 31.10 -11.10
N VAL B 92 7.54 29.78 -11.30
CA VAL B 92 8.62 28.94 -10.79
C VAL B 92 9.32 28.34 -12.00
N LEU B 93 10.65 28.43 -12.01
CA LEU B 93 11.49 27.79 -13.03
C LEU B 93 12.20 26.59 -12.41
N MET B 94 12.14 25.46 -13.09
CA MET B 94 12.93 24.27 -12.76
C MET B 94 14.17 24.32 -13.64
N ASN B 95 15.30 24.59 -13.03
CA ASN B 95 16.56 24.73 -13.72
C ASN B 95 17.35 23.47 -13.35
N GLY B 96 17.17 22.45 -14.16
CA GLY B 96 17.63 21.14 -13.79
C GLY B 96 16.44 20.23 -13.84
N ARG B 97 16.59 19.13 -14.56
CA ARG B 97 15.56 18.13 -14.67
C ARG B 97 16.22 16.77 -14.41
N LEU B 98 15.41 15.78 -14.06
CA LEU B 98 15.89 14.45 -13.74
C LEU B 98 15.35 13.50 -14.80
N ARG B 99 16.16 12.54 -15.21
CA ARG B 99 15.84 11.69 -16.34
C ARG B 99 15.99 10.25 -15.91
N SER B 100 15.12 9.40 -16.42
CA SER B 100 15.13 8.02 -15.99
C SER B 100 16.44 7.32 -16.35
N TYR B 101 17.10 7.70 -17.46
CA TYR B 101 18.35 7.01 -17.75
C TYR B 101 19.41 7.25 -16.68
N GLU B 102 19.24 8.30 -15.85
CA GLU B 102 20.19 8.57 -14.76
C GLU B 102 20.08 7.51 -13.66
N GLY B 103 19.07 6.64 -13.73
CA GLY B 103 18.84 5.66 -12.69
C GLY B 103 17.80 6.09 -11.68
N HIS B 104 17.15 7.24 -11.88
CA HIS B 104 16.09 7.68 -10.98
C HIS B 104 14.78 7.00 -11.36
N SER B 105 13.96 6.67 -10.36
CA SER B 105 12.60 6.24 -10.65
C SER B 105 11.80 7.41 -11.24
N LEU B 106 10.74 7.06 -11.98
CA LEU B 106 9.92 8.10 -12.57
C LEU B 106 9.22 8.92 -11.50
N ALA B 107 8.88 8.29 -10.38
CA ALA B 107 8.33 9.05 -9.25
C ALA B 107 9.31 10.11 -8.77
N GLU B 108 10.60 9.76 -8.69
CA GLU B 108 11.57 10.73 -8.23
C GLU B 108 11.68 11.87 -9.23
N THR B 109 11.50 11.54 -10.51
CA THR B 109 11.60 12.51 -11.60
C THR B 109 10.49 13.56 -11.53
N VAL B 110 9.31 13.18 -11.07
CA VAL B 110 8.16 14.09 -11.07
C VAL B 110 7.82 14.58 -9.67
N HIS B 111 8.57 14.15 -8.65
CA HIS B 111 8.40 14.68 -7.30
C HIS B 111 8.33 16.20 -7.22
N PRO B 112 9.15 17.00 -7.93
CA PRO B 112 8.98 18.47 -7.86
C PRO B 112 7.60 18.92 -8.31
N ILE B 113 7.03 18.33 -9.36
CA ILE B 113 5.72 18.77 -9.81
C ILE B 113 4.67 18.53 -8.71
N ARG B 114 4.70 17.34 -8.08
CA ARG B 114 3.69 17.03 -7.07
C ARG B 114 3.88 17.89 -5.85
N ALA B 115 5.13 18.17 -5.47
CA ALA B 115 5.37 19.09 -4.36
C ALA B 115 4.82 20.48 -4.69
N LEU B 116 5.11 20.98 -5.91
CA LEU B 116 4.73 22.33 -6.24
C LEU B 116 3.23 22.46 -6.39
N HIS B 117 2.60 21.37 -6.80
CA HIS B 117 1.15 21.35 -6.94
C HIS B 117 0.45 21.64 -5.60
N LEU B 118 1.09 21.34 -4.47
CA LEU B 118 0.42 21.61 -3.18
C LEU B 118 0.36 23.10 -2.82
N LEU B 119 1.00 23.97 -3.61
CA LEU B 119 0.80 25.41 -3.46
C LEU B 119 -0.59 25.81 -3.92
N GLY B 120 -1.22 24.97 -4.74
CA GLY B 120 -2.60 25.25 -5.12
C GLY B 120 -2.77 26.37 -6.11
N SER B 121 -1.69 26.92 -6.68
CA SER B 121 -1.84 28.06 -7.58
C SER B 121 -1.36 27.80 -9.01
N ILE B 122 -0.43 26.89 -9.23
CA ILE B 122 0.06 26.66 -10.59
C ILE B 122 -1.06 26.01 -11.39
N ASN B 123 -1.36 26.53 -12.57
CA ASN B 123 -2.22 25.76 -13.46
C ASN B 123 -1.65 25.52 -14.87
N VAL B 124 -0.39 25.85 -15.12
CA VAL B 124 0.21 25.61 -16.44
C VAL B 124 1.61 25.03 -16.25
N LEU B 125 1.94 23.97 -16.99
CA LEU B 125 3.30 23.49 -17.13
C LEU B 125 3.80 23.93 -18.52
N ILE B 126 4.90 24.67 -18.55
CA ILE B 126 5.58 24.98 -19.81
C ILE B 126 6.89 24.21 -19.76
N VAL B 127 7.02 23.21 -20.61
CA VAL B 127 8.21 22.36 -20.60
C VAL B 127 8.89 22.43 -21.96
N THR B 128 10.20 22.61 -21.94
CA THR B 128 11.03 22.58 -23.14
C THR B 128 12.01 21.40 -23.05
N ASN B 129 12.42 20.89 -24.22
CA ASN B 129 13.48 19.89 -24.26
C ASN B 129 14.23 20.05 -25.57
N ALA B 130 15.32 19.30 -25.69
CA ALA B 130 15.97 19.06 -26.96
C ALA B 130 15.47 17.74 -27.53
N ALA B 131 15.53 17.59 -28.84
CA ALA B 131 15.02 16.35 -29.41
C ALA B 131 15.68 16.12 -30.75
N GLY B 132 15.77 14.84 -31.13
CA GLY B 132 16.24 14.52 -32.46
C GLY B 132 15.11 14.59 -33.48
N GLY B 133 15.44 15.08 -34.66
CA GLY B 133 14.39 15.15 -35.67
C GLY B 133 14.25 13.82 -36.41
N ILE B 134 13.04 13.28 -36.34
CA ILE B 134 12.69 12.02 -36.98
C ILE B 134 11.92 12.25 -38.27
N ASN B 135 10.95 13.16 -38.22
CA ASN B 135 10.28 13.64 -39.43
C ASN B 135 11.33 14.10 -40.44
N ALA B 136 11.26 13.59 -41.70
CA ALA B 136 12.34 13.91 -42.66
C ALA B 136 12.40 15.39 -43.04
N SER B 137 11.32 16.15 -42.86
CA SER B 137 11.39 17.55 -43.24
C SER B 137 11.96 18.44 -42.14
N PHE B 138 12.18 17.94 -40.91
CA PHE B 138 12.67 18.79 -39.84
C PHE B 138 14.15 19.02 -40.01
N LYS B 139 14.62 20.18 -39.55
CA LYS B 139 16.03 20.53 -39.62
C LYS B 139 16.50 20.93 -38.23
N ALA B 140 17.77 20.66 -37.94
CA ALA B 140 18.40 21.22 -36.74
C ALA B 140 18.14 22.72 -36.68
N GLY B 141 17.65 23.20 -35.52
CA GLY B 141 17.30 24.59 -35.36
C GLY B 141 15.83 24.87 -35.48
N ASP B 142 15.07 23.96 -36.10
CA ASP B 142 13.62 24.12 -35.98
C ASP B 142 13.19 23.83 -34.54
N LEU B 143 11.98 24.27 -34.24
CA LEU B 143 11.28 23.96 -33.01
C LEU B 143 10.10 23.08 -33.41
N MET B 144 9.55 22.36 -32.42
CA MET B 144 8.31 21.63 -32.63
C MET B 144 7.45 21.83 -31.39
N CYS B 145 6.27 22.38 -31.62
CA CYS B 145 5.26 22.44 -30.59
C CYS B 145 4.65 21.05 -30.48
N VAL B 146 4.71 20.44 -29.32
CA VAL B 146 4.23 19.06 -29.14
C VAL B 146 2.72 19.06 -29.01
N TYR B 147 2.06 18.20 -29.77
CA TYR B 147 0.62 18.14 -29.67
C TYR B 147 0.16 16.71 -29.34
N ASP B 148 1.11 15.77 -29.29
CA ASP B 148 0.83 14.40 -28.86
C ASP B 148 2.16 13.72 -28.53
N HIS B 149 2.07 12.51 -27.96
CA HIS B 149 3.31 11.80 -27.62
C HIS B 149 3.11 10.30 -27.68
N ILE B 150 4.22 9.57 -27.75
CA ILE B 150 4.26 8.12 -27.57
C ILE B 150 5.17 7.84 -26.38
N ASN B 151 4.65 7.14 -25.38
CA ASN B 151 5.41 6.84 -24.15
C ASN B 151 5.93 5.40 -24.24
N PHE B 152 7.13 5.20 -24.84
CA PHE B 152 7.58 3.82 -25.04
C PHE B 152 7.87 3.10 -23.72
N PRO B 153 8.61 3.67 -22.76
CA PRO B 153 8.74 2.97 -21.47
C PRO B 153 7.39 2.70 -20.81
N GLY B 154 6.41 3.59 -21.01
CA GLY B 154 5.10 3.40 -20.41
C GLY B 154 4.38 2.19 -20.96
N LEU B 155 4.57 1.90 -22.25
CA LEU B 155 4.26 0.60 -22.86
C LEU B 155 4.52 -0.58 -21.92
N CYS B 156 5.63 -0.53 -21.16
CA CYS B 156 6.05 -1.62 -20.27
C CYS B 156 5.67 -1.44 -18.81
N GLY B 157 5.09 -0.31 -18.42
CA GLY B 157 4.66 -0.11 -17.05
C GLY B 157 5.52 0.84 -16.24
N PHE B 158 6.57 1.41 -16.82
CA PHE B 158 7.30 2.46 -16.12
C PHE B 158 6.45 3.73 -16.20
N HIS B 159 5.81 4.09 -15.08
CA HIS B 159 4.90 5.22 -15.03
C HIS B 159 5.21 6.09 -13.81
N PRO B 160 5.05 7.42 -13.93
CA PRO B 160 5.39 8.29 -12.80
C PRO B 160 4.40 8.21 -11.63
N LEU B 161 3.20 7.69 -11.85
CA LEU B 161 2.08 7.77 -10.90
C LEU B 161 1.68 6.39 -10.40
N SER B 177 -8.03 13.67 -21.96
CA SER B 177 -7.10 12.71 -22.56
C SER B 177 -6.11 13.34 -23.55
N ASP B 178 -6.48 14.49 -24.12
CA ASP B 178 -5.56 15.27 -24.94
C ASP B 178 -4.70 16.13 -24.02
N ALA B 179 -3.42 15.81 -23.96
CA ALA B 179 -2.57 16.39 -22.94
C ALA B 179 -2.05 17.78 -23.29
N TYR B 180 -2.06 18.17 -24.56
CA TYR B 180 -1.36 19.36 -25.06
C TYR B 180 -2.38 20.45 -25.45
N ASP B 181 -2.75 21.26 -24.46
CA ASP B 181 -3.82 22.26 -24.55
C ASP B 181 -3.79 23.03 -25.87
N LEU B 182 -4.93 23.01 -26.60
CA LEU B 182 -4.98 23.64 -27.93
C LEU B 182 -4.80 25.16 -27.85
N GLU B 183 -5.44 25.81 -26.87
CA GLU B 183 -5.38 27.27 -26.76
C GLU B 183 -3.95 27.73 -26.50
N LEU B 184 -3.22 27.01 -25.65
CA LEU B 184 -1.82 27.35 -25.42
C LEU B 184 -0.98 27.17 -26.67
N ARG B 185 -1.29 26.17 -27.49
CA ARG B 185 -0.54 26.03 -28.73
C ARG B 185 -0.85 27.17 -29.69
N LYS B 186 -2.12 27.56 -29.77
CA LYS B 186 -2.49 28.71 -30.59
C LYS B 186 -1.80 29.98 -30.08
N LEU B 187 -1.81 30.17 -28.75
CA LEU B 187 -1.10 31.28 -28.13
C LEU B 187 0.39 31.28 -28.51
N LEU B 188 1.02 30.11 -28.52
CA LEU B 188 2.42 30.04 -28.91
C LEU B 188 2.62 30.54 -30.35
N PHE B 189 1.79 30.08 -31.28
CA PHE B 189 1.94 30.50 -32.67
C PHE B 189 1.60 31.98 -32.86
N SER B 190 0.62 32.49 -32.10
CA SER B 190 0.32 33.92 -32.19
C SER B 190 1.49 34.77 -31.69
N LYS B 191 2.24 34.30 -30.69
CA LYS B 191 3.41 35.05 -30.25
C LYS B 191 4.59 34.94 -31.23
N LYS B 192 4.79 33.79 -31.86
CA LYS B 192 5.80 33.72 -32.93
C LYS B 192 5.55 34.82 -33.96
N LYS B 193 4.27 35.00 -34.31
CA LYS B 193 3.87 36.01 -35.27
C LYS B 193 4.09 37.41 -34.72
N GLU B 194 3.65 37.64 -33.48
CA GLU B 194 3.74 38.97 -32.90
C GLU B 194 5.18 39.41 -32.75
N LEU B 195 6.04 38.47 -32.41
CA LEU B 195 7.45 38.73 -32.15
C LEU B 195 8.28 38.68 -33.42
N ASN B 196 7.66 38.33 -34.56
CA ASN B 196 8.38 38.27 -35.84
C ASN B 196 9.56 37.30 -35.75
N ILE B 197 9.36 36.17 -35.06
CA ILE B 197 10.38 35.14 -35.02
C ILE B 197 10.25 34.28 -36.27
N GLU B 198 11.30 34.25 -37.09
CA GLU B 198 11.31 33.48 -38.33
C GLU B 198 11.58 32.00 -38.12
N ARG B 199 12.18 31.61 -37.00
CA ARG B 199 12.49 30.20 -36.76
C ARG B 199 11.23 29.35 -36.94
N LYS B 200 11.34 28.27 -37.72
CA LYS B 200 10.20 27.37 -37.90
C LYS B 200 9.76 26.73 -36.60
N ILE B 201 8.44 26.65 -36.42
CA ILE B 201 7.85 25.90 -35.33
C ILE B 201 6.91 24.92 -36.00
N HIS B 202 7.30 23.63 -36.00
CA HIS B 202 6.41 22.56 -36.44
C HIS B 202 5.43 22.23 -35.34
N GLU B 203 4.49 21.37 -35.68
CA GLU B 203 3.57 20.80 -34.71
C GLU B 203 3.58 19.29 -34.88
N GLY B 204 3.72 18.52 -33.81
CA GLY B 204 3.77 17.09 -34.03
C GLY B 204 3.98 16.29 -32.78
N THR B 205 4.32 15.01 -33.01
CA THR B 205 4.32 13.99 -31.97
C THR B 205 5.74 13.78 -31.47
N TYR B 206 5.91 13.86 -30.17
CA TYR B 206 7.16 13.61 -29.47
C TYR B 206 7.18 12.18 -28.95
N SER B 207 8.21 11.41 -29.27
CA SER B 207 8.33 10.07 -28.71
C SER B 207 9.33 10.08 -27.57
N TYR B 208 8.92 9.59 -26.41
CA TYR B 208 9.79 9.47 -25.25
C TYR B 208 10.39 8.07 -25.28
N VAL B 209 11.71 7.98 -25.37
CA VAL B 209 12.43 6.72 -25.27
C VAL B 209 13.44 6.90 -24.13
N HIS B 210 13.87 5.76 -23.58
CA HIS B 210 14.62 5.78 -22.32
C HIS B 210 16.02 6.38 -22.45
N GLY B 211 16.76 6.05 -23.51
CA GLY B 211 18.15 6.48 -23.58
C GLY B 211 19.05 5.60 -22.73
N PRO B 212 20.31 6.01 -22.49
CA PRO B 212 20.98 7.24 -22.88
C PRO B 212 21.66 7.12 -24.27
N THR B 213 21.47 6.02 -25.05
CA THR B 213 22.05 5.98 -26.40
C THR B 213 21.25 6.85 -27.36
N PHE B 214 21.95 7.42 -28.34
CA PHE B 214 21.23 7.93 -29.49
C PHE B 214 20.80 6.75 -30.39
N GLU B 215 19.84 7.00 -31.26
CA GLU B 215 19.16 5.91 -31.95
C GLU B 215 20.08 5.33 -33.03
N SER B 216 19.99 4.01 -33.21
CA SER B 216 20.55 3.39 -34.39
C SER B 216 19.75 3.81 -35.63
N ARG B 217 20.27 3.46 -36.80
CA ARG B 217 19.58 3.83 -38.03
C ARG B 217 18.23 3.15 -38.07
N ALA B 218 18.21 1.84 -37.79
CA ALA B 218 16.96 1.10 -37.85
C ALA B 218 15.99 1.58 -36.79
N GLU B 219 16.50 1.91 -35.60
CA GLU B 219 15.66 2.48 -34.54
C GLU B 219 14.98 3.76 -35.01
N SER B 220 15.72 4.67 -35.66
CA SER B 220 15.10 5.91 -36.11
C SER B 220 14.09 5.66 -37.23
N ARG B 221 14.38 4.74 -38.14
CA ARG B 221 13.39 4.42 -39.16
C ARG B 221 12.15 3.80 -38.52
N PHE B 222 12.34 2.92 -37.55
CA PHE B 222 11.20 2.40 -36.78
C PHE B 222 10.39 3.54 -36.17
N LEU B 223 11.05 4.44 -35.41
CA LEU B 223 10.32 5.55 -34.83
C LEU B 223 9.56 6.35 -35.88
N ARG B 224 10.18 6.57 -37.05
CA ARG B 224 9.49 7.34 -38.07
C ARG B 224 8.19 6.66 -38.48
N LEU B 225 8.28 5.38 -38.81
CA LEU B 225 7.10 4.63 -39.19
C LEU B 225 6.11 4.49 -38.05
N ALA B 226 6.55 4.56 -36.81
CA ALA B 226 5.61 4.57 -35.68
C ALA B 226 4.80 5.87 -35.58
N GLY B 227 5.13 6.91 -36.34
CA GLY B 227 4.42 8.17 -36.21
C GLY B 227 5.16 9.24 -35.43
N THR B 228 6.45 9.03 -35.13
CA THR B 228 7.26 9.97 -34.38
C THR B 228 7.68 11.14 -35.25
N ASP B 229 7.56 12.38 -34.73
CA ASP B 229 8.16 13.54 -35.40
C ASP B 229 9.49 13.96 -34.77
N ALA B 230 9.59 13.87 -33.44
CA ALA B 230 10.83 14.20 -32.74
C ALA B 230 10.94 13.23 -31.58
N VAL B 231 12.20 12.92 -31.19
CA VAL B 231 12.43 11.91 -30.16
C VAL B 231 13.34 12.50 -29.09
N GLY B 232 13.04 12.21 -27.80
CA GLY B 232 13.95 12.62 -26.76
C GLY B 232 13.82 11.69 -25.57
N MET B 233 14.54 12.00 -24.49
CA MET B 233 14.60 11.10 -23.36
C MET B 233 14.00 11.68 -22.09
N SER B 234 13.01 12.57 -22.19
CA SER B 234 12.46 13.18 -20.96
C SER B 234 11.03 13.60 -21.23
N THR B 235 10.52 14.51 -20.36
CA THR B 235 9.35 15.32 -20.63
C THR B 235 8.03 14.58 -20.45
N VAL B 236 7.84 13.43 -21.13
CA VAL B 236 6.53 12.77 -21.09
C VAL B 236 6.09 12.46 -19.66
N PRO B 237 6.93 11.93 -18.76
CA PRO B 237 6.44 11.70 -17.38
C PRO B 237 6.01 12.99 -16.69
N GLU B 238 6.76 14.08 -16.89
CA GLU B 238 6.37 15.40 -16.39
C GLU B 238 4.98 15.79 -16.92
N VAL B 239 4.76 15.66 -18.23
CA VAL B 239 3.48 16.01 -18.84
C VAL B 239 2.34 15.24 -18.18
N VAL B 240 2.48 13.91 -18.10
CA VAL B 240 1.47 13.02 -17.54
C VAL B 240 1.15 13.40 -16.10
N THR B 241 2.20 13.71 -15.32
CA THR B 241 1.99 14.11 -13.93
C THR B 241 1.30 15.46 -13.84
N ALA B 242 1.74 16.43 -14.67
CA ALA B 242 1.07 17.73 -14.69
C ALA B 242 -0.41 17.57 -15.02
N ARG B 243 -0.72 16.74 -16.03
CA ARG B 243 -2.14 16.51 -16.37
C ARG B 243 -2.89 15.89 -15.19
N HIS B 244 -2.25 14.99 -14.44
CA HIS B 244 -2.92 14.33 -13.31
C HIS B 244 -3.15 15.29 -12.14
N CYS B 245 -2.37 16.36 -12.04
CA CYS B 245 -2.58 17.41 -11.06
C CYS B 245 -3.57 18.45 -11.53
N GLY B 246 -4.14 18.30 -12.72
CA GLY B 246 -5.08 19.28 -13.26
C GLY B 246 -4.47 20.47 -14.01
N TRP B 247 -3.19 20.45 -14.30
CA TRP B 247 -2.60 21.56 -15.05
C TRP B 247 -2.81 21.42 -16.56
N ARG B 248 -2.75 22.57 -17.24
CA ARG B 248 -2.61 22.58 -18.68
C ARG B 248 -1.13 22.46 -19.03
N VAL B 249 -0.84 21.99 -20.23
CA VAL B 249 0.55 21.71 -20.62
C VAL B 249 0.80 22.34 -21.98
N LEU B 250 1.88 23.12 -22.05
CA LEU B 250 2.51 23.53 -23.31
C LEU B 250 3.93 22.97 -23.32
N ALA B 251 4.28 22.26 -24.41
CA ALA B 251 5.57 21.61 -24.49
C ALA B 251 6.24 21.99 -25.83
N LEU B 252 7.51 22.34 -25.77
CA LEU B 252 8.22 22.83 -26.94
C LEU B 252 9.55 22.12 -27.06
N SER B 253 9.75 21.40 -28.18
CA SER B 253 11.04 20.75 -28.46
C SER B 253 11.90 21.63 -29.37
N LEU B 254 13.17 21.68 -29.04
CA LEU B 254 14.20 22.29 -29.89
C LEU B 254 14.81 21.13 -30.70
N ILE B 255 14.64 21.16 -32.03
CA ILE B 255 15.25 20.11 -32.85
C ILE B 255 16.74 20.40 -32.93
N THR B 256 17.54 19.61 -32.23
CA THR B 256 18.97 19.89 -32.17
C THR B 256 19.79 19.11 -33.18
N ASN B 257 19.21 18.10 -33.85
CA ASN B 257 19.94 17.20 -34.72
C ASN B 257 18.95 16.40 -35.56
N GLU B 258 19.39 15.98 -36.74
CA GLU B 258 18.60 15.18 -37.66
C GLU B 258 19.01 13.71 -37.49
N CYS B 259 18.08 12.88 -37.01
CA CYS B 259 18.40 11.49 -36.72
C CYS B 259 18.84 10.76 -37.97
N VAL B 260 19.93 10.00 -37.84
CA VAL B 260 20.46 9.20 -38.95
C VAL B 260 19.53 8.03 -39.20
N VAL B 261 18.95 7.97 -40.41
CA VAL B 261 18.05 6.89 -40.82
C VAL B 261 18.60 6.01 -41.93
N ASP B 262 19.57 6.49 -42.73
CA ASP B 262 20.03 5.72 -43.87
C ASP B 262 20.65 4.40 -43.41
N PRO B 263 20.44 3.31 -44.14
CA PRO B 263 21.19 2.07 -43.85
C PRO B 263 22.69 2.35 -43.83
N PRO B 264 23.44 1.66 -42.98
CA PRO B 264 24.90 1.86 -42.93
C PRO B 264 25.56 1.32 -44.19
N ALA B 265 26.79 1.77 -44.42
CA ALA B 265 27.57 1.27 -45.53
C ALA B 265 27.64 -0.25 -45.52
N SER B 266 27.42 -0.84 -46.69
CA SER B 266 27.60 -2.26 -46.90
C SER B 266 29.07 -2.63 -47.06
N ALA B 267 29.40 -3.85 -46.64
CA ALA B 267 30.75 -4.35 -46.83
C ALA B 267 31.08 -4.53 -48.31
N HIS B 268 30.05 -4.63 -49.15
CA HIS B 268 30.23 -4.76 -50.60
C HIS B 268 30.30 -3.42 -51.31
N ASP B 269 30.20 -2.29 -50.61
CA ASP B 269 30.21 -0.98 -51.27
C ASP B 269 31.65 -0.60 -51.59
N GLU B 270 31.95 -0.33 -52.86
CA GLU B 270 33.32 0.14 -53.06
C GLU B 270 33.47 1.63 -52.79
N ASN B 271 32.38 2.38 -52.64
CA ASN B 271 32.44 3.81 -52.36
C ASN B 271 31.54 4.14 -51.19
N PRO B 272 31.83 3.61 -50.00
CA PRO B 272 30.89 3.70 -48.89
C PRO B 272 30.89 5.07 -48.23
N VAL B 273 29.71 5.45 -47.75
CA VAL B 273 29.56 6.56 -46.82
C VAL B 273 30.08 6.07 -45.47
N PRO B 274 31.04 6.74 -44.83
CA PRO B 274 31.52 6.27 -43.52
C PRO B 274 30.43 6.25 -42.47
N ILE B 275 30.42 5.20 -41.63
CA ILE B 275 29.30 4.98 -40.74
C ILE B 275 29.25 6.04 -39.65
N GLN B 276 30.36 6.73 -39.40
CA GLN B 276 30.42 7.81 -38.42
C GLN B 276 29.83 9.12 -38.94
N GLU B 277 29.71 9.30 -40.25
CA GLU B 277 29.25 10.58 -40.77
C GLU B 277 27.83 10.89 -40.27
N GLY B 278 27.64 12.11 -39.79
CA GLY B 278 26.35 12.56 -39.31
C GLY B 278 25.98 12.12 -37.90
N LYS B 279 26.86 11.43 -37.17
CA LYS B 279 26.41 10.83 -35.91
C LYS B 279 26.08 11.90 -34.88
N ALA B 280 25.14 11.55 -34.01
CA ALA B 280 24.72 12.44 -32.94
C ALA B 280 25.81 12.55 -31.89
N THR B 281 25.99 13.75 -31.36
CA THR B 281 26.85 13.95 -30.20
C THR B 281 26.13 14.87 -29.22
N HIS B 282 26.52 14.77 -27.96
CA HIS B 282 26.00 15.70 -26.96
C HIS B 282 26.50 17.12 -27.26
N GLU B 283 27.70 17.26 -27.84
CA GLU B 283 28.26 18.57 -28.18
C GLU B 283 27.35 19.31 -29.15
N GLU B 284 26.86 18.61 -30.17
CA GLU B 284 25.93 19.21 -31.11
C GLU B 284 24.63 19.60 -30.44
N VAL B 285 24.11 18.73 -29.56
CA VAL B 285 22.90 19.06 -28.81
C VAL B 285 23.09 20.35 -28.02
N LEU B 286 24.20 20.48 -27.30
CA LEU B 286 24.39 21.68 -26.47
C LEU B 286 24.50 22.93 -27.35
N GLU B 287 25.30 22.85 -28.42
CA GLU B 287 25.51 23.99 -29.29
C GLU B 287 24.21 24.46 -29.93
N ASN B 288 23.44 23.54 -30.51
CA ASN B 288 22.22 23.96 -31.21
C ASN B 288 21.11 24.33 -30.24
N SER B 289 21.06 23.75 -29.06
CA SER B 289 20.05 24.23 -28.11
C SER B 289 20.37 25.65 -27.66
N ALA B 290 21.65 25.96 -27.46
CA ALA B 290 22.03 27.31 -27.10
C ALA B 290 21.72 28.31 -28.21
N LYS B 291 21.90 27.93 -29.48
CA LYS B 291 21.60 28.86 -30.59
C LYS B 291 20.11 29.19 -30.67
N ALA B 292 19.23 28.23 -30.34
CA ALA B 292 17.79 28.44 -30.40
C ALA B 292 17.26 29.07 -29.11
N SER B 293 18.09 29.18 -28.07
CA SER B 293 17.63 29.57 -26.75
C SER B 293 16.96 30.95 -26.75
N LYS B 294 17.54 31.93 -27.47
CA LYS B 294 16.99 33.28 -27.34
C LYS B 294 15.55 33.35 -27.87
N ASP B 295 15.26 32.73 -29.02
CA ASP B 295 13.90 32.72 -29.53
C ASP B 295 12.94 32.01 -28.57
N VAL B 296 13.36 30.88 -28.02
CA VAL B 296 12.53 30.16 -27.06
C VAL B 296 12.30 31.00 -25.81
N GLN B 297 13.34 31.67 -25.30
CA GLN B 297 13.14 32.50 -24.12
C GLN B 297 12.12 33.61 -24.40
N GLU B 298 12.21 34.26 -25.58
CA GLU B 298 11.26 35.32 -25.92
C GLU B 298 9.85 34.80 -26.06
N LEU B 299 9.67 33.62 -26.67
CA LEU B 299 8.33 33.05 -26.78
C LEU B 299 7.73 32.78 -25.40
N ILE B 300 8.49 32.14 -24.51
CA ILE B 300 7.95 31.81 -23.19
C ILE B 300 7.63 33.09 -22.41
N PHE B 301 8.50 34.10 -22.49
CA PHE B 301 8.29 35.40 -21.85
C PHE B 301 6.96 36.04 -22.27
N SER B 302 6.70 36.07 -23.57
CA SER B 302 5.42 36.58 -24.08
C SER B 302 4.25 35.72 -23.58
N VAL B 303 4.42 34.40 -23.64
CA VAL B 303 3.32 33.48 -23.33
C VAL B 303 2.88 33.60 -21.87
N VAL B 304 3.83 33.68 -20.94
CA VAL B 304 3.45 33.59 -19.53
C VAL B 304 2.56 34.75 -19.11
N ALA B 305 2.69 35.91 -19.78
CA ALA B 305 1.86 37.06 -19.44
C ALA B 305 0.40 36.83 -19.77
N GLU B 306 0.10 35.82 -20.58
CA GLU B 306 -1.25 35.57 -21.06
C GLU B 306 -1.77 34.19 -20.70
N ILE B 307 -1.17 33.53 -19.72
CA ILE B 307 -1.83 32.35 -19.17
C ILE B 307 -2.80 32.85 -18.12
N ASP C 6 14.32 -18.47 -4.30
CA ASP C 6 13.30 -17.79 -5.08
C ASP C 6 12.44 -18.79 -5.86
N ILE C 7 13.05 -19.45 -6.86
CA ILE C 7 12.37 -20.59 -7.49
C ILE C 7 11.97 -21.64 -6.46
N ASN C 8 12.85 -21.94 -5.52
CA ASN C 8 12.52 -23.00 -4.57
C ASN C 8 11.43 -22.55 -3.62
N GLU C 9 11.38 -21.26 -3.27
CA GLU C 9 10.28 -20.78 -2.45
C GLU C 9 9.01 -20.63 -3.27
N GLN C 10 9.13 -20.34 -4.56
CA GLN C 10 7.94 -20.27 -5.39
C GLN C 10 7.35 -21.66 -5.64
N ARG C 11 8.21 -22.66 -5.89
CA ARG C 11 7.77 -24.06 -5.91
C ARG C 11 7.01 -24.43 -4.66
N ALA C 12 7.58 -24.13 -3.50
CA ALA C 12 6.95 -24.50 -2.22
C ALA C 12 5.58 -23.83 -2.05
N LEU C 13 5.45 -22.58 -2.48
CA LEU C 13 4.16 -21.89 -2.36
C LEU C 13 3.14 -22.46 -3.35
N ILE C 14 3.57 -22.81 -4.57
CA ILE C 14 2.67 -23.48 -5.50
C ILE C 14 2.18 -24.80 -4.90
N LYS C 15 3.09 -25.58 -4.32
CA LYS C 15 2.72 -26.86 -3.70
C LYS C 15 1.76 -26.64 -2.53
N SER C 16 2.04 -25.67 -1.67
CA SER C 16 1.13 -25.39 -0.56
C SER C 16 -0.24 -24.98 -1.06
N ALA C 17 -0.30 -24.15 -2.11
CA ALA C 17 -1.61 -23.73 -2.62
C ALA C 17 -2.38 -24.92 -3.16
N HIS C 18 -1.68 -25.83 -3.84
CA HIS C 18 -2.33 -27.03 -4.36
C HIS C 18 -2.78 -27.94 -3.23
N ARG C 19 -1.89 -28.18 -2.27
CA ARG C 19 -2.20 -28.99 -1.11
C ARG C 19 -3.46 -28.49 -0.41
N TYR C 20 -3.53 -27.19 -0.14
CA TYR C 20 -4.71 -26.59 0.47
C TYR C 20 -5.95 -26.84 -0.38
N ILE C 21 -5.89 -26.47 -1.67
CA ILE C 21 -7.04 -26.59 -2.57
C ILE C 21 -7.49 -28.03 -2.68
N SER C 22 -6.55 -28.95 -2.86
CA SER C 22 -6.92 -30.34 -3.09
C SER C 22 -7.60 -30.92 -1.84
N GLU C 23 -7.16 -30.51 -0.67
CA GLU C 23 -7.81 -30.96 0.55
C GLU C 23 -9.22 -30.40 0.65
N LYS C 24 -9.37 -29.07 0.51
CA LYS C 24 -10.69 -28.46 0.65
C LYS C 24 -11.68 -29.03 -0.35
N LEU C 25 -11.19 -29.44 -1.53
CA LEU C 25 -12.06 -30.06 -2.53
C LEU C 25 -12.53 -31.44 -2.07
N GLU C 26 -11.59 -32.26 -1.58
CA GLU C 26 -11.91 -33.62 -1.17
C GLU C 26 -12.86 -33.64 0.03
N ASP C 27 -12.77 -32.65 0.91
CA ASP C 27 -13.71 -32.51 2.01
C ASP C 27 -15.06 -31.98 1.55
N HIS C 28 -15.11 -31.20 0.49
CA HIS C 28 -16.39 -30.58 0.20
C HIS C 28 -17.21 -31.43 -0.76
N PHE C 29 -16.60 -31.98 -1.80
CA PHE C 29 -17.35 -32.74 -2.78
C PHE C 29 -17.39 -34.22 -2.39
N SER C 30 -18.57 -34.82 -2.48
CA SER C 30 -18.68 -36.23 -2.13
C SER C 30 -17.82 -37.08 -3.06
N SER C 31 -17.84 -36.76 -4.35
CA SER C 31 -17.01 -37.40 -5.35
C SER C 31 -15.82 -36.51 -5.69
N GLU C 32 -14.86 -37.08 -6.42
CA GLU C 32 -13.71 -36.30 -6.81
C GLU C 32 -14.12 -35.18 -7.74
N PHE C 33 -13.58 -34.00 -7.50
CA PHE C 33 -13.79 -32.86 -8.38
C PHE C 33 -12.47 -32.70 -9.13
N LEU C 34 -12.51 -32.91 -10.44
CA LEU C 34 -11.34 -32.81 -11.31
C LEU C 34 -11.69 -31.89 -12.47
N PRO C 35 -11.55 -30.57 -12.30
CA PRO C 35 -12.05 -29.63 -13.31
C PRO C 35 -11.28 -29.77 -14.61
N LYS C 36 -12.00 -29.70 -15.74
CA LYS C 36 -11.36 -29.65 -17.04
C LYS C 36 -10.93 -28.26 -17.46
N ALA C 37 -11.48 -27.20 -16.86
CA ALA C 37 -11.22 -25.86 -17.35
C ALA C 37 -11.03 -24.89 -16.20
N LEU C 38 -10.21 -23.87 -16.45
CA LEU C 38 -10.16 -22.67 -15.64
C LEU C 38 -10.75 -21.53 -16.46
N VAL C 39 -11.74 -20.85 -15.91
CA VAL C 39 -12.39 -19.74 -16.59
C VAL C 39 -12.01 -18.48 -15.83
N ILE C 40 -11.22 -17.60 -16.47
CA ILE C 40 -10.87 -16.31 -15.90
C ILE C 40 -11.82 -15.27 -16.48
N CYS C 41 -12.63 -14.68 -15.60
CA CYS C 41 -13.68 -13.73 -15.96
C CYS C 41 -13.13 -12.32 -15.83
N GLY C 42 -13.02 -11.63 -16.95
CA GLY C 42 -12.40 -10.33 -16.99
C GLY C 42 -13.29 -9.23 -16.44
N GLU C 43 -12.85 -8.01 -16.74
CA GLU C 43 -13.47 -6.78 -16.25
C GLU C 43 -14.90 -6.62 -16.76
N GLY C 44 -15.88 -6.90 -15.90
CA GLY C 44 -17.27 -6.74 -16.25
C GLY C 44 -18.02 -8.03 -16.53
N LEU C 45 -17.41 -9.18 -16.28
CA LEU C 45 -17.93 -10.46 -16.73
C LEU C 45 -17.88 -11.50 -15.61
N SER C 46 -18.21 -11.10 -14.38
CA SER C 46 -18.26 -12.02 -13.26
C SER C 46 -19.64 -12.67 -13.09
N GLY C 47 -20.49 -12.57 -14.11
CA GLY C 47 -21.80 -13.19 -14.05
C GLY C 47 -21.82 -14.66 -14.40
N ILE C 48 -20.69 -15.21 -14.84
CA ILE C 48 -20.61 -16.64 -15.06
C ILE C 48 -20.70 -17.36 -13.72
N SER C 49 -20.33 -16.67 -12.64
CA SER C 49 -20.47 -17.21 -11.29
C SER C 49 -21.89 -17.70 -11.03
N THR C 50 -22.88 -17.06 -11.65
CA THR C 50 -24.26 -17.49 -11.47
C THR C 50 -24.63 -18.68 -12.33
N LYS C 51 -23.93 -18.90 -13.45
CA LYS C 51 -24.29 -20.03 -14.30
C LYS C 51 -23.80 -21.37 -13.74
N ILE C 52 -22.99 -21.39 -12.68
CA ILE C 52 -22.49 -22.67 -12.18
C ILE C 52 -23.63 -23.48 -11.59
N ALA C 53 -23.51 -24.79 -11.74
CA ALA C 53 -24.53 -25.69 -11.25
C ALA C 53 -24.60 -25.68 -9.74
N ASP C 54 -25.57 -26.42 -9.27
CA ASP C 54 -26.60 -25.87 -8.41
C ASP C 54 -26.48 -26.79 -7.22
N GLU C 55 -26.60 -28.10 -7.59
CA GLU C 55 -26.05 -29.43 -7.28
C GLU C 55 -24.83 -29.74 -8.15
N PRO C 56 -23.76 -30.31 -7.58
CA PRO C 56 -23.51 -30.29 -6.15
C PRO C 56 -23.13 -28.87 -5.83
N LYS C 57 -23.53 -28.49 -4.67
CA LYS C 57 -23.52 -27.09 -4.30
C LYS C 57 -22.08 -26.63 -4.07
N PRO C 58 -21.67 -25.52 -4.68
CA PRO C 58 -20.28 -25.36 -5.11
C PRO C 58 -19.33 -24.94 -3.99
N LEU C 59 -18.03 -25.05 -4.26
CA LEU C 59 -17.01 -24.68 -3.28
C LEU C 59 -16.39 -23.33 -3.63
N ILE C 60 -16.41 -22.41 -2.66
CA ILE C 60 -15.87 -21.07 -2.86
C ILE C 60 -14.70 -20.88 -1.90
N LEU C 61 -13.54 -20.50 -2.44
CA LEU C 61 -12.37 -20.21 -1.63
C LEU C 61 -11.94 -18.78 -1.87
N SER C 62 -11.88 -17.99 -0.79
CA SER C 62 -11.33 -16.65 -0.89
C SER C 62 -9.82 -16.73 -1.10
N TYR C 63 -9.28 -15.83 -1.94
CA TYR C 63 -7.84 -15.80 -2.15
C TYR C 63 -7.09 -15.65 -0.84
N SER C 64 -7.72 -14.98 0.14
CA SER C 64 -7.07 -14.74 1.43
C SER C 64 -6.71 -16.04 2.12
N THR C 65 -7.45 -17.09 1.81
CA THR C 65 -7.36 -18.35 2.50
C THR C 65 -6.39 -19.32 1.83
N ILE C 66 -6.00 -19.06 0.59
CA ILE C 66 -5.16 -19.97 -0.19
C ILE C 66 -3.70 -19.54 -0.01
N PRO C 67 -2.82 -20.42 0.52
CA PRO C 67 -1.38 -20.11 0.61
C PRO C 67 -0.79 -19.42 -0.61
N GLY C 68 -0.12 -18.29 -0.41
CA GLY C 68 0.61 -17.65 -1.49
C GLY C 68 -0.22 -16.80 -2.45
N PHE C 69 -1.54 -16.88 -2.43
CA PHE C 69 -2.34 -16.03 -3.31
C PHE C 69 -2.39 -14.61 -2.76
N LYS C 70 -2.25 -13.63 -3.65
CA LYS C 70 -2.36 -12.18 -3.30
C LYS C 70 -1.50 -11.78 -2.10
N GLY C 79 -11.21 -11.25 -4.39
CA GLY C 79 -11.28 -12.30 -5.38
C GLY C 79 -11.45 -13.69 -4.80
N GLU C 80 -12.00 -14.61 -5.60
CA GLU C 80 -12.27 -15.94 -5.09
C GLU C 80 -12.13 -16.96 -6.21
N LEU C 81 -11.87 -18.20 -5.81
CA LEU C 81 -11.92 -19.35 -6.69
C LEU C 81 -13.25 -20.05 -6.47
N ILE C 82 -13.97 -20.32 -7.54
CA ILE C 82 -15.25 -21.00 -7.45
C ILE C 82 -15.11 -22.34 -8.16
N PHE C 83 -15.30 -23.42 -7.40
CA PHE C 83 -15.30 -24.79 -7.93
C PHE C 83 -16.72 -25.32 -7.96
N GLY C 84 -17.15 -25.78 -9.13
CA GLY C 84 -18.47 -26.36 -9.29
C GLY C 84 -18.65 -26.80 -10.73
N TYR C 85 -19.85 -27.26 -11.02
CA TYR C 85 -20.18 -27.77 -12.34
C TYR C 85 -20.89 -26.69 -13.13
N MET C 86 -20.57 -26.60 -14.41
CA MET C 86 -21.13 -25.55 -15.25
C MET C 86 -21.61 -26.22 -16.51
N ASN C 87 -22.92 -26.20 -16.73
CA ASN C 87 -23.48 -26.86 -17.91
C ASN C 87 -23.07 -28.32 -17.98
N GLY C 88 -22.83 -28.94 -16.83
CA GLY C 88 -22.48 -30.34 -16.75
C GLY C 88 -21.00 -30.61 -16.61
N ALA C 89 -20.15 -29.62 -16.85
CA ALA C 89 -18.71 -29.82 -16.80
C ALA C 89 -18.15 -29.31 -15.49
N PRO C 90 -17.27 -30.07 -14.82
CA PRO C 90 -16.56 -29.51 -13.66
C PRO C 90 -15.55 -28.48 -14.11
N VAL C 91 -15.63 -27.27 -13.55
CA VAL C 91 -14.74 -26.18 -13.90
C VAL C 91 -14.30 -25.45 -12.63
N VAL C 92 -13.27 -24.63 -12.78
CA VAL C 92 -12.88 -23.68 -11.75
C VAL C 92 -12.92 -22.28 -12.34
N LEU C 93 -13.46 -21.33 -11.57
CA LEU C 93 -13.54 -19.94 -12.00
C LEU C 93 -12.63 -19.10 -11.13
N MET C 94 -11.89 -18.18 -11.76
CA MET C 94 -11.27 -17.06 -11.06
C MET C 94 -12.14 -15.83 -11.29
N ASN C 95 -12.69 -15.30 -10.19
CA ASN C 95 -13.56 -14.12 -10.15
C ASN C 95 -14.95 -14.34 -10.78
N LEU C 106 4.53 -10.55 -11.56
CA LEU C 106 3.94 -11.38 -12.61
C LEU C 106 4.00 -12.86 -12.30
N ALA C 107 5.17 -13.34 -11.88
CA ALA C 107 5.29 -14.75 -11.54
C ALA C 107 4.32 -15.14 -10.43
N GLU C 108 3.90 -14.20 -9.60
CA GLU C 108 2.82 -14.46 -8.66
C GLU C 108 1.46 -14.26 -9.31
N THR C 109 1.33 -13.32 -10.23
CA THR C 109 0.10 -13.24 -11.03
C THR C 109 -0.27 -14.58 -11.67
N VAL C 110 0.70 -15.47 -11.88
CA VAL C 110 0.46 -16.76 -12.53
C VAL C 110 0.62 -17.93 -11.58
N HIS C 111 1.10 -17.72 -10.36
CA HIS C 111 1.05 -18.65 -9.25
C HIS C 111 -0.24 -19.45 -9.24
N PRO C 112 -1.44 -18.83 -9.30
CA PRO C 112 -2.67 -19.64 -9.27
C PRO C 112 -2.77 -20.67 -10.38
N ILE C 113 -2.39 -20.30 -11.63
CA ILE C 113 -2.47 -21.26 -12.74
C ILE C 113 -1.57 -22.46 -12.47
N ARG C 114 -0.35 -22.22 -11.98
CA ARG C 114 0.54 -23.34 -11.66
C ARG C 114 -0.04 -24.20 -10.54
N ALA C 115 -0.62 -23.57 -9.51
CA ALA C 115 -1.17 -24.36 -8.40
C ALA C 115 -2.30 -25.26 -8.88
N LEU C 116 -3.23 -24.68 -9.66
CA LEU C 116 -4.34 -25.44 -10.20
C LEU C 116 -3.88 -26.50 -11.20
N HIS C 117 -2.78 -26.26 -11.91
CA HIS C 117 -2.24 -27.28 -12.82
C HIS C 117 -1.92 -28.59 -12.09
N LEU C 118 -1.48 -28.50 -10.83
CA LEU C 118 -1.06 -29.64 -10.01
C LEU C 118 -2.20 -30.58 -9.66
N LEU C 119 -3.46 -30.17 -9.91
CA LEU C 119 -4.57 -31.10 -9.78
C LEU C 119 -4.56 -32.17 -10.86
N GLY C 120 -3.86 -31.94 -11.97
CA GLY C 120 -3.71 -32.94 -13.01
C GLY C 120 -4.94 -33.14 -13.88
N SER C 121 -5.87 -32.20 -13.86
CA SER C 121 -7.11 -32.37 -14.61
C SER C 121 -7.41 -31.23 -15.59
N ILE C 122 -6.97 -30.00 -15.32
CA ILE C 122 -7.28 -28.91 -16.23
C ILE C 122 -6.45 -29.01 -17.49
N ASN C 123 -7.08 -28.84 -18.65
CA ASN C 123 -6.29 -28.67 -19.87
CA ASN C 123 -6.31 -28.69 -19.88
C ASN C 123 -6.87 -27.57 -20.76
N VAL C 124 -7.65 -26.64 -20.20
CA VAL C 124 -8.14 -25.52 -21.00
C VAL C 124 -8.27 -24.30 -20.09
N LEU C 125 -7.71 -23.19 -20.55
CA LEU C 125 -7.95 -21.86 -20.00
C LEU C 125 -8.96 -21.14 -20.88
N ILE C 126 -10.03 -20.66 -20.28
CA ILE C 126 -10.94 -19.75 -20.97
C ILE C 126 -10.82 -18.40 -20.30
N VAL C 127 -10.15 -17.46 -20.97
CA VAL C 127 -9.90 -16.12 -20.44
C VAL C 127 -10.72 -15.11 -21.23
N THR C 128 -11.45 -14.26 -20.52
CA THR C 128 -12.24 -13.20 -21.11
C THR C 128 -11.75 -11.87 -20.56
N ASN C 129 -11.85 -10.81 -21.36
CA ASN C 129 -11.45 -9.49 -20.92
C ASN C 129 -12.28 -8.43 -21.63
N ALA C 130 -12.17 -7.20 -21.15
CA ALA C 130 -12.66 -6.01 -21.85
C ALA C 130 -11.46 -5.31 -22.45
N ALA C 131 -11.61 -4.79 -23.67
CA ALA C 131 -10.46 -4.30 -24.45
C ALA C 131 -10.89 -3.13 -25.32
N GLY C 132 -9.92 -2.30 -25.68
CA GLY C 132 -10.19 -1.20 -26.58
C GLY C 132 -10.02 -1.65 -28.03
N GLY C 133 -10.87 -1.12 -28.90
CA GLY C 133 -10.81 -1.46 -30.30
C GLY C 133 -9.74 -0.65 -30.99
N ILE C 134 -8.79 -1.32 -31.63
CA ILE C 134 -7.79 -0.68 -32.47
C ILE C 134 -8.06 -0.90 -33.95
N ASN C 135 -8.52 -2.10 -34.32
CA ASN C 135 -8.94 -2.37 -35.69
C ASN C 135 -10.08 -1.42 -36.09
N ALA C 136 -9.87 -0.67 -37.17
CA ALA C 136 -10.86 0.30 -37.65
C ALA C 136 -12.23 -0.31 -37.92
N SER C 137 -12.28 -1.62 -38.14
CA SER C 137 -13.57 -2.24 -38.40
C SER C 137 -14.36 -2.51 -37.13
N PHE C 138 -13.71 -2.50 -35.97
CA PHE C 138 -14.37 -2.89 -34.72
C PHE C 138 -15.21 -1.74 -34.17
N LYS C 139 -16.37 -2.09 -33.63
CA LYS C 139 -17.29 -1.14 -33.01
C LYS C 139 -17.54 -1.58 -31.58
N ALA C 140 -17.83 -0.59 -30.72
CA ALA C 140 -18.11 -0.84 -29.30
C ALA C 140 -19.22 -1.86 -29.14
N GLY C 141 -18.97 -2.88 -28.31
CA GLY C 141 -19.91 -3.96 -28.11
C GLY C 141 -19.64 -5.20 -28.94
N ASP C 142 -18.84 -5.06 -29.99
CA ASP C 142 -18.34 -6.23 -30.72
C ASP C 142 -17.54 -7.14 -29.79
N LEU C 143 -17.47 -8.41 -30.18
CA LEU C 143 -16.53 -9.35 -29.58
C LEU C 143 -15.36 -9.59 -30.54
N MET C 144 -14.20 -9.87 -29.97
CA MET C 144 -13.08 -10.35 -30.75
C MET C 144 -12.54 -11.61 -30.11
N CYS C 145 -12.62 -12.71 -30.84
CA CYS C 145 -11.96 -13.93 -30.43
C CYS C 145 -10.47 -13.80 -30.73
N VAL C 146 -9.64 -14.09 -29.75
CA VAL C 146 -8.20 -13.87 -29.87
C VAL C 146 -7.56 -15.05 -30.57
N TYR C 147 -6.74 -14.80 -31.60
CA TYR C 147 -6.11 -15.91 -32.28
C TYR C 147 -4.61 -15.62 -32.36
N ASP C 148 -4.19 -14.47 -31.84
CA ASP C 148 -2.80 -14.09 -31.74
C ASP C 148 -2.65 -12.96 -30.72
N HIS C 149 -1.43 -12.76 -30.27
CA HIS C 149 -1.20 -11.66 -29.35
C HIS C 149 0.15 -11.01 -29.64
N ILE C 150 0.31 -9.77 -29.16
CA ILE C 150 1.60 -9.13 -29.04
C ILE C 150 1.86 -8.86 -27.57
N ASN C 151 2.95 -9.44 -27.06
CA ASN C 151 3.32 -9.31 -25.64
C ASN C 151 4.42 -8.25 -25.52
N PHE C 152 4.00 -6.98 -25.59
CA PHE C 152 4.99 -5.89 -25.56
C PHE C 152 5.86 -5.90 -24.31
N PRO C 153 5.32 -5.94 -23.08
CA PRO C 153 6.23 -5.99 -21.91
C PRO C 153 7.15 -7.20 -21.92
N GLY C 154 6.66 -8.34 -22.40
CA GLY C 154 7.49 -9.53 -22.46
C GLY C 154 8.64 -9.40 -23.45
N LEU C 155 8.46 -8.62 -24.53
CA LEU C 155 9.62 -8.38 -25.41
C LEU C 155 10.71 -7.58 -24.70
N CYS C 156 10.35 -6.81 -23.68
CA CYS C 156 11.29 -5.87 -23.09
C CYS C 156 11.95 -6.40 -21.83
N GLY C 157 11.23 -7.16 -21.03
CA GLY C 157 11.81 -7.73 -19.83
C GLY C 157 10.85 -7.95 -18.67
N PHE C 158 9.55 -7.71 -18.90
CA PHE C 158 8.52 -8.06 -17.94
CA PHE C 158 8.47 -8.01 -17.98
C PHE C 158 7.75 -9.25 -18.49
N HIS C 159 8.13 -10.44 -18.00
CA HIS C 159 7.67 -11.67 -18.65
C HIS C 159 7.35 -12.69 -17.57
N PRO C 160 6.19 -13.36 -17.62
CA PRO C 160 5.89 -14.36 -16.60
C PRO C 160 6.90 -15.50 -16.53
N LEU C 161 7.63 -15.81 -17.61
CA LEU C 161 8.61 -16.89 -17.55
C LEU C 161 10.03 -16.43 -17.30
N ARG C 162 10.23 -15.15 -17.00
CA ARG C 162 11.56 -14.66 -16.66
C ARG C 162 12.08 -15.33 -15.39
N GLY C 163 13.36 -15.66 -15.34
CA GLY C 163 13.90 -16.35 -14.19
C GLY C 163 14.14 -17.82 -14.51
N ALA C 164 14.52 -18.56 -13.47
CA ALA C 164 14.76 -19.99 -13.60
C ALA C 164 13.49 -20.69 -14.07
N ASN C 165 13.66 -21.61 -15.00
CA ASN C 165 12.49 -22.25 -15.59
C ASN C 165 11.94 -23.29 -14.63
N PHE C 166 10.62 -23.46 -14.65
CA PHE C 166 9.97 -24.52 -13.86
C PHE C 166 10.01 -25.78 -14.72
N ASP C 167 11.09 -26.54 -14.60
CA ASP C 167 11.34 -27.64 -15.55
C ASP C 167 10.28 -28.71 -15.46
N GLU C 168 9.57 -28.78 -14.34
CA GLU C 168 8.55 -29.79 -14.14
C GLU C 168 7.25 -29.42 -14.82
N PHE C 169 7.08 -28.17 -15.23
CA PHE C 169 5.87 -27.67 -15.88
C PHE C 169 6.01 -27.55 -17.39
N GLY C 170 7.17 -27.16 -17.90
CA GLY C 170 7.30 -27.00 -19.33
C GLY C 170 8.67 -26.53 -19.72
N PRO C 171 8.83 -26.17 -21.00
CA PRO C 171 10.17 -25.99 -21.56
C PRO C 171 10.77 -24.64 -21.20
N ARG C 172 12.09 -24.58 -21.31
CA ARG C 172 12.78 -23.31 -21.10
C ARG C 172 12.42 -22.29 -22.20
N PHE C 173 12.29 -22.75 -23.45
CA PHE C 173 12.00 -21.87 -24.55
C PHE C 173 10.67 -22.32 -25.19
N LEU C 174 9.61 -21.57 -24.91
CA LEU C 174 8.25 -21.93 -25.27
C LEU C 174 7.85 -21.19 -26.55
N ALA C 175 7.39 -21.94 -27.54
CA ALA C 175 6.87 -21.34 -28.75
C ALA C 175 5.51 -20.72 -28.46
N THR C 176 5.22 -19.58 -29.08
CA THR C 176 3.88 -19.01 -28.96
C THR C 176 3.22 -18.81 -30.31
N SER C 177 3.85 -19.26 -31.40
CA SER C 177 3.18 -19.24 -32.69
C SER C 177 1.98 -20.19 -32.75
N ASP C 178 1.83 -21.10 -31.76
CA ASP C 178 0.69 -22.01 -31.73
C ASP C 178 -0.19 -21.79 -30.50
N ALA C 179 -0.29 -20.54 -30.03
CA ALA C 179 -0.86 -20.35 -28.70
C ALA C 179 -2.39 -20.42 -28.66
N TYR C 180 -3.09 -20.19 -29.78
CA TYR C 180 -4.57 -20.11 -29.75
C TYR C 180 -5.21 -21.23 -30.56
N ASP C 181 -5.59 -22.30 -29.86
CA ASP C 181 -6.18 -23.51 -30.43
C ASP C 181 -7.29 -23.24 -31.45
N LEU C 182 -7.18 -23.85 -32.63
CA LEU C 182 -8.14 -23.56 -33.70
C LEU C 182 -9.49 -24.21 -33.40
N GLU C 183 -9.47 -25.42 -32.86
CA GLU C 183 -10.71 -26.14 -32.58
C GLU C 183 -11.54 -25.42 -31.53
N LEU C 184 -10.88 -24.90 -30.49
CA LEU C 184 -11.57 -24.14 -29.48
C LEU C 184 -12.26 -22.93 -30.11
N ARG C 185 -11.61 -22.31 -31.10
CA ARG C 185 -12.16 -21.14 -31.76
C ARG C 185 -13.30 -21.53 -32.70
N LYS C 186 -13.11 -22.58 -33.49
CA LYS C 186 -14.22 -23.12 -34.28
C LYS C 186 -15.40 -23.45 -33.38
N LEU C 187 -15.14 -23.98 -32.19
CA LEU C 187 -16.19 -24.34 -31.24
C LEU C 187 -16.96 -23.10 -30.75
N LEU C 188 -16.23 -22.06 -30.35
CA LEU C 188 -16.86 -20.80 -29.96
C LEU C 188 -17.82 -20.27 -31.04
N PHE C 189 -17.38 -20.28 -32.30
CA PHE C 189 -18.20 -19.73 -33.37
C PHE C 189 -19.48 -20.52 -33.60
N SER C 190 -19.45 -21.86 -33.40
CA SER C 190 -20.67 -22.67 -33.52
C SER C 190 -21.70 -22.26 -32.49
N LYS C 191 -21.27 -22.15 -31.23
CA LYS C 191 -22.19 -21.86 -30.16
C LYS C 191 -22.86 -20.51 -30.35
N LYS C 192 -22.17 -19.55 -30.98
CA LYS C 192 -22.79 -18.25 -31.23
C LYS C 192 -23.97 -18.37 -32.20
N LYS C 193 -23.82 -19.16 -33.28
CA LYS C 193 -24.96 -19.42 -34.17
C LYS C 193 -26.08 -20.12 -33.42
N GLU C 194 -25.76 -21.24 -32.77
CA GLU C 194 -26.76 -22.04 -32.07
C GLU C 194 -27.62 -21.19 -31.14
N LEU C 195 -27.01 -20.26 -30.41
CA LEU C 195 -27.77 -19.39 -29.51
C LEU C 195 -28.40 -18.19 -30.23
N ASN C 196 -28.21 -18.09 -31.55
CA ASN C 196 -28.70 -16.99 -32.37
C ASN C 196 -28.31 -15.62 -31.80
N ILE C 197 -27.02 -15.46 -31.55
CA ILE C 197 -26.49 -14.19 -31.08
C ILE C 197 -26.08 -13.37 -32.30
N GLU C 198 -26.71 -12.19 -32.44
CA GLU C 198 -26.40 -11.31 -33.56
C GLU C 198 -25.11 -10.53 -33.35
N ARG C 199 -24.64 -10.39 -32.09
CA ARG C 199 -23.43 -9.64 -31.78
C ARG C 199 -22.30 -9.96 -32.75
N LYS C 200 -21.59 -8.93 -33.17
CA LYS C 200 -20.49 -9.13 -34.11
C LYS C 200 -19.32 -9.77 -33.37
N ILE C 201 -18.69 -10.77 -33.99
CA ILE C 201 -17.52 -11.39 -33.40
C ILE C 201 -16.42 -11.47 -34.45
N HIS C 202 -15.32 -10.81 -34.19
CA HIS C 202 -14.16 -10.84 -35.06
C HIS C 202 -13.15 -11.84 -34.51
N GLU C 203 -12.13 -12.10 -35.31
CA GLU C 203 -10.95 -12.87 -34.92
C GLU C 203 -9.76 -11.93 -35.11
N GLY C 204 -8.92 -11.79 -34.09
CA GLY C 204 -7.88 -10.77 -34.21
C GLY C 204 -6.79 -10.93 -33.17
N THR C 205 -5.87 -9.97 -33.19
CA THR C 205 -4.67 -9.95 -32.38
C THR C 205 -4.87 -9.05 -31.16
N TYR C 206 -4.64 -9.60 -29.98
CA TYR C 206 -4.73 -8.84 -28.74
C TYR C 206 -3.34 -8.34 -28.37
N SER C 207 -3.18 -7.04 -28.17
CA SER C 207 -1.91 -6.52 -27.71
C SER C 207 -1.96 -6.27 -26.20
N TYR C 208 -1.01 -6.88 -25.47
CA TYR C 208 -0.85 -6.65 -24.04
C TYR C 208 0.08 -5.45 -23.85
N VAL C 209 -0.39 -4.45 -23.12
CA VAL C 209 0.43 -3.31 -22.74
C VAL C 209 0.21 -3.04 -21.26
N HIS C 210 1.20 -2.39 -20.66
CA HIS C 210 1.10 -1.93 -19.29
C HIS C 210 0.76 -0.46 -19.20
N GLY C 211 0.27 0.13 -20.27
CA GLY C 211 0.00 1.53 -20.30
C GLY C 211 -1.26 1.85 -19.53
N PRO C 212 -1.88 2.94 -19.88
CA PRO C 212 -3.21 3.24 -19.33
C PRO C 212 -4.30 3.18 -20.38
N THR C 213 -5.57 3.15 -19.94
CA THR C 213 -6.64 3.52 -20.86
C THR C 213 -6.59 5.00 -21.20
N PHE C 214 -5.66 5.74 -20.59
CA PHE C 214 -5.21 7.06 -21.06
C PHE C 214 -4.11 6.93 -22.11
N GLU C 215 -4.28 5.99 -23.04
CA GLU C 215 -3.45 5.96 -24.24
C GLU C 215 -3.66 7.23 -25.04
N SER C 216 -2.58 7.75 -25.59
CA SER C 216 -2.70 8.89 -26.48
C SER C 216 -3.18 8.46 -27.87
N ARG C 217 -3.69 9.43 -28.63
CA ARG C 217 -4.01 9.15 -30.03
C ARG C 217 -2.82 8.58 -30.78
N ALA C 218 -1.62 9.15 -30.59
CA ALA C 218 -0.43 8.66 -31.29
C ALA C 218 -0.07 7.23 -30.88
N GLU C 219 -0.34 6.85 -29.62
CA GLU C 219 -0.09 5.50 -29.16
C GLU C 219 -1.07 4.50 -29.78
N SER C 220 -2.36 4.83 -29.80
CA SER C 220 -3.33 4.00 -30.53
C SER C 220 -2.97 3.87 -32.01
N ARG C 221 -2.59 4.96 -32.64
CA ARG C 221 -2.11 4.89 -34.00
C ARG C 221 -0.94 3.91 -34.12
N PHE C 222 -0.03 3.93 -33.16
CA PHE C 222 1.12 3.06 -33.23
C PHE C 222 0.70 1.60 -33.07
N LEU C 223 -0.18 1.32 -32.11
CA LEU C 223 -0.66 -0.04 -31.92
C LEU C 223 -1.33 -0.60 -33.17
N ARG C 224 -2.09 0.25 -33.88
CA ARG C 224 -2.73 -0.24 -35.08
C ARG C 224 -1.71 -0.60 -36.15
N LEU C 225 -0.71 0.25 -36.33
CA LEU C 225 0.17 -0.03 -37.44
C LEU C 225 1.16 -1.12 -37.03
N ALA C 226 1.29 -1.40 -35.72
CA ALA C 226 2.08 -2.51 -35.23
C ALA C 226 1.35 -3.84 -35.38
N GLY C 227 0.08 -3.80 -35.76
CA GLY C 227 -0.72 -4.97 -35.98
C GLY C 227 -1.76 -5.28 -34.91
N THR C 228 -2.11 -4.32 -34.06
CA THR C 228 -3.01 -4.56 -32.94
C THR C 228 -4.46 -4.50 -33.42
N ASP C 229 -5.26 -5.50 -33.07
CA ASP C 229 -6.70 -5.41 -33.26
C ASP C 229 -7.45 -4.97 -31.99
N ALA C 230 -6.97 -5.35 -30.81
CA ALA C 230 -7.59 -4.97 -29.54
C ALA C 230 -6.48 -4.87 -28.51
N VAL C 231 -6.60 -3.94 -27.57
CA VAL C 231 -5.52 -3.65 -26.64
C VAL C 231 -6.05 -3.71 -25.20
N GLY C 232 -5.25 -4.27 -24.31
CA GLY C 232 -5.64 -4.25 -22.92
C GLY C 232 -4.47 -4.57 -22.03
N MET C 233 -4.77 -4.75 -20.77
CA MET C 233 -3.74 -4.87 -19.76
C MET C 233 -3.82 -6.20 -19.03
N SER C 234 -4.35 -7.24 -19.69
CA SER C 234 -4.52 -8.55 -19.01
C SER C 234 -4.19 -9.68 -19.98
N THR C 235 -4.48 -10.92 -19.57
CA THR C 235 -4.73 -12.07 -20.45
C THR C 235 -3.46 -12.77 -20.94
N VAL C 236 -2.55 -12.01 -21.60
CA VAL C 236 -1.35 -12.59 -22.20
C VAL C 236 -0.46 -13.30 -21.18
N PRO C 237 -0.17 -12.74 -20.01
CA PRO C 237 0.68 -13.52 -19.07
C PRO C 237 0.04 -14.83 -18.66
N GLU C 238 -1.29 -14.85 -18.49
CA GLU C 238 -1.99 -16.09 -18.20
C GLU C 238 -1.93 -17.04 -19.38
N VAL C 239 -2.16 -16.53 -20.60
CA VAL C 239 -2.08 -17.37 -21.80
C VAL C 239 -0.72 -18.03 -21.88
N VAL C 240 0.36 -17.26 -21.68
CA VAL C 240 1.72 -17.81 -21.80
C VAL C 240 1.99 -18.85 -20.71
N THR C 241 1.58 -18.56 -19.48
CA THR C 241 1.76 -19.52 -18.38
C THR C 241 0.94 -20.79 -18.62
N ALA C 242 -0.29 -20.66 -19.10
CA ALA C 242 -1.06 -21.87 -19.35
C ALA C 242 -0.43 -22.67 -20.49
N ARG C 243 0.03 -21.98 -21.54
CA ARG C 243 0.69 -22.71 -22.62
C ARG C 243 1.94 -23.39 -22.11
N HIS C 244 2.63 -22.75 -21.15
CA HIS C 244 3.84 -23.36 -20.61
C HIS C 244 3.48 -24.65 -19.89
N CYS C 245 2.30 -24.70 -19.24
CA CYS C 245 1.81 -25.91 -18.61
C CYS C 245 1.20 -26.89 -19.60
N GLY C 246 1.18 -26.58 -20.88
CA GLY C 246 0.57 -27.49 -21.83
C GLY C 246 -0.93 -27.37 -22.01
N TRP C 247 -1.58 -26.41 -21.38
CA TRP C 247 -3.00 -26.23 -21.61
C TRP C 247 -3.28 -25.66 -22.99
N ARG C 248 -4.51 -25.87 -23.42
CA ARG C 248 -5.11 -25.18 -24.56
C ARG C 248 -5.80 -23.92 -24.04
N VAL C 249 -5.98 -22.97 -24.95
CA VAL C 249 -6.38 -21.62 -24.58
C VAL C 249 -7.47 -21.15 -25.52
N LEU C 250 -8.56 -20.63 -24.94
CA LEU C 250 -9.55 -19.86 -25.65
C LEU C 250 -9.62 -18.49 -24.96
N ALA C 251 -9.48 -17.42 -25.73
CA ALA C 251 -9.51 -16.07 -25.21
C ALA C 251 -10.52 -15.23 -25.98
N LEU C 252 -11.33 -14.46 -25.27
CA LEU C 252 -12.37 -13.67 -25.91
C LEU C 252 -12.37 -12.26 -25.33
N SER C 253 -12.33 -11.25 -26.20
CA SER C 253 -12.38 -9.85 -25.79
C SER C 253 -13.75 -9.25 -26.09
N LEU C 254 -14.19 -8.39 -25.18
CA LEU C 254 -15.34 -7.50 -25.40
C LEU C 254 -14.80 -6.11 -25.70
N ILE C 255 -15.05 -5.64 -26.92
CA ILE C 255 -14.64 -4.27 -27.28
C ILE C 255 -15.57 -3.28 -26.56
N THR C 256 -15.04 -2.60 -25.56
CA THR C 256 -15.83 -1.63 -24.81
C THR C 256 -15.80 -0.24 -25.43
N ASN C 257 -14.93 -0.02 -26.43
CA ASN C 257 -14.79 1.31 -27.02
C ASN C 257 -13.77 1.36 -28.15
N GLU C 258 -13.98 2.33 -29.03
CA GLU C 258 -13.24 2.50 -30.27
C GLU C 258 -12.17 3.55 -29.97
N CYS C 259 -10.91 3.14 -29.91
CA CYS C 259 -9.84 4.10 -29.62
C CYS C 259 -9.75 5.08 -30.78
N VAL C 260 -9.50 6.35 -30.50
CA VAL C 260 -9.34 7.31 -31.58
C VAL C 260 -7.87 7.38 -31.97
N VAL C 261 -7.63 7.35 -33.29
CA VAL C 261 -6.29 7.41 -33.84
C VAL C 261 -6.04 8.70 -34.60
N ASP C 262 -7.07 9.49 -34.86
CA ASP C 262 -6.90 10.78 -35.52
C ASP C 262 -6.01 11.68 -34.67
N PRO C 263 -5.15 12.48 -35.29
CA PRO C 263 -4.31 13.43 -34.51
C PRO C 263 -5.18 14.52 -33.88
N PRO C 264 -4.70 15.14 -32.81
CA PRO C 264 -5.48 16.22 -32.19
C PRO C 264 -5.60 17.41 -33.12
N ALA C 265 -6.42 18.36 -32.70
CA ALA C 265 -6.65 19.56 -33.48
C ALA C 265 -5.35 20.34 -33.64
N SER C 266 -5.14 20.88 -34.83
CA SER C 266 -3.95 21.67 -35.09
C SER C 266 -4.17 23.12 -34.68
N ALA C 267 -3.12 23.74 -34.15
CA ALA C 267 -3.21 25.16 -33.81
C ALA C 267 -3.48 26.06 -35.02
N HIS C 268 -3.27 25.57 -36.25
CA HIS C 268 -3.50 26.38 -37.44
C HIS C 268 -4.92 26.32 -37.99
N ASP C 269 -5.68 25.26 -37.69
CA ASP C 269 -6.98 24.98 -38.32
C ASP C 269 -8.02 26.07 -38.01
N SER C 289 -22.75 -1.64 -20.53
CA SER C 289 -23.86 -2.43 -21.04
C SER C 289 -23.74 -3.89 -20.62
N ALA C 290 -24.83 -4.43 -20.04
CA ALA C 290 -24.88 -5.81 -19.59
C ALA C 290 -25.33 -6.78 -20.66
N LYS C 291 -25.88 -6.28 -21.77
CA LYS C 291 -26.23 -7.14 -22.90
C LYS C 291 -25.04 -7.95 -23.37
N ALA C 292 -23.88 -7.30 -23.47
CA ALA C 292 -22.66 -7.98 -23.91
C ALA C 292 -22.28 -9.09 -22.95
N SER C 293 -22.19 -8.79 -21.66
CA SER C 293 -21.79 -9.78 -20.67
C SER C 293 -22.74 -10.96 -20.67
N LYS C 294 -24.05 -10.69 -20.67
CA LYS C 294 -25.04 -11.76 -20.81
C LYS C 294 -24.71 -12.64 -22.00
N ASP C 295 -24.36 -12.03 -23.14
CA ASP C 295 -24.03 -12.83 -24.33
C ASP C 295 -22.77 -13.66 -24.12
N VAL C 296 -21.75 -13.10 -23.45
CA VAL C 296 -20.52 -13.86 -23.18
C VAL C 296 -20.78 -15.02 -22.22
N GLN C 297 -21.62 -14.81 -21.21
CA GLN C 297 -21.98 -15.91 -20.31
C GLN C 297 -22.49 -17.12 -21.09
N GLU C 298 -23.54 -16.89 -21.89
CA GLU C 298 -24.15 -17.97 -22.65
C GLU C 298 -23.17 -18.64 -23.60
N LEU C 299 -22.24 -17.85 -24.17
CA LEU C 299 -21.27 -18.44 -25.08
C LEU C 299 -20.30 -19.35 -24.32
N ILE C 300 -19.83 -18.90 -23.17
CA ILE C 300 -18.93 -19.71 -22.35
C ILE C 300 -19.66 -20.93 -21.81
N PHE C 301 -20.78 -20.71 -21.12
CA PHE C 301 -21.67 -21.77 -20.61
C PHE C 301 -21.85 -22.88 -21.63
N SER C 302 -22.15 -22.48 -22.86
CA SER C 302 -22.36 -23.44 -23.94
C SER C 302 -21.06 -24.10 -24.37
N VAL C 303 -19.95 -23.35 -24.39
CA VAL C 303 -18.68 -23.95 -24.81
C VAL C 303 -18.19 -24.96 -23.76
N VAL C 304 -18.32 -24.60 -22.48
CA VAL C 304 -17.80 -25.39 -21.38
C VAL C 304 -18.23 -26.86 -21.47
N ALA C 305 -19.39 -27.12 -22.09
CA ALA C 305 -19.89 -28.48 -22.18
C ALA C 305 -19.06 -29.35 -23.13
N GLU C 306 -18.64 -28.80 -24.28
CA GLU C 306 -18.01 -29.57 -25.33
C GLU C 306 -16.49 -29.69 -25.18
N ILE C 307 -15.99 -29.61 -23.94
CA ILE C 307 -14.59 -29.90 -23.63
C ILE C 307 -14.54 -30.87 -22.46
N LEU D 5 5.79 -1.10 9.33
CA LEU D 5 6.39 -1.71 8.15
C LEU D 5 5.33 -1.81 7.05
N ASP D 6 5.75 -1.82 5.78
CA ASP D 6 4.78 -1.79 4.69
C ASP D 6 4.20 -3.18 4.47
N ILE D 7 3.09 -3.22 3.74
CA ILE D 7 2.38 -4.49 3.52
C ILE D 7 3.26 -5.46 2.72
N ASN D 8 3.68 -5.05 1.50
CA ASN D 8 4.53 -5.92 0.68
C ASN D 8 5.77 -6.37 1.43
N GLU D 9 6.31 -5.52 2.30
CA GLU D 9 7.40 -5.96 3.18
C GLU D 9 6.92 -7.05 4.13
N GLN D 10 5.86 -6.75 4.90
CA GLN D 10 5.29 -7.74 5.82
C GLN D 10 5.06 -9.07 5.11
N ARG D 11 4.46 -9.02 3.91
CA ARG D 11 4.31 -10.21 3.08
C ARG D 11 5.65 -10.90 2.84
N ALA D 12 6.70 -10.11 2.57
CA ALA D 12 8.01 -10.69 2.33
C ALA D 12 8.59 -11.28 3.62
N LEU D 13 8.35 -10.61 4.75
CA LEU D 13 8.78 -11.13 6.06
C LEU D 13 8.09 -12.46 6.37
N ILE D 14 6.83 -12.58 5.98
CA ILE D 14 6.07 -13.81 6.21
C ILE D 14 6.64 -14.93 5.37
N LYS D 15 6.92 -14.67 4.09
CA LYS D 15 7.51 -15.71 3.25
C LYS D 15 8.89 -16.10 3.75
N SER D 16 9.66 -15.12 4.21
CA SER D 16 10.95 -15.41 4.81
C SER D 16 10.81 -16.41 5.94
N ALA D 17 9.85 -16.15 6.83
CA ALA D 17 9.57 -17.09 7.92
C ALA D 17 9.21 -18.47 7.37
N HIS D 18 8.30 -18.52 6.39
CA HIS D 18 7.87 -19.80 5.82
C HIS D 18 9.04 -20.50 5.15
N ARG D 19 9.78 -19.77 4.31
CA ARG D 19 10.98 -20.31 3.67
C ARG D 19 11.90 -20.96 4.70
N TYR D 20 12.23 -20.21 5.75
CA TYR D 20 13.10 -20.72 6.80
C TYR D 20 12.51 -21.95 7.49
N ILE D 21 11.24 -21.88 7.90
CA ILE D 21 10.68 -22.97 8.68
C ILE D 21 10.58 -24.22 7.83
N SER D 22 10.14 -24.06 6.58
CA SER D 22 9.95 -25.20 5.69
C SER D 22 11.26 -25.94 5.41
N GLU D 23 12.37 -25.21 5.29
CA GLU D 23 13.66 -25.86 5.06
C GLU D 23 14.17 -26.57 6.31
N LYS D 24 14.03 -25.93 7.47
CA LYS D 24 14.43 -26.57 8.71
C LYS D 24 13.67 -27.88 8.90
N LEU D 25 12.39 -27.89 8.55
CA LEU D 25 11.60 -29.12 8.58
C LEU D 25 12.18 -30.16 7.65
N GLU D 26 12.43 -29.77 6.39
CA GLU D 26 12.97 -30.71 5.41
C GLU D 26 14.24 -31.36 5.92
N ASP D 27 15.11 -30.56 6.53
CA ASP D 27 16.37 -31.08 7.07
C ASP D 27 16.11 -32.12 8.15
N HIS D 28 15.20 -31.80 9.07
CA HIS D 28 15.12 -32.51 10.33
C HIS D 28 14.30 -33.78 10.23
N PHE D 29 13.30 -33.83 9.36
CA PHE D 29 12.33 -34.91 9.38
C PHE D 29 12.61 -35.90 8.25
N SER D 30 12.66 -37.19 8.60
CA SER D 30 12.91 -38.24 7.61
C SER D 30 11.82 -38.26 6.54
N SER D 31 10.57 -38.15 6.97
CA SER D 31 9.41 -38.01 6.10
C SER D 31 8.88 -36.58 6.17
N GLU D 32 8.00 -36.24 5.24
CA GLU D 32 7.53 -34.85 5.18
C GLU D 32 6.61 -34.58 6.34
N PHE D 33 6.89 -33.49 7.05
CA PHE D 33 6.08 -33.04 8.18
C PHE D 33 5.07 -32.01 7.70
N LEU D 34 3.81 -32.39 7.60
CA LEU D 34 2.73 -31.45 7.30
C LEU D 34 1.79 -31.37 8.50
N PRO D 35 2.00 -30.44 9.41
CA PRO D 35 1.13 -30.33 10.60
C PRO D 35 -0.32 -29.97 10.27
N LYS D 36 -1.24 -30.54 11.07
CA LYS D 36 -2.68 -30.40 10.85
C LYS D 36 -3.32 -29.39 11.79
N ALA D 37 -2.67 -29.09 12.91
CA ALA D 37 -3.19 -28.16 13.89
C ALA D 37 -2.04 -27.32 14.45
N LEU D 38 -2.37 -26.10 14.86
CA LEU D 38 -1.46 -25.28 15.65
C LEU D 38 -2.05 -25.11 17.05
N VAL D 39 -1.25 -25.41 18.05
CA VAL D 39 -1.65 -25.27 19.45
C VAL D 39 -0.89 -24.10 20.02
N ILE D 40 -1.61 -23.08 20.50
CA ILE D 40 -1.02 -21.94 21.21
C ILE D 40 -1.22 -22.11 22.71
N CYS D 41 -0.11 -22.21 23.44
CA CYS D 41 -0.15 -22.50 24.88
C CYS D 41 -0.22 -21.20 25.64
N GLY D 42 -1.37 -20.92 26.23
CA GLY D 42 -1.55 -19.80 27.13
C GLY D 42 -0.81 -19.96 28.45
N GLU D 43 -1.03 -18.98 29.34
CA GLU D 43 -0.20 -18.77 30.52
C GLU D 43 -0.26 -19.91 31.51
N GLY D 44 0.87 -20.58 31.70
CA GLY D 44 0.98 -21.70 32.62
C GLY D 44 0.62 -23.03 32.03
N LEU D 45 0.45 -23.11 30.73
CA LEU D 45 0.06 -24.34 30.05
C LEU D 45 1.14 -24.82 29.08
N SER D 46 2.40 -24.48 29.38
CA SER D 46 3.51 -24.87 28.53
C SER D 46 3.76 -26.37 28.56
N GLY D 47 3.19 -27.08 29.54
CA GLY D 47 3.41 -28.51 29.74
C GLY D 47 2.76 -29.42 28.72
N ILE D 48 2.04 -28.88 27.73
CA ILE D 48 1.59 -29.72 26.63
C ILE D 48 2.76 -30.25 25.80
N SER D 49 3.90 -29.56 25.82
CA SER D 49 5.10 -30.04 25.12
C SER D 49 5.45 -31.47 25.53
N THR D 50 5.23 -31.81 26.81
CA THR D 50 5.50 -33.18 27.27
C THR D 50 4.69 -34.22 26.49
N LYS D 51 3.51 -33.83 25.99
CA LYS D 51 2.66 -34.74 25.24
C LYS D 51 3.14 -34.98 23.82
N ILE D 52 4.01 -34.12 23.29
CA ILE D 52 4.68 -34.41 22.02
C ILE D 52 5.48 -35.68 22.15
N ALA D 53 5.33 -36.59 21.19
CA ALA D 53 6.05 -37.85 21.25
C ALA D 53 7.55 -37.62 21.25
N ASP D 54 8.30 -38.65 21.63
CA ASP D 54 9.75 -38.60 21.59
C ASP D 54 10.32 -39.06 20.26
N GLU D 55 9.60 -39.94 19.56
CA GLU D 55 9.99 -40.34 18.22
C GLU D 55 8.74 -40.45 17.36
N PRO D 56 8.78 -39.97 16.09
CA PRO D 56 9.81 -39.15 15.43
C PRO D 56 10.21 -37.94 16.27
N LYS D 57 11.53 -37.71 16.35
CA LYS D 57 12.05 -36.65 17.22
C LYS D 57 11.47 -35.28 16.86
N PRO D 58 11.08 -34.49 17.87
CA PRO D 58 10.53 -33.16 17.62
C PRO D 58 11.55 -32.15 17.09
N LEU D 59 11.11 -31.20 16.28
CA LEU D 59 12.01 -30.11 15.84
C LEU D 59 11.63 -28.84 16.63
N ILE D 60 12.58 -28.18 17.27
CA ILE D 60 12.31 -27.01 18.08
C ILE D 60 13.03 -25.80 17.49
N LEU D 61 12.26 -24.77 17.15
CA LEU D 61 12.79 -23.51 16.61
C LEU D 61 12.47 -22.41 17.60
N SER D 62 13.51 -21.84 18.20
CA SER D 62 13.35 -20.68 19.05
C SER D 62 12.88 -19.48 18.22
N TYR D 63 11.99 -18.69 18.79
CA TYR D 63 11.51 -17.49 18.12
C TYR D 63 12.67 -16.59 17.69
N SER D 64 13.80 -16.68 18.38
CA SER D 64 14.93 -15.80 18.12
C SER D 64 15.63 -16.10 16.80
N THR D 65 15.39 -17.27 16.23
CA THR D 65 16.04 -17.64 14.98
C THR D 65 15.11 -17.51 13.78
N ILE D 66 13.83 -17.21 14.00
CA ILE D 66 12.83 -17.25 12.93
C ILE D 66 12.55 -15.82 12.47
N PRO D 67 12.64 -15.53 11.17
CA PRO D 67 12.38 -14.18 10.66
C PRO D 67 11.05 -13.61 11.11
N GLY D 68 11.08 -12.33 11.49
CA GLY D 68 9.90 -11.62 11.93
C GLY D 68 9.36 -12.04 13.27
N PHE D 69 9.78 -13.20 13.78
CA PHE D 69 9.35 -13.61 15.12
C PHE D 69 10.04 -12.73 16.15
N LYS D 70 9.32 -12.43 17.22
CA LYS D 70 9.81 -11.53 18.27
C LYS D 70 9.95 -12.31 19.57
N VAL D 71 11.11 -12.19 20.21
CA VAL D 71 11.36 -12.83 21.50
C VAL D 71 11.17 -11.74 22.54
N SER D 72 9.97 -11.69 23.11
CA SER D 72 9.62 -10.64 24.11
C SER D 72 10.54 -10.76 25.32
N THR D 73 11.39 -9.76 25.55
CA THR D 73 12.42 -9.83 26.60
C THR D 73 11.89 -9.74 28.04
N VAL D 74 11.23 -10.79 28.51
CA VAL D 74 10.88 -10.81 29.96
C VAL D 74 11.91 -11.76 30.58
N PRO D 75 12.41 -11.52 31.81
CA PRO D 75 13.48 -12.31 32.43
C PRO D 75 13.91 -13.58 31.68
N GLY D 76 13.31 -14.71 32.04
CA GLY D 76 13.65 -15.99 31.41
C GLY D 76 12.50 -16.46 30.57
N HIS D 77 11.79 -15.51 29.97
CA HIS D 77 10.69 -15.88 29.05
C HIS D 77 11.29 -16.01 27.65
N SER D 78 11.20 -17.20 27.07
CA SER D 78 11.69 -17.39 25.68
C SER D 78 10.61 -18.14 24.89
N GLY D 79 10.42 -17.77 23.64
CA GLY D 79 9.42 -18.43 22.81
C GLY D 79 10.03 -19.46 21.89
N GLU D 80 9.22 -20.43 21.46
CA GLU D 80 9.72 -21.51 20.63
C GLU D 80 8.55 -22.18 19.93
N LEU D 81 8.81 -22.66 18.72
CA LEU D 81 7.89 -23.52 17.99
C LEU D 81 8.39 -24.95 18.09
N ILE D 82 7.50 -25.85 18.50
CA ILE D 82 7.80 -27.27 18.56
C ILE D 82 6.96 -27.96 17.48
N PHE D 83 7.62 -28.70 16.61
CA PHE D 83 6.96 -29.47 15.56
C PHE D 83 7.15 -30.96 15.87
N GLY D 84 6.05 -31.68 16.06
CA GLY D 84 6.16 -33.09 16.35
C GLY D 84 4.83 -33.79 16.25
N TYR D 85 4.79 -35.01 16.77
CA TYR D 85 3.58 -35.82 16.73
C TYR D 85 2.93 -35.85 18.12
N MET D 86 1.63 -35.57 18.16
CA MET D 86 0.84 -35.64 19.37
C MET D 86 -0.30 -36.62 19.14
N ASN D 87 -0.30 -37.71 19.89
CA ASN D 87 -1.34 -38.73 19.78
C ASN D 87 -1.49 -39.18 18.34
N GLY D 88 -0.35 -39.37 17.68
CA GLY D 88 -0.27 -39.73 16.28
C GLY D 88 -0.53 -38.61 15.31
N ALA D 89 -0.81 -37.36 15.80
CA ALA D 89 -1.14 -36.29 14.86
C ALA D 89 0.03 -35.32 14.70
N PRO D 90 0.37 -34.93 13.48
CA PRO D 90 1.46 -33.96 13.29
C PRO D 90 0.97 -32.56 13.63
N VAL D 91 1.59 -31.93 14.62
CA VAL D 91 1.11 -30.64 15.12
C VAL D 91 2.29 -29.70 15.29
N VAL D 92 2.00 -28.42 15.36
CA VAL D 92 2.94 -27.38 15.76
C VAL D 92 2.45 -26.75 17.06
N LEU D 93 3.38 -26.48 17.97
CA LEU D 93 3.10 -25.88 19.26
C LEU D 93 3.78 -24.53 19.32
N MET D 94 3.01 -23.48 19.62
CA MET D 94 3.54 -22.17 19.99
C MET D 94 3.65 -22.15 21.51
N ASN D 95 4.83 -22.41 22.05
CA ASN D 95 5.07 -22.22 23.48
C ASN D 95 5.59 -20.80 23.63
N GLY D 96 4.70 -19.89 24.01
CA GLY D 96 5.00 -18.47 24.01
C GLY D 96 4.15 -17.71 23.01
N ARG D 97 3.36 -16.75 23.49
CA ARG D 97 2.57 -15.87 22.62
C ARG D 97 2.98 -14.42 22.86
N LEU D 98 2.53 -13.56 21.95
CA LEU D 98 2.81 -12.13 21.99
C LEU D 98 1.51 -11.39 22.29
N ARG D 99 1.63 -10.27 22.98
CA ARG D 99 0.43 -9.53 23.40
C ARG D 99 0.65 -8.04 23.20
N SER D 100 -0.44 -7.36 22.80
CA SER D 100 -0.33 -5.95 22.50
C SER D 100 0.19 -5.12 23.67
N TYR D 101 -0.13 -5.51 24.91
CA TYR D 101 0.30 -4.70 26.06
C TYR D 101 1.82 -4.69 26.19
N GLU D 102 2.51 -5.67 25.59
CA GLU D 102 3.96 -5.72 25.66
C GLU D 102 4.64 -4.75 24.71
N GLY D 103 3.86 -4.05 23.88
CA GLY D 103 4.39 -3.09 22.92
C GLY D 103 4.33 -3.54 21.49
N HIS D 104 3.87 -4.76 21.22
CA HIS D 104 3.87 -5.31 19.88
C HIS D 104 2.60 -4.89 19.13
N SER D 105 2.76 -4.57 17.85
CA SER D 105 1.64 -4.44 16.97
C SER D 105 0.88 -5.77 16.86
N LEU D 106 -0.44 -5.68 16.63
CA LEU D 106 -1.24 -6.89 16.45
C LEU D 106 -0.72 -7.72 15.27
N ALA D 107 -0.18 -7.07 14.23
CA ALA D 107 0.41 -7.81 13.12
C ALA D 107 1.56 -8.69 13.60
N GLU D 108 2.42 -8.16 14.46
CA GLU D 108 3.52 -8.95 15.01
C GLU D 108 3.01 -10.09 15.90
N THR D 109 1.90 -9.90 16.60
CA THR D 109 1.44 -10.98 17.48
C THR D 109 0.89 -12.16 16.68
N VAL D 110 0.38 -11.91 15.47
CA VAL D 110 -0.23 -12.95 14.64
C VAL D 110 0.67 -13.37 13.50
N HIS D 111 1.83 -12.73 13.33
CA HIS D 111 2.85 -13.13 12.37
C HIS D 111 3.08 -14.64 12.33
N PRO D 112 3.25 -15.35 13.46
CA PRO D 112 3.48 -16.81 13.37
C PRO D 112 2.35 -17.55 12.67
N ILE D 113 1.11 -17.11 12.84
CA ILE D 113 -0.01 -17.81 12.21
C ILE D 113 0.02 -17.64 10.69
N ARG D 114 0.33 -16.44 10.22
CA ARG D 114 0.37 -16.21 8.77
C ARG D 114 1.54 -16.97 8.14
N ALA D 115 2.67 -17.03 8.82
CA ALA D 115 3.81 -17.77 8.32
C ALA D 115 3.51 -19.25 8.24
N LEU D 116 2.90 -19.79 9.30
CA LEU D 116 2.62 -21.22 9.34
C LEU D 116 1.50 -21.58 8.37
N HIS D 117 0.60 -20.63 8.11
CA HIS D 117 -0.44 -20.82 7.08
C HIS D 117 0.17 -21.20 5.74
N LEU D 118 1.36 -20.67 5.45
CA LEU D 118 1.94 -20.91 4.14
C LEU D 118 2.40 -22.35 3.94
N LEU D 119 2.34 -23.21 4.98
CA LEU D 119 2.62 -24.62 4.73
C LEU D 119 1.46 -25.33 4.06
N GLY D 120 0.28 -24.72 4.05
CA GLY D 120 -0.90 -25.27 3.41
C GLY D 120 -1.50 -26.51 4.07
N SER D 121 -1.09 -26.86 5.28
CA SER D 121 -1.59 -28.10 5.87
C SER D 121 -2.41 -27.90 7.15
N ILE D 122 -2.12 -26.86 7.94
CA ILE D 122 -2.90 -26.63 9.17
C ILE D 122 -4.32 -26.25 8.79
N ASN D 123 -5.30 -26.83 9.50
CA ASN D 123 -6.68 -26.41 9.32
C ASN D 123 -7.39 -26.14 10.64
N VAL D 124 -6.68 -26.26 11.77
CA VAL D 124 -7.27 -26.01 13.09
C VAL D 124 -6.26 -25.28 13.97
N LEU D 125 -6.72 -24.20 14.60
CA LEU D 125 -6.03 -23.55 15.69
C LEU D 125 -6.69 -24.00 17.00
N ILE D 126 -5.88 -24.50 17.93
CA ILE D 126 -6.33 -24.77 19.30
C ILE D 126 -5.59 -23.81 20.20
N VAL D 127 -6.32 -22.88 20.81
CA VAL D 127 -5.71 -21.81 21.56
C VAL D 127 -6.24 -21.89 22.99
N THR D 128 -5.33 -21.84 23.96
CA THR D 128 -5.66 -21.82 25.36
C THR D 128 -5.20 -20.48 25.94
N ASN D 129 -5.84 -20.11 27.04
CA ASN D 129 -5.43 -18.93 27.77
C ASN D 129 -5.95 -19.04 29.18
N ALA D 130 -5.42 -18.20 30.04
CA ALA D 130 -6.00 -17.91 31.34
C ALA D 130 -6.91 -16.71 31.20
N ALA D 131 -7.89 -16.62 32.07
CA ALA D 131 -8.84 -15.52 32.00
C ALA D 131 -9.46 -15.31 33.36
N GLY D 132 -9.82 -14.06 33.67
CA GLY D 132 -10.57 -13.77 34.88
C GLY D 132 -12.06 -14.09 34.70
N GLY D 133 -12.67 -14.64 35.76
CA GLY D 133 -14.09 -14.95 35.64
C GLY D 133 -14.99 -13.75 35.87
N ILE D 134 -15.79 -13.37 34.88
CA ILE D 134 -16.73 -12.26 35.01
C ILE D 134 -18.15 -12.77 35.30
N ASN D 135 -18.55 -13.86 34.64
CA ASN D 135 -19.80 -14.54 34.98
C ASN D 135 -19.78 -14.90 36.47
N ALA D 136 -20.79 -14.45 37.21
CA ALA D 136 -20.75 -14.63 38.67
C ALA D 136 -20.75 -16.09 39.11
N SER D 137 -21.22 -17.00 38.27
CA SER D 137 -21.27 -18.41 38.65
C SER D 137 -19.90 -19.10 38.49
N PHE D 138 -18.99 -18.52 37.70
CA PHE D 138 -17.71 -19.18 37.43
C PHE D 138 -16.84 -19.16 38.68
N LYS D 139 -16.01 -20.18 38.82
CA LYS D 139 -15.04 -20.28 39.90
C LYS D 139 -13.65 -20.51 39.34
N ALA D 140 -12.64 -20.04 40.08
CA ALA D 140 -11.25 -20.35 39.77
C ALA D 140 -11.03 -21.86 39.69
N GLY D 141 -10.47 -22.34 38.57
CA GLY D 141 -10.33 -23.76 38.28
C GLY D 141 -11.31 -24.30 37.25
N ASP D 142 -12.43 -23.61 37.05
CA ASP D 142 -13.30 -23.93 35.92
C ASP D 142 -12.57 -23.66 34.60
N LEU D 143 -13.00 -24.37 33.57
CA LEU D 143 -12.66 -24.05 32.20
C LEU D 143 -13.86 -23.38 31.53
N MET D 144 -13.57 -22.64 30.47
CA MET D 144 -14.60 -22.12 29.58
C MET D 144 -14.20 -22.35 28.12
N CYS D 145 -15.00 -23.14 27.44
CA CYS D 145 -15.00 -23.24 25.99
C CYS D 145 -15.58 -21.96 25.40
N VAL D 146 -14.78 -21.22 24.65
CA VAL D 146 -15.22 -19.94 24.07
C VAL D 146 -16.12 -20.23 22.86
N TYR D 147 -17.28 -19.57 22.80
CA TYR D 147 -18.14 -19.76 21.66
C TYR D 147 -18.45 -18.40 20.99
N ASP D 148 -17.95 -17.30 21.54
CA ASP D 148 -18.08 -15.96 20.98
C ASP D 148 -17.08 -15.04 21.68
N HIS D 149 -16.86 -13.85 21.11
CA HIS D 149 -15.96 -12.91 21.76
C HIS D 149 -16.41 -11.46 21.55
N ILE D 150 -15.84 -10.58 22.36
CA ILE D 150 -15.98 -9.14 22.17
C ILE D 150 -14.56 -8.61 22.08
N ASN D 151 -14.27 -7.90 21.01
CA ASN D 151 -12.92 -7.40 20.75
C ASN D 151 -12.95 -5.88 21.05
N PHE D 152 -12.71 -5.50 22.31
CA PHE D 152 -12.80 -4.08 22.65
C PHE D 152 -11.78 -3.20 21.92
N PRO D 153 -10.49 -3.54 21.86
CA PRO D 153 -9.56 -2.71 21.06
C PRO D 153 -9.94 -2.68 19.59
N GLY D 154 -10.56 -3.75 19.08
CA GLY D 154 -11.01 -3.76 17.70
C GLY D 154 -12.10 -2.74 17.41
N LEU D 155 -12.96 -2.47 18.39
CA LEU D 155 -13.95 -1.38 18.26
C LEU D 155 -13.25 -0.05 17.94
N CYS D 156 -11.97 0.10 18.33
CA CYS D 156 -11.24 1.38 18.14
C CYS D 156 -10.29 1.33 16.94
N GLY D 157 -10.12 0.17 16.31
CA GLY D 157 -9.30 0.10 15.09
C GLY D 157 -8.12 -0.85 15.24
N PHE D 158 -7.67 -1.07 16.47
CA PHE D 158 -6.57 -2.00 16.71
C PHE D 158 -7.03 -3.38 16.28
N HIS D 159 -6.58 -3.81 15.09
CA HIS D 159 -7.03 -5.09 14.54
C HIS D 159 -5.89 -5.80 13.81
N PRO D 160 -5.83 -7.13 13.88
CA PRO D 160 -4.69 -7.85 13.28
C PRO D 160 -4.58 -7.69 11.77
N LEU D 161 -5.70 -7.61 11.06
CA LEU D 161 -5.69 -7.46 9.60
C LEU D 161 -6.69 -6.40 9.13
N SER D 177 -18.92 -14.79 9.92
CA SER D 177 -19.07 -16.23 10.20
C SER D 177 -18.91 -16.51 11.70
N ASP D 178 -19.45 -17.64 12.16
CA ASP D 178 -19.20 -18.07 13.54
C ASP D 178 -17.75 -18.50 13.69
N ALA D 179 -17.06 -17.86 14.61
CA ALA D 179 -15.62 -18.07 14.70
C ALA D 179 -15.26 -19.34 15.45
N TYR D 180 -16.11 -19.84 16.35
CA TYR D 180 -15.74 -20.95 17.23
C TYR D 180 -16.49 -22.19 16.81
N ASP D 181 -15.81 -23.03 16.02
CA ASP D 181 -16.39 -24.19 15.37
C ASP D 181 -17.19 -25.06 16.34
N LEU D 182 -18.49 -25.21 16.04
CA LEU D 182 -19.39 -25.95 16.92
C LEU D 182 -18.95 -27.42 17.02
N GLU D 183 -18.65 -28.05 15.87
CA GLU D 183 -18.25 -29.46 15.92
C GLU D 183 -17.05 -29.66 16.81
N LEU D 184 -16.05 -28.75 16.75
CA LEU D 184 -14.89 -28.89 17.63
C LEU D 184 -15.30 -28.74 19.09
N ARG D 185 -16.25 -27.86 19.40
CA ARG D 185 -16.68 -27.71 20.79
C ARG D 185 -17.37 -28.98 21.28
N LYS D 186 -18.18 -29.61 20.42
CA LYS D 186 -18.81 -30.88 20.79
C LYS D 186 -17.75 -31.95 21.02
N LEU D 187 -16.72 -31.96 20.17
CA LEU D 187 -15.60 -32.87 20.37
C LEU D 187 -14.94 -32.64 21.72
N LEU D 188 -14.76 -31.37 22.11
CA LEU D 188 -14.13 -31.08 23.40
C LEU D 188 -14.93 -31.69 24.56
N PHE D 189 -16.25 -31.46 24.58
CA PHE D 189 -17.09 -31.99 25.64
C PHE D 189 -17.15 -33.52 25.59
N SER D 190 -17.12 -34.08 24.38
CA SER D 190 -17.13 -35.53 24.26
C SER D 190 -15.87 -36.14 24.84
N LYS D 191 -14.74 -35.44 24.76
CA LYS D 191 -13.54 -35.95 25.40
C LYS D 191 -13.56 -35.75 26.91
N LYS D 192 -14.09 -34.61 27.39
CA LYS D 192 -14.23 -34.44 28.84
C LYS D 192 -14.93 -35.65 29.47
N LYS D 193 -16.03 -36.07 28.87
CA LYS D 193 -16.81 -37.23 29.31
C LYS D 193 -16.01 -38.52 29.18
N GLU D 194 -15.36 -38.71 28.03
CA GLU D 194 -14.64 -39.95 27.78
C GLU D 194 -13.48 -40.12 28.75
N LEU D 195 -12.79 -39.04 29.10
CA LEU D 195 -11.68 -39.06 30.04
C LEU D 195 -12.13 -38.97 31.50
N ASN D 196 -13.44 -38.90 31.74
CA ASN D 196 -14.00 -38.73 33.08
C ASN D 196 -13.36 -37.55 33.81
N ILE D 197 -13.20 -36.45 33.10
CA ILE D 197 -12.70 -35.25 33.73
C ILE D 197 -13.86 -34.53 34.39
N GLU D 198 -13.72 -34.26 35.70
CA GLU D 198 -14.77 -33.65 36.49
C GLU D 198 -14.73 -32.13 36.44
N ARG D 199 -13.58 -31.54 36.12
CA ARG D 199 -13.46 -30.09 36.03
C ARG D 199 -14.57 -29.53 35.14
N LYS D 200 -15.26 -28.50 35.64
CA LYS D 200 -16.34 -27.88 34.88
C LYS D 200 -15.79 -27.26 33.63
N ILE D 201 -16.55 -27.38 32.54
CA ILE D 201 -16.25 -26.67 31.31
C ILE D 201 -17.49 -25.86 30.97
N HIS D 202 -17.46 -24.56 31.25
CA HIS D 202 -18.55 -23.71 30.81
C HIS D 202 -18.42 -23.44 29.31
N GLU D 203 -19.43 -22.77 28.76
CA GLU D 203 -19.47 -22.32 27.38
C GLU D 203 -19.85 -20.85 27.42
N GLY D 204 -19.07 -19.98 26.80
CA GLY D 204 -19.40 -18.56 26.94
C GLY D 204 -18.49 -17.64 26.15
N THR D 205 -18.64 -16.34 26.46
CA THR D 205 -18.06 -15.25 25.68
C THR D 205 -16.78 -14.75 26.33
N TYR D 206 -15.70 -14.70 25.54
CA TYR D 206 -14.42 -14.17 25.97
C TYR D 206 -14.31 -12.72 25.55
N SER D 207 -14.10 -11.81 26.49
CA SER D 207 -13.83 -10.42 26.13
C SER D 207 -12.33 -10.17 26.12
N TYR D 208 -11.83 -9.64 24.99
CA TYR D 208 -10.43 -9.22 24.87
C TYR D 208 -10.29 -7.75 25.30
N VAL D 209 -9.47 -7.50 26.31
CA VAL D 209 -9.10 -6.14 26.69
C VAL D 209 -7.60 -6.02 26.66
N HIS D 210 -7.12 -4.79 26.56
CA HIS D 210 -5.72 -4.58 26.24
C HIS D 210 -4.78 -4.96 27.38
N GLY D 211 -5.10 -4.57 28.61
CA GLY D 211 -4.19 -4.76 29.73
C GLY D 211 -3.19 -3.62 29.76
N PRO D 212 -2.12 -3.74 30.53
CA PRO D 212 -1.75 -4.87 31.37
C PRO D 212 -2.34 -4.76 32.77
N THR D 213 -3.28 -3.84 33.02
CA THR D 213 -3.88 -3.79 34.35
C THR D 213 -4.95 -4.85 34.51
N PHE D 214 -5.10 -5.36 35.73
CA PHE D 214 -6.32 -6.09 36.06
C PHE D 214 -7.46 -5.09 36.25
N GLU D 215 -8.69 -5.57 36.06
CA GLU D 215 -9.85 -4.70 36.00
C GLU D 215 -10.15 -4.07 37.34
N SER D 216 -10.61 -2.81 37.30
CA SER D 216 -11.21 -2.19 38.46
C SER D 216 -12.57 -2.85 38.71
N ARG D 217 -13.13 -2.59 39.90
CA ARG D 217 -14.45 -3.15 40.20
C ARG D 217 -15.48 -2.70 39.17
N ALA D 218 -15.57 -1.38 38.93
CA ALA D 218 -16.51 -0.89 37.94
C ALA D 218 -16.19 -1.43 36.54
N GLU D 219 -14.91 -1.63 36.20
CA GLU D 219 -14.60 -2.19 34.87
C GLU D 219 -15.14 -3.62 34.72
N SER D 220 -15.03 -4.44 35.78
CA SER D 220 -15.55 -5.81 35.73
C SER D 220 -17.08 -5.84 35.69
N ARG D 221 -17.75 -4.99 36.48
CA ARG D 221 -19.20 -4.89 36.38
C ARG D 221 -19.64 -4.47 34.98
N PHE D 222 -18.95 -3.49 34.40
CA PHE D 222 -19.22 -3.11 33.01
C PHE D 222 -19.07 -4.31 32.08
N LEU D 223 -17.95 -5.02 32.16
CA LEU D 223 -17.77 -6.18 31.28
C LEU D 223 -18.90 -7.17 31.46
N ARG D 224 -19.37 -7.32 32.71
CA ARG D 224 -20.43 -8.28 32.97
C ARG D 224 -21.73 -7.84 32.33
N LEU D 225 -22.10 -6.56 32.49
CA LEU D 225 -23.32 -6.12 31.84
C LEU D 225 -23.19 -6.06 30.33
N ALA D 226 -21.97 -5.98 29.81
CA ALA D 226 -21.77 -6.00 28.35
C ALA D 226 -21.86 -7.41 27.79
N GLY D 227 -22.00 -8.42 28.64
CA GLY D 227 -22.12 -9.77 28.13
C GLY D 227 -20.86 -10.61 28.22
N THR D 228 -19.85 -10.17 28.95
CA THR D 228 -18.64 -10.97 29.14
C THR D 228 -18.88 -12.12 30.12
N ASP D 229 -18.31 -13.29 29.82
CA ASP D 229 -18.21 -14.37 30.80
C ASP D 229 -16.79 -14.53 31.36
N ALA D 230 -15.78 -14.34 30.51
CA ALA D 230 -14.37 -14.37 30.91
C ALA D 230 -13.62 -13.29 30.15
N VAL D 231 -12.59 -12.73 30.79
CA VAL D 231 -11.85 -11.60 30.26
C VAL D 231 -10.37 -11.93 30.25
N GLY D 232 -9.72 -11.57 29.13
CA GLY D 232 -8.29 -11.73 29.06
C GLY D 232 -7.65 -10.73 28.12
N MET D 233 -6.36 -10.89 27.90
CA MET D 233 -5.56 -9.87 27.21
C MET D 233 -4.96 -10.43 25.92
N SER D 234 -5.50 -11.53 25.40
CA SER D 234 -4.86 -12.15 24.24
C SER D 234 -5.92 -12.77 23.33
N THR D 235 -5.48 -13.67 22.44
CA THR D 235 -6.32 -14.70 21.86
C THR D 235 -7.22 -14.25 20.73
N VAL D 236 -8.04 -13.22 20.94
CA VAL D 236 -8.95 -12.79 19.89
C VAL D 236 -8.22 -12.41 18.60
N PRO D 237 -7.09 -11.69 18.63
CA PRO D 237 -6.41 -11.41 17.32
C PRO D 237 -5.91 -12.67 16.63
N GLU D 238 -5.36 -13.62 17.40
CA GLU D 238 -5.01 -14.95 16.87
C GLU D 238 -6.20 -15.66 16.23
N VAL D 239 -7.35 -15.67 16.92
CA VAL D 239 -8.58 -16.26 16.38
C VAL D 239 -8.96 -15.61 15.06
N VAL D 240 -9.05 -14.28 15.04
CA VAL D 240 -9.43 -13.57 13.83
C VAL D 240 -8.48 -13.91 12.68
N THR D 241 -7.18 -14.01 12.98
CA THR D 241 -6.27 -14.27 11.87
C THR D 241 -6.41 -15.70 11.39
N ALA D 242 -6.60 -16.64 12.34
CA ALA D 242 -6.80 -18.03 11.95
C ALA D 242 -7.99 -18.16 11.02
N ARG D 243 -9.13 -17.55 11.40
CA ARG D 243 -10.33 -17.62 10.57
C ARG D 243 -10.10 -17.00 9.19
N HIS D 244 -9.37 -15.88 9.15
CA HIS D 244 -9.04 -15.25 7.87
C HIS D 244 -8.17 -16.18 7.02
N CYS D 245 -7.35 -17.00 7.66
CA CYS D 245 -6.61 -18.03 6.93
C CYS D 245 -7.47 -19.25 6.59
N GLY D 246 -8.75 -19.25 6.94
CA GLY D 246 -9.61 -20.40 6.71
C GLY D 246 -9.48 -21.55 7.69
N TRP D 247 -8.83 -21.36 8.82
CA TRP D 247 -8.75 -22.43 9.81
C TRP D 247 -10.02 -22.46 10.66
N ARG D 248 -10.36 -23.67 11.12
CA ARG D 248 -11.27 -23.82 12.26
C ARG D 248 -10.57 -23.44 13.55
N VAL D 249 -11.35 -23.03 14.55
CA VAL D 249 -10.82 -22.57 15.82
C VAL D 249 -11.56 -23.28 16.97
N LEU D 250 -10.78 -23.92 17.84
CA LEU D 250 -11.21 -24.31 19.19
C LEU D 250 -10.45 -23.46 20.20
N ALA D 251 -11.16 -22.77 21.09
CA ALA D 251 -10.52 -21.89 22.08
C ALA D 251 -10.99 -22.22 23.50
N LEU D 252 -10.05 -22.37 24.43
CA LEU D 252 -10.35 -22.91 25.76
C LEU D 252 -9.67 -22.04 26.82
N SER D 253 -10.47 -21.37 27.65
CA SER D 253 -9.98 -20.55 28.75
C SER D 253 -9.96 -21.31 30.06
N LEU D 254 -8.89 -21.10 30.84
CA LEU D 254 -8.90 -21.52 32.24
C LEU D 254 -9.23 -20.30 33.10
N ILE D 255 -10.30 -20.38 33.86
CA ILE D 255 -10.62 -19.33 34.83
C ILE D 255 -9.64 -19.43 35.98
N THR D 256 -8.76 -18.43 36.13
CA THR D 256 -7.68 -18.50 37.12
C THR D 256 -7.95 -17.66 38.38
N ASN D 257 -8.98 -16.84 38.36
CA ASN D 257 -9.31 -15.88 39.41
C ASN D 257 -10.71 -15.39 39.09
N GLU D 258 -11.39 -14.90 40.13
CA GLU D 258 -12.76 -14.37 40.08
C GLU D 258 -12.64 -12.84 40.15
N CYS D 259 -13.03 -12.13 39.08
CA CYS D 259 -12.83 -10.68 39.06
C CYS D 259 -13.58 -10.01 40.20
N VAL D 260 -12.93 -9.05 40.84
CA VAL D 260 -13.55 -8.31 41.93
C VAL D 260 -14.57 -7.35 41.33
N VAL D 261 -15.83 -7.47 41.77
CA VAL D 261 -16.92 -6.63 41.26
C VAL D 261 -17.60 -5.78 42.31
N ASP D 262 -17.57 -6.18 43.58
CA ASP D 262 -18.27 -5.41 44.58
C ASP D 262 -17.75 -3.97 44.64
N PRO D 263 -18.60 -3.00 44.97
CA PRO D 263 -18.11 -1.63 45.17
C PRO D 263 -17.05 -1.62 46.25
N PRO D 264 -16.09 -0.72 46.16
CA PRO D 264 -15.06 -0.66 47.21
C PRO D 264 -15.63 -0.08 48.49
N ALA D 265 -14.93 -0.37 49.58
CA ALA D 265 -15.32 0.13 50.90
C ALA D 265 -15.58 1.63 50.86
N SER D 266 -16.75 2.03 51.34
CA SER D 266 -17.06 3.44 51.46
C SER D 266 -16.37 4.04 52.67
N ALA D 267 -16.02 5.34 52.57
CA ALA D 267 -15.50 6.05 53.74
C ALA D 267 -16.52 6.13 54.86
N HIS D 268 -17.79 5.90 54.56
CA HIS D 268 -18.86 5.95 55.52
C HIS D 268 -19.21 4.58 56.11
N ASP D 269 -18.54 3.49 55.66
CA ASP D 269 -18.83 2.13 56.11
C ASP D 269 -18.23 1.88 57.50
N GLU D 270 -19.06 1.39 58.43
CA GLU D 270 -18.54 0.99 59.74
C GLU D 270 -17.68 -0.27 59.69
N ASN D 271 -17.96 -1.18 58.75
CA ASN D 271 -17.22 -2.43 58.58
C ASN D 271 -16.63 -2.56 57.18
N PRO D 272 -15.71 -1.67 56.81
CA PRO D 272 -15.20 -1.71 55.43
C PRO D 272 -14.47 -3.03 55.18
N VAL D 273 -14.78 -3.64 54.06
CA VAL D 273 -13.93 -4.71 53.52
C VAL D 273 -12.65 -4.08 52.99
N PRO D 274 -11.47 -4.54 53.39
CA PRO D 274 -10.23 -3.95 52.85
C PRO D 274 -10.19 -4.01 51.32
N ILE D 275 -9.85 -2.86 50.71
CA ILE D 275 -9.93 -2.76 49.27
C ILE D 275 -8.96 -3.69 48.56
N GLN D 276 -7.89 -4.11 49.23
CA GLN D 276 -6.94 -5.03 48.64
C GLN D 276 -7.40 -6.47 48.67
N GLU D 277 -8.47 -6.79 49.41
CA GLU D 277 -8.85 -8.18 49.61
C GLU D 277 -9.36 -8.77 48.30
N GLY D 278 -8.88 -9.96 47.94
CA GLY D 278 -9.27 -10.62 46.71
C GLY D 278 -8.62 -10.09 45.44
N LYS D 279 -7.72 -9.12 45.54
CA LYS D 279 -7.20 -8.48 44.34
C LYS D 279 -6.40 -9.46 43.49
N ALA D 280 -6.50 -9.32 42.18
CA ALA D 280 -5.82 -10.24 41.29
C ALA D 280 -4.32 -10.05 41.36
N THR D 281 -3.59 -11.15 41.16
CA THR D 281 -2.14 -11.08 41.04
C THR D 281 -1.65 -12.05 39.99
N HIS D 282 -0.53 -11.73 39.36
CA HIS D 282 0.07 -12.67 38.42
C HIS D 282 0.37 -14.00 39.12
N GLU D 283 0.73 -13.96 40.40
CA GLU D 283 1.08 -15.19 41.12
C GLU D 283 -0.08 -16.17 41.12
N GLU D 284 -1.29 -15.68 41.44
CA GLU D 284 -2.48 -16.52 41.49
C GLU D 284 -2.79 -17.12 40.12
N VAL D 285 -2.69 -16.30 39.06
CA VAL D 285 -2.87 -16.80 37.71
C VAL D 285 -1.95 -17.97 37.43
N LEU D 286 -0.65 -17.78 37.71
CA LEU D 286 0.30 -18.87 37.51
C LEU D 286 -0.06 -20.09 38.35
N GLU D 287 -0.42 -19.88 39.61
CA GLU D 287 -0.68 -21.03 40.51
C GLU D 287 -1.86 -21.83 40.03
N ASN D 288 -2.93 -21.15 39.62
CA ASN D 288 -4.14 -21.86 39.22
C ASN D 288 -4.00 -22.45 37.82
N SER D 289 -3.24 -21.78 36.93
CA SER D 289 -2.91 -22.40 35.66
C SER D 289 -2.22 -23.74 35.87
N ALA D 290 -1.19 -23.75 36.71
CA ALA D 290 -0.42 -24.97 36.94
C ALA D 290 -1.33 -26.09 37.45
N LYS D 291 -2.31 -25.76 38.29
CA LYS D 291 -3.14 -26.81 38.87
C LYS D 291 -4.00 -27.49 37.81
N ALA D 292 -4.52 -26.71 36.88
CA ALA D 292 -5.42 -27.21 35.87
C ALA D 292 -4.70 -27.72 34.62
N SER D 293 -3.36 -27.62 34.59
CA SER D 293 -2.62 -27.98 33.37
C SER D 293 -2.87 -29.43 32.96
N LYS D 294 -2.85 -30.37 33.92
CA LYS D 294 -2.95 -31.79 33.55
C LYS D 294 -4.22 -32.07 32.77
N ASP D 295 -5.36 -31.61 33.27
CA ASP D 295 -6.63 -31.83 32.57
C ASP D 295 -6.64 -31.16 31.20
N VAL D 296 -6.08 -29.95 31.11
CA VAL D 296 -6.02 -29.28 29.81
C VAL D 296 -5.11 -30.04 28.86
N GLN D 297 -3.96 -30.52 29.35
CA GLN D 297 -3.06 -31.29 28.48
C GLN D 297 -3.74 -32.55 28.00
N GLU D 298 -4.54 -33.18 28.86
CA GLU D 298 -5.21 -34.42 28.46
C GLU D 298 -6.31 -34.14 27.45
N LEU D 299 -7.08 -33.05 27.67
CA LEU D 299 -8.15 -32.76 26.72
C LEU D 299 -7.60 -32.46 25.33
N ILE D 300 -6.52 -31.67 25.25
CA ILE D 300 -5.97 -31.32 23.95
C ILE D 300 -5.34 -32.54 23.30
N PHE D 301 -4.56 -33.31 24.07
CA PHE D 301 -3.97 -34.54 23.56
C PHE D 301 -5.02 -35.38 22.88
N SER D 302 -6.17 -35.53 23.55
CA SER D 302 -7.25 -36.36 23.04
C SER D 302 -7.93 -35.71 21.83
N VAL D 303 -8.07 -34.40 21.82
CA VAL D 303 -8.74 -33.72 20.71
C VAL D 303 -7.95 -33.83 19.41
N VAL D 304 -6.63 -33.62 19.46
CA VAL D 304 -5.87 -33.50 18.21
C VAL D 304 -5.89 -34.77 17.39
N ALA D 305 -6.21 -35.92 17.99
CA ALA D 305 -6.27 -37.15 17.22
C ALA D 305 -7.55 -37.28 16.40
N GLU D 306 -8.53 -36.39 16.63
CA GLU D 306 -9.82 -36.47 15.96
C GLU D 306 -10.16 -35.20 15.19
N ILE D 307 -9.25 -34.23 15.12
CA ILE D 307 -9.50 -32.96 14.43
C ILE D 307 -9.67 -33.23 12.94
N ASP E 6 10.56 3.42 23.18
CA ASP E 6 11.76 2.74 23.65
C ASP E 6 11.92 2.92 25.14
N ILE E 7 12.05 1.81 25.87
CA ILE E 7 12.09 1.89 27.32
C ILE E 7 13.40 2.53 27.78
N ASN E 8 14.52 2.15 27.17
CA ASN E 8 15.81 2.73 27.54
C ASN E 8 15.82 4.25 27.32
N GLU E 9 15.34 4.69 26.16
CA GLU E 9 15.26 6.14 25.92
C GLU E 9 14.40 6.80 26.99
N GLN E 10 13.26 6.20 27.31
CA GLN E 10 12.37 6.75 28.35
C GLN E 10 13.04 6.75 29.72
N ARG E 11 13.76 5.68 30.07
CA ARG E 11 14.47 5.64 31.35
C ARG E 11 15.49 6.76 31.43
N ALA E 12 16.10 7.12 30.30
CA ALA E 12 17.10 8.18 30.27
C ALA E 12 16.47 9.54 30.55
N LEU E 13 15.43 9.91 29.78
CA LEU E 13 14.78 11.21 30.02
C LEU E 13 14.21 11.29 31.43
N ILE E 14 13.81 10.15 32.01
CA ILE E 14 13.34 10.13 33.39
C ILE E 14 14.50 10.35 34.35
N LYS E 15 15.58 9.59 34.18
CA LYS E 15 16.76 9.75 35.04
C LYS E 15 17.31 11.17 34.95
N SER E 16 17.45 11.70 33.74
CA SER E 16 17.97 13.06 33.59
C SER E 16 17.05 14.08 34.25
N ALA E 17 15.73 13.93 34.02
CA ALA E 17 14.79 14.80 34.72
C ALA E 17 14.96 14.72 36.23
N HIS E 18 15.16 13.51 36.77
CA HIS E 18 15.37 13.39 38.21
C HIS E 18 16.63 14.14 38.65
N ARG E 19 17.71 13.99 37.88
CA ARG E 19 18.95 14.72 38.17
C ARG E 19 18.71 16.23 38.19
N TYR E 20 18.21 16.78 37.07
CA TYR E 20 17.85 18.19 37.00
C TYR E 20 17.04 18.65 38.22
N ILE E 21 16.01 17.89 38.59
CA ILE E 21 15.20 18.25 39.76
C ILE E 21 16.01 18.09 41.05
N SER E 22 16.70 16.97 41.21
CA SER E 22 17.47 16.75 42.44
C SER E 22 18.53 17.83 42.65
N GLU E 23 19.20 18.23 41.57
CA GLU E 23 20.23 19.29 41.67
C GLU E 23 19.57 20.57 42.17
N LYS E 24 18.72 21.16 41.34
CA LYS E 24 18.07 22.44 41.72
C LYS E 24 17.62 22.39 43.18
N LEU E 25 16.97 21.31 43.58
CA LEU E 25 16.41 21.27 44.96
C LEU E 25 17.50 21.61 45.97
N GLU E 26 18.55 20.79 46.04
CA GLU E 26 19.58 21.04 47.09
C GLU E 26 20.24 22.40 46.82
N ASP E 27 20.40 22.78 45.55
CA ASP E 27 20.98 24.11 45.21
C ASP E 27 19.91 25.21 45.39
N HIS E 28 18.91 24.96 46.23
CA HIS E 28 17.87 25.99 46.52
C HIS E 28 17.47 25.88 47.98
N PHE E 29 17.39 24.64 48.47
CA PHE E 29 16.96 24.44 49.87
C PHE E 29 18.19 24.24 50.76
N SER E 30 18.22 24.93 51.88
CA SER E 30 19.35 24.77 52.84
C SER E 30 19.28 23.36 53.40
N SER E 31 18.11 22.99 53.88
CA SER E 31 17.88 21.67 54.45
C SER E 31 17.16 20.82 53.42
N GLU E 32 17.48 19.51 53.41
CA GLU E 32 17.01 18.65 52.34
C GLU E 32 15.50 18.74 52.23
N PHE E 33 15.00 18.62 51.01
CA PHE E 33 13.58 18.77 50.72
C PHE E 33 13.10 17.45 50.14
N LEU E 34 12.26 16.75 50.90
CA LEU E 34 11.74 15.44 50.51
C LEU E 34 10.21 15.51 50.48
N PRO E 35 9.61 15.76 49.32
CA PRO E 35 8.15 15.85 49.28
C PRO E 35 7.53 14.48 49.51
N LYS E 36 6.46 14.47 50.30
CA LYS E 36 5.66 13.26 50.54
C LYS E 36 4.45 13.13 49.62
N ALA E 37 4.01 14.23 49.01
CA ALA E 37 2.80 14.21 48.21
C ALA E 37 3.04 14.98 46.92
N LEU E 38 2.55 14.41 45.81
CA LEU E 38 2.40 15.13 44.55
C LEU E 38 0.95 15.59 44.47
N VAL E 39 0.73 16.89 44.34
CA VAL E 39 -0.61 17.44 44.22
C VAL E 39 -0.77 17.95 42.79
N ILE E 40 -1.60 17.27 42.00
CA ILE E 40 -1.89 17.69 40.62
C ILE E 40 -3.16 18.53 40.63
N CYS E 41 -3.04 19.79 40.18
CA CYS E 41 -4.12 20.77 40.28
C CYS E 41 -4.95 20.80 39.00
N GLY E 42 -6.25 20.54 39.14
CA GLY E 42 -7.15 20.43 38.01
C GLY E 42 -7.61 21.78 37.49
N GLU E 43 -8.55 21.71 36.54
CA GLU E 43 -9.05 22.91 35.88
C GLU E 43 -9.62 23.90 36.89
N GLY E 44 -9.09 25.12 36.86
CA GLY E 44 -9.57 26.21 37.69
C GLY E 44 -9.14 26.17 39.15
N LEU E 45 -8.17 25.32 39.49
CA LEU E 45 -7.76 25.11 40.88
C LEU E 45 -6.28 25.48 41.10
N SER E 46 -5.69 26.28 40.20
CA SER E 46 -4.29 26.66 40.34
C SER E 46 -4.02 27.49 41.59
N GLY E 47 -5.07 28.06 42.19
CA GLY E 47 -4.89 28.93 43.34
C GLY E 47 -4.15 28.29 44.50
N ILE E 48 -4.17 26.95 44.60
CA ILE E 48 -3.56 26.22 45.71
C ILE E 48 -2.09 26.61 45.89
N SER E 49 -1.48 27.14 44.83
CA SER E 49 -0.11 27.65 44.93
C SER E 49 0.02 28.79 45.94
N THR E 50 -1.08 29.49 46.24
CA THR E 50 -1.11 30.59 47.20
C THR E 50 -1.06 30.10 48.65
N LYS E 51 -1.11 28.79 48.88
CA LYS E 51 -1.09 28.24 50.22
C LYS E 51 0.27 27.70 50.63
N ILE E 52 1.22 27.60 49.71
CA ILE E 52 2.58 27.26 50.09
C ILE E 52 3.17 28.43 50.87
N ALA E 53 3.87 28.10 51.96
CA ALA E 53 4.40 29.13 52.84
C ALA E 53 5.53 29.88 52.16
N ASP E 54 5.74 31.11 52.59
CA ASP E 54 6.93 31.86 52.20
C ASP E 54 8.17 31.41 52.96
N GLU E 55 7.94 30.58 53.99
CA GLU E 55 9.06 30.12 54.83
C GLU E 55 8.96 28.60 55.02
N PRO E 56 9.90 27.82 54.47
CA PRO E 56 10.93 28.38 53.60
C PRO E 56 10.44 28.83 52.21
N LYS E 57 11.33 29.42 51.42
CA LYS E 57 10.97 29.93 50.06
C LYS E 57 10.67 28.76 49.12
N PRO E 58 9.68 28.88 48.21
CA PRO E 58 9.40 27.81 47.24
C PRO E 58 10.42 27.74 46.12
N LEU E 59 10.25 26.76 45.22
CA LEU E 59 11.15 26.58 44.09
C LEU E 59 10.30 26.23 42.88
N ILE E 60 10.07 27.22 42.01
CA ILE E 60 9.25 27.04 40.81
C ILE E 60 10.14 26.54 39.68
N LEU E 61 9.69 25.50 38.98
CA LEU E 61 10.38 24.96 37.80
C LEU E 61 9.39 24.88 36.66
N SER E 62 9.57 25.73 35.65
CA SER E 62 8.73 25.64 34.46
C SER E 62 9.04 24.35 33.71
N TYR E 63 7.99 23.70 33.20
CA TYR E 63 8.20 22.49 32.41
C TYR E 63 9.12 22.78 31.23
N SER E 64 9.19 24.05 30.80
CA SER E 64 10.05 24.46 29.68
C SER E 64 11.49 24.03 29.90
N THR E 65 11.95 24.07 31.14
CA THR E 65 13.36 23.85 31.44
C THR E 65 13.66 22.47 32.00
N ILE E 66 12.67 21.59 32.11
CA ILE E 66 12.84 20.26 32.72
C ILE E 66 12.90 19.24 31.60
N PRO E 67 13.88 18.33 31.60
CA PRO E 67 13.95 17.32 30.54
C PRO E 67 12.72 16.44 30.50
N GLY E 68 12.24 16.16 29.28
CA GLY E 68 11.06 15.33 29.08
C GLY E 68 9.76 15.96 29.49
N PHE E 69 9.77 17.04 30.27
CA PHE E 69 8.55 17.69 30.75
C PHE E 69 7.99 18.58 29.66
N LYS E 70 7.36 17.95 28.66
CA LYS E 70 6.74 18.68 27.56
C LYS E 70 5.84 19.81 28.08
N VAL E 71 6.29 21.05 27.93
CA VAL E 71 5.59 22.19 28.50
C VAL E 71 4.34 22.52 27.68
N GLY E 79 3.02 25.75 31.93
CA GLY E 79 2.88 24.89 33.10
C GLY E 79 4.18 24.74 33.88
N GLU E 80 4.07 24.51 35.18
CA GLU E 80 5.22 24.62 36.08
C GLU E 80 5.05 23.68 37.28
N LEU E 81 6.14 23.55 38.02
CA LEU E 81 6.28 22.53 39.07
C LEU E 81 6.80 23.23 40.31
N ILE E 82 6.04 23.18 41.40
CA ILE E 82 6.27 24.01 42.58
C ILE E 82 6.64 23.11 43.77
N PHE E 83 7.84 23.30 44.32
CA PHE E 83 8.28 22.58 45.51
C PHE E 83 8.25 23.54 46.70
N GLY E 84 7.63 23.10 47.78
CA GLY E 84 7.57 23.93 48.98
C GLY E 84 6.79 23.24 50.06
N TYR E 85 6.64 23.95 51.18
CA TYR E 85 5.91 23.43 52.33
C TYR E 85 4.50 23.97 52.33
N MET E 86 3.53 23.08 52.48
CA MET E 86 2.12 23.45 52.57
C MET E 86 1.57 22.89 53.87
N ASN E 87 1.08 23.78 54.73
CA ASN E 87 0.53 23.39 56.04
C ASN E 87 1.53 22.57 56.83
N GLY E 88 2.79 22.99 56.78
CA GLY E 88 3.85 22.29 57.48
C GLY E 88 4.09 20.88 56.99
N ALA E 89 3.97 20.66 55.68
CA ALA E 89 4.28 19.39 55.00
C ALA E 89 4.98 19.71 53.68
N PRO E 90 6.07 19.02 53.36
CA PRO E 90 6.75 19.27 52.08
C PRO E 90 6.01 18.59 50.94
N VAL E 91 5.72 19.34 49.88
CA VAL E 91 4.96 18.84 48.75
C VAL E 91 5.55 19.36 47.44
N VAL E 92 5.14 18.73 46.34
CA VAL E 92 5.37 19.23 45.00
C VAL E 92 4.02 19.39 44.32
N LEU E 93 3.84 20.49 43.59
CA LEU E 93 2.57 20.77 42.93
C LEU E 93 2.79 20.81 41.44
N MET E 94 1.97 20.11 40.67
CA MET E 94 1.96 20.26 39.22
C MET E 94 0.92 21.33 38.86
N ASN E 95 1.41 22.52 38.53
CA ASN E 95 0.57 23.66 38.13
C ASN E 95 0.48 23.69 36.61
N GLY E 96 -0.30 22.76 36.09
CA GLY E 96 -0.34 22.55 34.67
C GLY E 96 -0.21 21.07 34.40
N ARG E 97 -1.05 20.55 33.53
CA ARG E 97 -1.10 19.12 33.27
C ARG E 97 -1.23 18.91 31.77
N LEU E 98 -0.59 17.86 31.28
CA LEU E 98 -0.63 17.49 29.87
C LEU E 98 -1.83 16.58 29.67
N ARG E 99 -2.54 16.78 28.56
CA ARG E 99 -3.72 15.95 28.31
C ARG E 99 -3.59 15.30 26.94
N SER E 100 -4.18 14.10 26.81
CA SER E 100 -3.94 13.34 25.58
C SER E 100 -4.60 14.02 24.39
N TYR E 101 -5.75 14.67 24.58
CA TYR E 101 -6.41 15.30 23.43
C TYR E 101 -5.57 16.40 22.80
N GLU E 102 -4.48 16.83 23.44
CA GLU E 102 -3.60 17.84 22.88
C GLU E 102 -2.61 17.27 21.88
N GLY E 103 -2.56 15.94 21.72
CA GLY E 103 -1.60 15.30 20.86
C GLY E 103 -0.52 14.52 21.60
N HIS E 104 -0.34 14.78 22.89
CA HIS E 104 0.70 14.06 23.63
C HIS E 104 0.33 12.59 23.80
N SER E 105 1.37 11.75 23.77
CA SER E 105 1.25 10.35 24.19
C SER E 105 0.94 10.25 25.68
N LEU E 106 0.29 9.14 26.08
CA LEU E 106 0.04 8.92 27.50
C LEU E 106 1.34 8.82 28.28
N ALA E 107 2.39 8.26 27.66
CA ALA E 107 3.69 8.19 28.31
C ALA E 107 4.20 9.58 28.64
N GLU E 108 3.97 10.54 27.75
CA GLU E 108 4.39 11.91 28.01
C GLU E 108 3.56 12.55 29.13
N THR E 109 2.28 12.22 29.23
CA THR E 109 1.45 12.81 30.30
C THR E 109 1.84 12.34 31.69
N VAL E 110 2.35 11.12 31.83
CA VAL E 110 2.69 10.58 33.15
C VAL E 110 4.18 10.56 33.41
N HIS E 111 4.99 10.95 32.43
CA HIS E 111 6.43 11.06 32.64
C HIS E 111 6.80 11.83 33.90
N PRO E 112 6.16 12.95 34.27
CA PRO E 112 6.50 13.60 35.54
C PRO E 112 6.45 12.70 36.77
N ILE E 113 5.51 11.76 36.81
CA ILE E 113 5.32 10.95 38.01
C ILE E 113 6.52 10.01 38.21
N ARG E 114 6.93 9.33 37.13
CA ARG E 114 8.17 8.55 37.17
C ARG E 114 9.34 9.39 37.69
N ALA E 115 9.56 10.56 37.07
CA ALA E 115 10.68 11.42 37.45
C ALA E 115 10.64 11.75 38.95
N LEU E 116 9.50 12.23 39.44
CA LEU E 116 9.39 12.59 40.85
C LEU E 116 9.51 11.39 41.78
N HIS E 117 9.14 10.20 41.30
CA HIS E 117 9.24 9.01 42.13
C HIS E 117 10.69 8.67 42.43
N LEU E 118 11.62 9.07 41.56
CA LEU E 118 13.04 8.84 41.81
C LEU E 118 13.60 9.74 42.89
N LEU E 119 12.82 10.70 43.39
CA LEU E 119 13.22 11.39 44.61
C LEU E 119 13.21 10.46 45.81
N GLY E 120 12.56 9.30 45.69
CA GLY E 120 12.55 8.31 46.74
C GLY E 120 11.70 8.64 47.94
N SER E 121 10.90 9.71 47.87
CA SER E 121 10.21 10.20 49.05
C SER E 121 8.71 10.32 48.89
N ILE E 122 8.22 10.61 47.68
CA ILE E 122 6.78 10.76 47.49
C ILE E 122 6.09 9.41 47.64
N ASN E 123 5.04 9.37 48.47
CA ASN E 123 4.18 8.20 48.48
C ASN E 123 2.68 8.53 48.46
N VAL E 124 2.27 9.74 48.07
CA VAL E 124 0.84 10.04 47.92
C VAL E 124 0.65 10.92 46.69
N LEU E 125 -0.24 10.51 45.79
CA LEU E 125 -0.77 11.39 44.75
C LEU E 125 -2.11 11.96 45.22
N ILE E 126 -2.21 13.28 45.24
CA ILE E 126 -3.48 13.96 45.42
C ILE E 126 -3.80 14.64 44.09
N VAL E 127 -4.88 14.20 43.46
CA VAL E 127 -5.22 14.70 42.14
C VAL E 127 -6.63 15.26 42.15
N THR E 128 -6.79 16.49 41.66
CA THR E 128 -8.11 17.08 41.49
C THR E 128 -8.39 17.27 40.00
N ASN E 129 -9.67 17.36 39.68
CA ASN E 129 -10.07 17.60 38.31
C ASN E 129 -11.49 18.14 38.33
N ALA E 130 -11.89 18.68 37.18
CA ALA E 130 -13.28 19.00 36.90
C ALA E 130 -13.90 17.83 36.15
N ALA E 131 -15.21 17.67 36.30
CA ALA E 131 -15.85 16.50 35.70
C ALA E 131 -17.31 16.81 35.46
N GLY E 132 -17.88 16.14 34.47
CA GLY E 132 -19.30 16.24 34.19
C GLY E 132 -20.05 15.22 35.04
N GLY E 133 -21.20 15.62 35.54
CA GLY E 133 -21.96 14.69 36.33
C GLY E 133 -22.81 13.76 35.48
N ILE E 134 -22.57 12.46 35.63
CA ILE E 134 -23.32 11.43 34.91
C ILE E 134 -24.39 10.81 35.81
N ASN E 135 -24.03 10.58 37.06
CA ASN E 135 -25.01 10.22 38.09
C ASN E 135 -26.11 11.30 38.17
N ALA E 136 -27.37 10.89 38.02
CA ALA E 136 -28.44 11.88 37.88
C ALA E 136 -28.65 12.67 39.17
N SER E 137 -28.19 12.16 40.31
CA SER E 137 -28.38 12.86 41.58
C SER E 137 -27.37 13.97 41.80
N PHE E 138 -26.26 13.99 41.04
CA PHE E 138 -25.25 15.04 41.16
C PHE E 138 -25.73 16.36 40.58
N LYS E 139 -25.25 17.45 41.17
CA LYS E 139 -25.53 18.77 40.64
C LYS E 139 -24.22 19.54 40.55
N ALA E 140 -24.14 20.45 39.56
CA ALA E 140 -22.98 21.33 39.45
C ALA E 140 -22.78 22.03 40.79
N GLY E 141 -21.53 22.04 41.27
CA GLY E 141 -21.29 22.54 42.60
C GLY E 141 -20.85 21.45 43.55
N ASP E 142 -21.42 20.25 43.40
CA ASP E 142 -21.00 19.12 44.21
C ASP E 142 -19.58 18.69 43.89
N LEU E 143 -18.92 18.09 44.87
CA LEU E 143 -17.68 17.36 44.67
C LEU E 143 -17.95 15.86 44.68
N MET E 144 -17.03 15.12 44.09
CA MET E 144 -17.07 13.66 44.19
C MET E 144 -15.68 13.13 44.51
N CYS E 145 -15.55 12.56 45.69
CA CYS E 145 -14.40 11.74 46.04
C CYS E 145 -14.35 10.48 45.17
N VAL E 146 -13.26 10.25 44.46
CA VAL E 146 -13.17 9.10 43.56
C VAL E 146 -12.77 7.90 44.39
N TYR E 147 -13.56 6.83 44.32
CA TYR E 147 -13.18 5.64 45.04
C TYR E 147 -13.07 4.50 44.03
N ASP E 148 -13.34 4.78 42.74
CA ASP E 148 -13.23 3.79 41.68
C ASP E 148 -13.13 4.49 40.34
N HIS E 149 -12.69 3.77 39.31
CA HIS E 149 -12.72 4.37 37.98
C HIS E 149 -13.06 3.35 36.91
N ILE E 150 -13.39 3.86 35.73
CA ILE E 150 -13.48 3.05 34.53
C ILE E 150 -12.49 3.66 33.54
N ASN E 151 -11.55 2.85 33.06
CA ASN E 151 -10.57 3.27 32.06
C ASN E 151 -10.94 2.62 30.72
N PHE E 152 -12.05 3.07 30.14
CA PHE E 152 -12.46 2.51 28.85
C PHE E 152 -11.42 2.70 27.75
N PRO E 153 -10.72 3.85 27.64
CA PRO E 153 -9.65 3.91 26.63
C PRO E 153 -8.59 2.84 26.84
N GLY E 154 -8.30 2.56 28.12
CA GLY E 154 -7.32 1.56 28.47
C GLY E 154 -7.75 0.16 28.08
N LEU E 155 -9.02 -0.19 28.33
CA LEU E 155 -9.54 -1.47 27.87
C LEU E 155 -9.37 -1.59 26.36
N CYS E 156 -9.45 -0.46 25.65
CA CYS E 156 -9.57 -0.43 24.20
C CYS E 156 -8.22 -0.18 23.53
N GLY E 157 -7.14 -0.13 24.29
CA GLY E 157 -5.79 -0.11 23.75
C GLY E 157 -4.99 1.15 23.97
N PHE E 158 -5.56 2.18 24.58
CA PHE E 158 -4.85 3.42 24.89
C PHE E 158 -4.59 3.43 26.40
N HIS E 159 -3.41 2.99 26.82
CA HIS E 159 -3.16 2.65 28.21
C HIS E 159 -1.77 3.17 28.57
N PRO E 160 -1.61 3.82 29.72
CA PRO E 160 -0.27 4.37 30.06
C PRO E 160 0.81 3.33 30.25
N LEU E 161 0.47 2.08 30.58
CA LEU E 161 1.45 1.06 30.87
C LEU E 161 1.82 0.23 29.65
N ARG E 162 1.16 0.46 28.52
CA ARG E 162 1.50 -0.24 27.28
C ARG E 162 3.00 -0.15 27.01
N GLY E 163 3.59 -1.25 26.59
CA GLY E 163 5.02 -1.32 26.33
C GLY E 163 5.73 -2.14 27.40
N ALA E 164 7.05 -2.23 27.23
CA ALA E 164 7.90 -2.90 28.21
C ALA E 164 7.65 -2.33 29.60
N ASN E 165 7.69 -3.20 30.60
CA ASN E 165 7.42 -2.82 31.97
C ASN E 165 8.64 -2.13 32.58
N PHE E 166 8.39 -1.09 33.38
CA PHE E 166 9.41 -0.51 34.26
C PHE E 166 9.51 -1.38 35.51
N ASP E 167 10.22 -2.51 35.36
CA ASP E 167 10.41 -3.47 36.45
C ASP E 167 10.94 -2.83 37.72
N GLU E 168 11.69 -1.74 37.60
CA GLU E 168 12.29 -1.08 38.75
C GLU E 168 11.26 -0.24 39.50
N PHE E 169 10.18 0.18 38.85
CA PHE E 169 9.14 0.94 39.51
C PHE E 169 7.98 0.08 40.00
N GLY E 170 7.60 -0.99 39.27
CA GLY E 170 6.46 -1.77 39.68
C GLY E 170 6.17 -2.99 38.83
N PRO E 171 5.03 -3.64 39.09
CA PRO E 171 4.77 -4.94 38.46
C PRO E 171 4.25 -4.84 37.04
N ARG E 172 4.53 -5.89 36.28
CA ARG E 172 4.01 -6.00 34.91
C ARG E 172 2.48 -5.99 34.89
N PHE E 173 1.82 -6.71 35.82
CA PHE E 173 0.36 -6.77 35.88
C PHE E 173 -0.14 -6.14 37.17
N LEU E 174 -0.73 -4.96 37.06
CA LEU E 174 -1.12 -4.14 38.19
C LEU E 174 -2.62 -4.28 38.44
N ALA E 175 -2.98 -4.66 39.67
CA ALA E 175 -4.38 -4.62 40.06
C ALA E 175 -4.80 -3.17 40.21
N THR E 176 -6.07 -2.89 39.87
CA THR E 176 -6.65 -1.58 40.13
C THR E 176 -7.96 -1.70 40.92
N SER E 177 -8.30 -2.88 41.46
CA SER E 177 -9.46 -2.95 42.35
C SER E 177 -9.17 -2.34 43.71
N ASP E 178 -7.93 -1.90 43.94
CA ASP E 178 -7.50 -1.31 45.20
C ASP E 178 -6.84 0.04 44.97
N ALA E 179 -7.27 0.78 43.94
CA ALA E 179 -6.54 1.96 43.52
C ALA E 179 -6.75 3.17 44.43
N TYR E 180 -7.88 3.24 45.16
CA TYR E 180 -8.24 4.46 45.87
C TYR E 180 -8.26 4.17 47.37
N ASP E 181 -7.12 4.42 48.01
CA ASP E 181 -6.89 4.26 49.44
C ASP E 181 -8.09 4.68 50.27
N LEU E 182 -8.49 3.82 51.23
CA LEU E 182 -9.64 4.16 52.07
C LEU E 182 -9.28 5.20 53.11
N GLU E 183 -8.13 5.04 53.78
CA GLU E 183 -7.82 5.96 54.87
C GLU E 183 -7.68 7.38 54.34
N LEU E 184 -7.12 7.55 53.13
CA LEU E 184 -7.02 8.88 52.58
C LEU E 184 -8.41 9.48 52.38
N ARG E 185 -9.39 8.65 51.97
CA ARG E 185 -10.75 9.15 51.77
C ARG E 185 -11.47 9.42 53.12
N LYS E 186 -11.19 8.64 54.18
CA LYS E 186 -11.80 8.99 55.46
C LYS E 186 -11.27 10.33 55.95
N LEU E 187 -9.97 10.54 55.76
CA LEU E 187 -9.34 11.79 56.13
C LEU E 187 -10.00 12.98 55.45
N LEU E 188 -10.38 12.85 54.18
CA LEU E 188 -10.96 13.98 53.46
C LEU E 188 -12.32 14.37 54.06
N PHE E 189 -13.17 13.38 54.31
CA PHE E 189 -14.46 13.64 54.94
C PHE E 189 -14.29 14.15 56.36
N SER E 190 -13.27 13.65 57.06
CA SER E 190 -12.95 14.22 58.37
C SER E 190 -12.63 15.71 58.25
N LYS E 191 -11.83 16.08 57.26
CA LYS E 191 -11.53 17.51 57.12
C LYS E 191 -12.74 18.28 56.62
N LYS E 192 -13.58 17.68 55.76
CA LYS E 192 -14.84 18.34 55.43
C LYS E 192 -15.59 18.71 56.70
N LYS E 193 -15.65 17.80 57.66
CA LYS E 193 -16.40 18.06 58.87
C LYS E 193 -15.71 19.09 59.77
N GLU E 194 -14.39 18.98 60.01
CA GLU E 194 -13.73 19.99 60.84
C GLU E 194 -13.99 21.37 60.30
N LEU E 195 -13.82 21.53 58.99
CA LEU E 195 -13.88 22.86 58.39
C LEU E 195 -15.30 23.35 58.19
N ASN E 196 -16.30 22.54 58.54
CA ASN E 196 -17.70 22.93 58.37
C ASN E 196 -18.02 23.30 56.92
N ILE E 197 -17.37 22.62 55.97
CA ILE E 197 -17.68 22.83 54.58
C ILE E 197 -19.01 22.16 54.28
N GLU E 198 -20.00 22.92 53.83
CA GLU E 198 -21.31 22.35 53.55
C GLU E 198 -21.42 21.74 52.16
N ARG E 199 -20.51 22.08 51.25
CA ARG E 199 -20.56 21.56 49.88
C ARG E 199 -20.64 20.04 49.91
N LYS E 200 -21.54 19.48 49.13
CA LYS E 200 -21.68 18.03 49.06
C LYS E 200 -20.40 17.37 48.55
N ILE E 201 -20.01 16.25 49.18
CA ILE E 201 -18.92 15.41 48.67
C ILE E 201 -19.47 14.00 48.48
N HIS E 202 -19.67 13.60 47.23
CA HIS E 202 -20.11 12.24 46.99
C HIS E 202 -18.89 11.32 46.99
N GLU E 203 -19.15 10.02 46.96
CA GLU E 203 -18.19 9.02 46.51
C GLU E 203 -18.74 8.30 45.29
N GLY E 204 -17.91 8.11 44.28
CA GLY E 204 -18.33 7.30 43.17
C GLY E 204 -17.24 7.10 42.15
N THR E 205 -17.67 6.75 40.94
CA THR E 205 -16.79 6.19 39.91
C THR E 205 -16.56 7.24 38.83
N TYR E 206 -15.28 7.58 38.62
CA TYR E 206 -14.82 8.50 37.57
C TYR E 206 -14.45 7.75 36.30
N SER E 207 -14.90 8.23 35.14
CA SER E 207 -14.55 7.63 33.87
C SER E 207 -13.68 8.60 33.08
N TYR E 208 -12.56 8.09 32.58
CA TYR E 208 -11.65 8.83 31.72
C TYR E 208 -12.08 8.58 30.27
N VAL E 209 -12.35 9.66 29.52
CA VAL E 209 -12.54 9.59 28.07
C VAL E 209 -11.57 10.59 27.44
N HIS E 210 -11.24 10.35 26.16
CA HIS E 210 -10.15 11.11 25.55
C HIS E 210 -10.52 12.58 25.33
N GLY E 211 -11.74 12.89 24.93
CA GLY E 211 -12.06 14.27 24.57
C GLY E 211 -11.53 14.57 23.16
N PRO E 212 -11.54 15.84 22.72
CA PRO E 212 -11.89 17.06 23.45
C PRO E 212 -13.34 17.42 23.35
N THR E 213 -14.19 16.59 22.73
CA THR E 213 -15.60 16.94 22.67
C THR E 213 -16.25 16.67 24.01
N PHE E 214 -17.26 17.47 24.33
CA PHE E 214 -18.20 17.03 25.35
C PHE E 214 -19.09 15.91 24.80
N GLU E 215 -19.58 15.08 25.74
CA GLU E 215 -20.32 13.88 25.40
C GLU E 215 -21.59 14.20 24.66
N SER E 216 -21.89 13.38 23.64
CA SER E 216 -23.25 13.36 23.12
C SER E 216 -24.20 12.75 24.13
N ARG E 217 -25.51 12.87 23.89
CA ARG E 217 -26.46 12.29 24.83
C ARG E 217 -26.29 10.78 24.93
N ALA E 218 -26.22 10.11 23.78
CA ALA E 218 -26.04 8.65 23.75
C ALA E 218 -24.73 8.25 24.41
N GLU E 219 -23.67 9.06 24.25
CA GLU E 219 -22.41 8.76 24.93
C GLU E 219 -22.57 8.87 26.45
N SER E 220 -23.33 9.85 26.93
CA SER E 220 -23.52 9.99 28.37
C SER E 220 -24.40 8.88 28.90
N ARG E 221 -25.48 8.54 28.18
CA ARG E 221 -26.30 7.42 28.59
C ARG E 221 -25.47 6.13 28.64
N PHE E 222 -24.55 5.95 27.69
CA PHE E 222 -23.69 4.77 27.69
C PHE E 222 -22.77 4.77 28.90
N LEU E 223 -22.12 5.90 29.16
CA LEU E 223 -21.26 5.99 30.34
C LEU E 223 -22.06 5.73 31.60
N ARG E 224 -23.34 6.14 31.63
CA ARG E 224 -24.15 5.93 32.83
CA ARG E 224 -24.12 5.92 32.84
C ARG E 224 -24.49 4.47 33.01
N LEU E 225 -24.97 3.82 31.94
CA LEU E 225 -25.29 2.41 32.09
C LEU E 225 -24.02 1.59 32.34
N ALA E 226 -22.85 2.14 31.97
CA ALA E 226 -21.60 1.45 32.20
C ALA E 226 -21.11 1.54 33.65
N GLY E 227 -21.75 2.38 34.48
CA GLY E 227 -21.39 2.53 35.89
C GLY E 227 -20.71 3.85 36.21
N THR E 228 -20.70 4.81 35.29
CA THR E 228 -19.99 6.06 35.52
C THR E 228 -20.79 6.99 36.41
N ASP E 229 -20.13 7.60 37.40
CA ASP E 229 -20.78 8.69 38.14
C ASP E 229 -20.39 10.08 37.67
N ALA E 230 -19.12 10.29 37.34
CA ALA E 230 -18.60 11.55 36.80
C ALA E 230 -17.64 11.22 35.65
N VAL E 231 -17.59 12.08 34.61
CA VAL E 231 -16.70 11.86 33.47
C VAL E 231 -15.75 13.04 33.30
N GLY E 232 -14.48 12.75 32.95
CA GLY E 232 -13.53 13.78 32.58
C GLY E 232 -12.48 13.29 31.58
N MET E 233 -11.53 14.16 31.24
CA MET E 233 -10.57 13.83 30.17
C MET E 233 -9.15 13.69 30.70
N SER E 234 -8.98 13.38 31.98
CA SER E 234 -7.64 13.32 32.56
C SER E 234 -7.66 12.30 33.69
N THR E 235 -6.64 12.36 34.55
CA THR E 235 -6.59 11.70 35.87
C THR E 235 -6.32 10.20 35.88
N VAL E 236 -7.16 9.37 35.23
CA VAL E 236 -6.97 7.92 35.33
C VAL E 236 -5.57 7.49 34.91
N PRO E 237 -4.97 8.00 33.82
CA PRO E 237 -3.56 7.59 33.52
C PRO E 237 -2.55 7.96 34.61
N GLU E 238 -2.72 9.14 35.22
CA GLU E 238 -1.90 9.51 36.37
C GLU E 238 -2.12 8.60 37.57
N VAL E 239 -3.38 8.26 37.86
CA VAL E 239 -3.67 7.34 38.95
C VAL E 239 -3.02 5.98 38.71
N VAL E 240 -3.18 5.45 37.49
CA VAL E 240 -2.63 4.13 37.19
C VAL E 240 -1.11 4.17 37.32
N THR E 241 -0.48 5.26 36.88
CA THR E 241 0.98 5.33 36.92
C THR E 241 1.49 5.48 38.35
N ALA E 242 0.85 6.35 39.13
CA ALA E 242 1.18 6.50 40.55
C ALA E 242 1.08 5.16 41.27
N ARG E 243 -0.02 4.42 41.04
CA ARG E 243 -0.16 3.09 41.63
C ARG E 243 0.93 2.14 41.15
N HIS E 244 1.32 2.21 39.87
CA HIS E 244 2.39 1.35 39.39
C HIS E 244 3.66 1.56 40.21
N CYS E 245 3.90 2.82 40.60
CA CYS E 245 5.03 3.24 41.43
C CYS E 245 4.85 2.91 42.90
N GLY E 246 3.67 2.45 43.31
CA GLY E 246 3.43 2.08 44.69
C GLY E 246 2.78 3.15 45.56
N TRP E 247 2.56 4.36 45.06
CA TRP E 247 1.95 5.41 45.86
C TRP E 247 0.49 5.11 46.18
N ARG E 248 0.02 5.73 47.25
CA ARG E 248 -1.42 5.83 47.49
C ARG E 248 -1.99 7.00 46.70
N VAL E 249 -3.30 6.98 46.51
CA VAL E 249 -3.98 7.94 45.66
C VAL E 249 -5.21 8.47 46.38
N LEU E 250 -5.33 9.78 46.44
CA LEU E 250 -6.55 10.50 46.78
C LEU E 250 -6.97 11.33 45.57
N ALA E 251 -8.19 11.13 45.08
CA ALA E 251 -8.64 11.81 43.88
C ALA E 251 -9.99 12.47 44.16
N LEU E 252 -10.12 13.73 43.75
CA LEU E 252 -11.29 14.55 44.04
C LEU E 252 -11.78 15.23 42.76
N SER E 253 -12.99 14.89 42.33
CA SER E 253 -13.62 15.54 41.17
C SER E 253 -14.54 16.66 41.62
N LEU E 254 -14.51 17.74 40.86
CA LEU E 254 -15.37 18.88 41.08
C LEU E 254 -16.43 18.79 39.98
N ILE E 255 -17.68 18.59 40.37
CA ILE E 255 -18.75 18.47 39.38
C ILE E 255 -19.07 19.87 38.85
N THR E 256 -18.61 20.16 37.62
CA THR E 256 -18.78 21.49 37.03
C THR E 256 -20.01 21.66 36.12
N ASN E 257 -20.71 20.58 35.81
CA ASN E 257 -21.84 20.63 34.88
C ASN E 257 -22.52 19.28 34.98
N GLU E 258 -23.80 19.26 34.59
CA GLU E 258 -24.61 18.06 34.58
C GLU E 258 -24.72 17.61 33.13
N CYS E 259 -24.19 16.42 32.83
CA CYS E 259 -24.18 15.92 31.46
C CYS E 259 -25.59 15.80 30.92
N VAL E 260 -25.78 16.13 29.63
CA VAL E 260 -27.10 16.03 28.99
C VAL E 260 -27.34 14.59 28.54
N VAL E 261 -28.34 13.94 29.13
CA VAL E 261 -28.60 12.52 28.91
C VAL E 261 -29.93 12.24 28.21
N ASP E 262 -30.93 13.12 28.29
CA ASP E 262 -32.20 12.87 27.65
C ASP E 262 -32.02 12.67 26.15
N PRO E 263 -32.86 11.85 25.51
CA PRO E 263 -32.86 11.81 24.04
C PRO E 263 -33.13 13.19 23.50
N PRO E 264 -32.56 13.52 22.33
CA PRO E 264 -32.87 14.82 21.73
C PRO E 264 -34.31 14.86 21.28
N ALA E 265 -34.83 16.08 21.17
CA ALA E 265 -36.12 16.30 20.55
C ALA E 265 -36.29 15.49 19.28
N SER E 266 -37.42 14.79 19.21
CA SER E 266 -37.89 14.09 18.02
C SER E 266 -38.49 15.06 17.02
N ALA E 267 -38.33 14.73 15.73
CA ALA E 267 -39.03 15.45 14.66
C ALA E 267 -40.54 15.33 14.80
N HIS E 268 -41.01 14.34 15.56
CA HIS E 268 -42.45 14.12 15.69
C HIS E 268 -43.05 14.86 16.86
N ASP E 269 -42.23 15.44 17.75
CA ASP E 269 -42.75 16.19 18.91
C ASP E 269 -43.36 17.53 18.49
N GLU E 270 -44.52 17.84 19.08
CA GLU E 270 -45.24 19.08 18.80
C GLU E 270 -44.67 20.25 19.59
N ASN E 271 -43.94 19.97 20.68
CA ASN E 271 -43.54 20.96 21.66
C ASN E 271 -42.08 20.75 22.07
N PRO E 272 -41.12 20.73 21.12
CA PRO E 272 -39.82 20.13 21.43
C PRO E 272 -38.97 20.99 22.38
N VAL E 273 -38.18 20.30 23.20
CA VAL E 273 -37.07 20.92 23.92
C VAL E 273 -35.93 21.24 22.95
N PRO E 274 -35.46 22.48 22.88
CA PRO E 274 -34.35 22.82 21.97
C PRO E 274 -33.09 22.00 22.27
N ILE E 275 -32.49 21.44 21.21
CA ILE E 275 -31.37 20.52 21.40
C ILE E 275 -30.17 21.22 22.03
N GLN E 276 -30.09 22.54 21.94
CA GLN E 276 -29.01 23.29 22.59
C GLN E 276 -29.21 23.47 24.10
N GLU E 277 -30.42 23.33 24.63
CA GLU E 277 -30.56 23.48 26.08
C GLU E 277 -29.59 22.63 26.87
N GLY E 278 -28.99 23.27 27.85
CA GLY E 278 -28.16 22.59 28.82
C GLY E 278 -26.78 22.21 28.34
N LYS E 279 -26.38 22.60 27.12
CA LYS E 279 -25.13 22.08 26.55
C LYS E 279 -23.92 22.56 27.32
N ALA E 280 -22.95 21.68 27.46
CA ALA E 280 -21.71 21.99 28.14
C ALA E 280 -20.91 23.04 27.37
N THR E 281 -20.26 23.92 28.11
CA THR E 281 -19.33 24.88 27.55
C THR E 281 -18.11 24.94 28.46
N HIS E 282 -16.97 25.23 27.84
CA HIS E 282 -15.75 25.45 28.62
C HIS E 282 -15.95 26.57 29.67
N GLU E 283 -16.67 27.64 29.31
CA GLU E 283 -16.90 28.76 30.24
C GLU E 283 -17.58 28.31 31.52
N GLU E 284 -18.67 27.55 31.40
CA GLU E 284 -19.38 27.01 32.56
C GLU E 284 -18.45 26.18 33.42
N VAL E 285 -17.58 25.37 32.79
CA VAL E 285 -16.63 24.57 33.56
C VAL E 285 -15.70 25.48 34.36
N LEU E 286 -15.16 26.52 33.72
CA LEU E 286 -14.22 27.42 34.40
C LEU E 286 -14.90 28.18 35.52
N GLU E 287 -16.12 28.65 35.29
CA GLU E 287 -16.82 29.39 36.33
C GLU E 287 -17.08 28.51 37.56
N ASN E 288 -17.59 27.28 37.35
CA ASN E 288 -17.85 26.42 38.50
C ASN E 288 -16.58 25.93 39.18
N SER E 289 -15.49 25.74 38.44
CA SER E 289 -14.22 25.43 39.10
C SER E 289 -13.81 26.54 40.04
N ALA E 290 -13.80 27.77 39.54
CA ALA E 290 -13.44 28.90 40.40
C ALA E 290 -14.38 29.01 41.61
N LYS E 291 -15.69 28.77 41.42
CA LYS E 291 -16.62 28.92 42.53
C LYS E 291 -16.36 27.90 43.63
N ALA E 292 -15.89 26.72 43.27
CA ALA E 292 -15.60 25.69 44.24
C ALA E 292 -14.15 25.72 44.71
N SER E 293 -13.33 26.61 44.15
CA SER E 293 -11.89 26.49 44.36
C SER E 293 -11.51 26.66 45.82
N LYS E 294 -12.20 27.56 46.52
CA LYS E 294 -11.92 27.88 47.91
C LYS E 294 -12.09 26.66 48.81
N ASP E 295 -13.20 25.92 48.67
CA ASP E 295 -13.40 24.69 49.44
C ASP E 295 -12.35 23.63 49.14
N VAL E 296 -12.03 23.44 47.85
CA VAL E 296 -11.07 22.39 47.48
C VAL E 296 -9.69 22.72 48.03
N GLN E 297 -9.25 23.97 47.88
CA GLN E 297 -7.99 24.42 48.47
C GLN E 297 -7.94 24.13 49.96
N GLU E 298 -8.99 24.53 50.68
CA GLU E 298 -8.99 24.38 52.13
C GLU E 298 -8.98 22.90 52.52
N LEU E 299 -9.56 22.04 51.69
CA LEU E 299 -9.54 20.61 51.99
C LEU E 299 -8.15 20.03 51.80
N ILE E 300 -7.50 20.33 50.68
CA ILE E 300 -6.17 19.79 50.42
C ILE E 300 -5.17 20.32 51.43
N PHE E 301 -5.25 21.62 51.74
CA PHE E 301 -4.39 22.20 52.79
C PHE E 301 -4.46 21.39 54.07
N SER E 302 -5.68 21.05 54.51
CA SER E 302 -5.84 20.25 55.72
C SER E 302 -5.26 18.86 55.56
N VAL E 303 -5.58 18.20 54.45
CA VAL E 303 -5.20 16.79 54.28
C VAL E 303 -3.68 16.64 54.29
N VAL E 304 -2.95 17.53 53.58
CA VAL E 304 -1.52 17.31 53.37
C VAL E 304 -0.77 17.28 54.69
N ALA E 305 -1.31 17.91 55.74
CA ALA E 305 -0.71 17.80 57.07
C ALA E 305 -0.71 16.36 57.56
N GLU E 306 -1.79 15.60 57.34
CA GLU E 306 -1.97 14.31 58.00
C GLU E 306 -1.69 13.11 57.08
N ILE E 307 -0.97 13.31 55.98
CA ILE E 307 -0.64 12.22 55.07
C ILE E 307 0.74 11.66 55.38
N ASP F 6 3.14 21.56 12.66
CA ASP F 6 2.37 20.49 12.02
C ASP F 6 0.95 20.93 11.69
N ILE F 7 0.24 21.47 12.69
CA ILE F 7 -1.02 22.14 12.39
C ILE F 7 -0.80 23.19 11.30
N ASN F 8 0.37 23.80 11.24
CA ASN F 8 0.58 24.83 10.22
C ASN F 8 0.62 24.23 8.83
N GLU F 9 1.20 23.04 8.67
CA GLU F 9 1.19 22.38 7.36
C GLU F 9 -0.22 22.00 6.97
N GLN F 10 -1.00 21.50 7.93
CA GLN F 10 -2.41 21.22 7.70
C GLN F 10 -3.17 22.48 7.30
N ARG F 11 -2.90 23.61 7.97
CA ARG F 11 -3.60 24.84 7.60
C ARG F 11 -3.20 25.28 6.21
N ALA F 12 -1.91 25.19 5.92
CA ALA F 12 -1.38 25.48 4.56
C ALA F 12 -2.09 24.65 3.48
N LEU F 13 -2.28 23.34 3.72
CA LEU F 13 -2.92 22.49 2.71
C LEU F 13 -4.42 22.77 2.58
N ILE F 14 -5.07 23.09 3.70
CA ILE F 14 -6.47 23.48 3.64
C ILE F 14 -6.63 24.75 2.80
N LYS F 15 -5.78 25.75 3.04
CA LYS F 15 -5.84 26.96 2.25
C LYS F 15 -5.52 26.72 0.77
N SER F 16 -4.55 25.85 0.50
CA SER F 16 -4.23 25.44 -0.88
C SER F 16 -5.44 24.85 -1.58
N ALA F 17 -6.08 23.90 -0.92
CA ALA F 17 -7.25 23.26 -1.48
C ALA F 17 -8.31 24.29 -1.80
N HIS F 18 -8.56 25.21 -0.86
CA HIS F 18 -9.60 26.23 -1.04
C HIS F 18 -9.25 27.15 -2.20
N ARG F 19 -7.98 27.59 -2.27
CA ARG F 19 -7.48 28.44 -3.35
C ARG F 19 -7.70 27.77 -4.69
N TYR F 20 -7.36 26.48 -4.78
CA TYR F 20 -7.51 25.78 -6.04
C TYR F 20 -8.99 25.64 -6.39
N ILE F 21 -9.82 25.26 -5.40
CA ILE F 21 -11.25 25.06 -5.66
C ILE F 21 -11.91 26.37 -6.06
N SER F 22 -11.61 27.44 -5.32
CA SER F 22 -12.23 28.71 -5.56
C SER F 22 -11.88 29.24 -6.96
N GLU F 23 -10.65 28.97 -7.41
CA GLU F 23 -10.28 29.41 -8.75
C GLU F 23 -11.02 28.61 -9.82
N LYS F 24 -11.16 27.30 -9.62
CA LYS F 24 -11.85 26.48 -10.61
C LYS F 24 -13.30 26.91 -10.75
N LEU F 25 -13.92 27.29 -9.62
CA LEU F 25 -15.30 27.75 -9.65
C LEU F 25 -15.39 29.11 -10.35
N GLU F 26 -14.48 30.01 -10.00
CA GLU F 26 -14.45 31.33 -10.62
C GLU F 26 -14.35 31.22 -12.13
N ASP F 27 -13.49 30.34 -12.61
CA ASP F 27 -13.28 30.18 -14.05
C ASP F 27 -14.41 29.42 -14.73
N HIS F 28 -15.19 28.64 -13.99
CA HIS F 28 -16.14 27.75 -14.63
C HIS F 28 -17.56 28.32 -14.69
N PHE F 29 -18.05 28.90 -13.60
CA PHE F 29 -19.42 29.40 -13.52
C PHE F 29 -19.54 30.87 -13.94
N SER F 30 -20.61 31.16 -14.69
CA SER F 30 -20.96 32.51 -15.11
C SER F 30 -20.93 33.47 -13.93
N SER F 31 -21.78 33.18 -12.95
CA SER F 31 -22.02 33.95 -11.76
C SER F 31 -21.37 33.25 -10.57
N GLU F 32 -21.15 34.00 -9.49
CA GLU F 32 -20.50 33.43 -8.31
C GLU F 32 -21.23 32.18 -7.84
N PHE F 33 -20.48 31.12 -7.57
CA PHE F 33 -21.04 29.87 -7.06
C PHE F 33 -20.79 29.79 -5.56
N LEU F 34 -21.87 29.82 -4.78
CA LEU F 34 -21.78 29.84 -3.32
C LEU F 34 -22.63 28.69 -2.84
N PRO F 35 -22.08 27.48 -2.75
CA PRO F 35 -22.88 26.35 -2.28
C PRO F 35 -23.35 26.49 -0.83
N LYS F 36 -24.59 26.10 -0.61
CA LYS F 36 -25.17 26.17 0.71
C LYS F 36 -25.02 24.87 1.50
N ALA F 37 -24.82 23.75 0.80
CA ALA F 37 -24.72 22.46 1.47
C ALA F 37 -23.59 21.64 0.87
N LEU F 38 -22.97 20.81 1.70
CA LEU F 38 -22.15 19.70 1.24
C LEU F 38 -22.93 18.42 1.45
N VAL F 39 -23.14 17.66 0.39
CA VAL F 39 -23.80 16.35 0.46
C VAL F 39 -22.71 15.29 0.33
N ILE F 40 -22.51 14.49 1.37
CA ILE F 40 -21.59 13.35 1.30
C ILE F 40 -22.39 12.10 1.00
N CYS F 41 -22.12 11.45 -0.15
CA CYS F 41 -22.87 10.27 -0.57
C CYS F 41 -22.11 9.00 -0.18
N GLY F 42 -22.72 8.19 0.70
CA GLY F 42 -22.15 6.94 1.15
C GLY F 42 -22.29 5.80 0.12
N GLU F 43 -21.96 4.58 0.58
CA GLU F 43 -21.85 3.43 -0.32
C GLU F 43 -23.22 3.05 -0.88
N GLY F 44 -23.30 2.86 -2.21
CA GLY F 44 -24.56 2.58 -2.88
C GLY F 44 -25.41 3.81 -3.18
N LEU F 45 -24.96 5.01 -2.80
CA LEU F 45 -25.74 6.24 -2.90
C LEU F 45 -25.11 7.24 -3.88
N SER F 46 -24.26 6.74 -4.79
CA SER F 46 -23.61 7.59 -5.78
C SER F 46 -24.60 8.22 -6.76
N GLY F 47 -25.79 7.62 -6.91
CA GLY F 47 -26.83 8.12 -7.79
C GLY F 47 -27.38 9.47 -7.41
N ILE F 48 -26.98 10.01 -6.26
CA ILE F 48 -27.40 11.37 -5.92
C ILE F 48 -26.88 12.38 -6.95
N SER F 49 -25.79 12.02 -7.64
CA SER F 49 -25.23 12.91 -8.66
C SER F 49 -26.16 13.10 -9.84
N THR F 50 -27.02 12.12 -10.13
CA THR F 50 -28.05 12.27 -11.15
C THR F 50 -29.02 13.42 -10.86
N LYS F 51 -29.10 13.86 -9.61
CA LYS F 51 -30.00 14.93 -9.22
C LYS F 51 -29.42 16.33 -9.47
N ILE F 52 -28.16 16.43 -9.92
CA ILE F 52 -27.54 17.70 -10.30
C ILE F 52 -28.04 18.11 -11.68
N ALA F 53 -28.37 19.40 -11.83
CA ALA F 53 -28.90 19.86 -13.13
C ALA F 53 -27.79 19.92 -14.17
N ASP F 54 -28.15 19.64 -15.42
CA ASP F 54 -27.18 19.80 -16.49
C ASP F 54 -26.95 21.26 -16.86
N GLU F 55 -27.86 22.15 -16.46
CA GLU F 55 -27.70 23.58 -16.73
C GLU F 55 -28.00 24.37 -15.46
N PRO F 56 -27.10 25.27 -15.02
CA PRO F 56 -25.71 25.52 -15.44
C PRO F 56 -24.89 24.26 -15.38
N LYS F 57 -23.97 24.09 -16.33
CA LYS F 57 -23.20 22.87 -16.40
C LYS F 57 -22.40 22.68 -15.11
N PRO F 58 -22.50 21.52 -14.45
CA PRO F 58 -21.77 21.33 -13.19
C PRO F 58 -20.25 21.30 -13.39
N LEU F 59 -19.52 21.61 -12.32
CA LEU F 59 -18.06 21.48 -12.30
C LEU F 59 -17.68 20.23 -11.52
N ILE F 60 -16.89 19.37 -12.14
CA ILE F 60 -16.46 18.11 -11.54
C ILE F 60 -14.95 18.18 -11.31
N LEU F 61 -14.51 17.99 -10.06
CA LEU F 61 -13.08 18.00 -9.73
C LEU F 61 -12.68 16.67 -9.11
N SER F 62 -11.80 15.95 -9.77
CA SER F 62 -11.25 14.74 -9.21
C SER F 62 -10.40 15.08 -7.98
N TYR F 63 -10.47 14.25 -6.95
CA TYR F 63 -9.63 14.45 -5.77
C TYR F 63 -8.15 14.55 -6.10
N SER F 64 -7.71 13.89 -7.18
CA SER F 64 -6.31 13.81 -7.57
C SER F 64 -5.76 15.19 -7.87
N THR F 65 -6.63 16.04 -8.34
CA THR F 65 -6.43 17.43 -8.71
C THR F 65 -6.40 18.41 -7.53
N ILE F 66 -7.00 18.07 -6.40
CA ILE F 66 -7.24 19.03 -5.33
C ILE F 66 -6.08 18.89 -4.34
N PRO F 67 -5.25 19.89 -4.18
CA PRO F 67 -4.19 19.81 -3.17
C PRO F 67 -4.63 19.22 -1.84
N GLY F 68 -3.82 18.27 -1.35
CA GLY F 68 -4.02 17.64 -0.06
C GLY F 68 -5.10 16.59 0.03
N PHE F 69 -5.92 16.39 -1.00
CA PHE F 69 -6.94 15.35 -0.93
C PHE F 69 -6.33 13.96 -1.16
N LYS F 70 -6.81 12.99 -0.37
CA LYS F 70 -6.73 11.55 -0.67
C LYS F 70 -7.47 11.24 -1.97
N SER F 78 -10.24 7.77 -6.14
CA SER F 78 -11.12 7.74 -7.29
C SER F 78 -12.28 8.75 -7.15
N GLY F 79 -12.37 9.40 -5.99
CA GLY F 79 -13.50 10.27 -5.71
C GLY F 79 -13.46 11.61 -6.42
N GLU F 80 -14.54 12.36 -6.27
CA GLU F 80 -14.67 13.62 -6.97
C GLU F 80 -15.61 14.54 -6.21
N LEU F 81 -15.35 15.84 -6.33
CA LEU F 81 -16.26 16.86 -5.89
C LEU F 81 -17.08 17.32 -7.09
N ILE F 82 -18.39 17.37 -6.92
CA ILE F 82 -19.30 17.85 -7.96
C ILE F 82 -19.95 19.12 -7.45
N PHE F 83 -19.78 20.21 -8.19
CA PHE F 83 -20.36 21.50 -7.83
C PHE F 83 -21.44 21.82 -8.85
N GLY F 84 -22.66 22.08 -8.38
CA GLY F 84 -23.70 22.40 -9.33
C GLY F 84 -25.02 22.66 -8.64
N TYR F 85 -26.09 22.70 -9.41
CA TYR F 85 -27.38 23.09 -8.87
C TYR F 85 -28.26 21.86 -8.69
N MET F 86 -28.81 21.71 -7.49
CA MET F 86 -29.76 20.65 -7.19
C MET F 86 -31.10 21.26 -6.82
N ASN F 87 -32.12 21.02 -7.64
CA ASN F 87 -33.45 21.57 -7.33
C ASN F 87 -33.34 23.07 -7.08
N GLY F 88 -32.54 23.75 -7.90
CA GLY F 88 -32.39 25.18 -7.78
C GLY F 88 -31.40 25.66 -6.73
N ALA F 89 -30.86 24.76 -5.90
CA ALA F 89 -29.95 25.11 -4.82
C ALA F 89 -28.50 24.80 -5.21
N PRO F 90 -27.55 25.72 -4.99
CA PRO F 90 -26.14 25.40 -5.27
C PRO F 90 -25.59 24.52 -4.16
N VAL F 91 -24.96 23.41 -4.54
CA VAL F 91 -24.46 22.44 -3.56
C VAL F 91 -23.12 21.92 -4.03
N VAL F 92 -22.46 21.18 -3.14
CA VAL F 92 -21.25 20.41 -3.44
C VAL F 92 -21.53 18.99 -3.00
N LEU F 93 -21.27 18.03 -3.88
CA LEU F 93 -21.41 16.61 -3.58
C LEU F 93 -20.02 15.99 -3.50
N MET F 94 -19.83 15.11 -2.53
CA MET F 94 -18.61 14.35 -2.35
C MET F 94 -19.04 12.93 -2.73
N ASN F 95 -18.77 12.50 -3.99
CA ASN F 95 -18.83 11.07 -4.35
C ASN F 95 -17.50 10.42 -4.07
N GLY F 96 -17.44 9.71 -2.95
CA GLY F 96 -16.22 9.28 -2.34
C GLY F 96 -16.34 9.54 -0.87
N ARG F 97 -15.43 8.99 -0.06
CA ARG F 97 -15.37 9.26 1.37
C ARG F 97 -13.96 8.95 1.89
N SER F 105 -4.76 11.41 11.27
CA SER F 105 -5.20 10.36 10.34
C SER F 105 -6.69 10.50 10.03
N LEU F 106 -7.50 10.76 11.07
CA LEU F 106 -8.83 11.28 10.78
C LEU F 106 -8.76 12.71 10.24
N ALA F 107 -7.69 13.45 10.55
CA ALA F 107 -7.58 14.83 10.07
C ALA F 107 -7.49 14.88 8.56
N GLU F 108 -6.85 13.89 7.94
CA GLU F 108 -6.81 13.87 6.50
C GLU F 108 -8.18 13.46 5.94
N THR F 109 -8.94 12.66 6.71
CA THR F 109 -10.32 12.31 6.37
C THR F 109 -11.24 13.53 6.32
N VAL F 110 -11.00 14.52 7.17
CA VAL F 110 -11.90 15.66 7.26
C VAL F 110 -11.27 16.96 6.76
N HIS F 111 -10.03 16.92 6.25
CA HIS F 111 -9.47 18.04 5.46
C HIS F 111 -10.48 18.64 4.47
N PRO F 112 -11.25 17.87 3.71
CA PRO F 112 -12.13 18.48 2.71
C PRO F 112 -13.22 19.37 3.31
N ILE F 113 -13.72 19.03 4.50
CA ILE F 113 -14.75 19.87 5.10
C ILE F 113 -14.17 21.23 5.46
N ARG F 114 -12.94 21.26 5.98
CA ARG F 114 -12.34 22.54 6.33
CA ARG F 114 -12.32 22.54 6.33
C ARG F 114 -12.00 23.37 5.10
N ALA F 115 -11.50 22.70 4.03
CA ALA F 115 -11.24 23.40 2.77
C ALA F 115 -12.51 24.04 2.23
N LEU F 116 -13.62 23.28 2.23
CA LEU F 116 -14.86 23.79 1.68
C LEU F 116 -15.47 24.86 2.56
N HIS F 117 -15.26 24.77 3.89
CA HIS F 117 -15.68 25.83 4.80
C HIS F 117 -15.06 27.16 4.43
N LEU F 118 -13.88 27.17 3.79
CA LEU F 118 -13.28 28.44 3.42
C LEU F 118 -14.01 29.14 2.27
N LEU F 119 -14.94 28.46 1.58
CA LEU F 119 -15.77 29.16 0.58
C LEU F 119 -16.70 30.19 1.22
N GLY F 120 -17.01 30.02 2.50
CA GLY F 120 -17.74 30.98 3.28
C GLY F 120 -19.25 30.91 3.14
N SER F 121 -19.76 29.92 2.45
CA SER F 121 -21.17 29.86 2.13
C SER F 121 -21.88 28.62 2.68
N ILE F 122 -21.19 27.51 2.88
CA ILE F 122 -21.83 26.26 3.30
C ILE F 122 -22.18 26.38 4.77
N ASN F 123 -23.42 26.06 5.12
CA ASN F 123 -23.80 25.94 6.51
C ASN F 123 -24.61 24.67 6.82
N VAL F 124 -24.63 23.71 5.89
CA VAL F 124 -25.29 22.42 6.08
C VAL F 124 -24.42 21.29 5.54
N LEU F 125 -24.20 20.28 6.38
CA LEU F 125 -23.74 18.96 5.95
C LEU F 125 -24.92 18.01 5.87
N ILE F 126 -25.10 17.40 4.70
CA ILE F 126 -26.02 16.29 4.56
C ILE F 126 -25.13 15.07 4.31
N VAL F 127 -25.20 14.10 5.20
CA VAL F 127 -24.35 12.92 5.07
C VAL F 127 -25.19 11.65 5.09
N THR F 128 -24.97 10.79 4.08
CA THR F 128 -25.67 9.51 3.98
C THR F 128 -24.68 8.36 4.05
N ASN F 129 -25.17 7.21 4.51
CA ASN F 129 -24.33 6.04 4.74
C ASN F 129 -25.18 4.78 4.69
N ALA F 130 -24.52 3.65 4.52
CA ALA F 130 -25.14 2.36 4.75
C ALA F 130 -24.71 1.89 6.12
N ALA F 131 -25.62 1.25 6.83
CA ALA F 131 -25.35 0.91 8.23
C ALA F 131 -26.00 -0.42 8.54
N GLY F 132 -25.46 -1.11 9.54
CA GLY F 132 -26.09 -2.33 10.04
C GLY F 132 -27.18 -2.01 11.06
N GLY F 133 -28.24 -2.81 11.04
CA GLY F 133 -29.34 -2.60 11.97
C GLY F 133 -29.01 -3.26 13.30
N ILE F 134 -29.07 -2.48 14.36
CA ILE F 134 -28.88 -2.99 15.71
C ILE F 134 -30.20 -2.99 16.48
N ASN F 135 -30.97 -1.92 16.34
CA ASN F 135 -32.29 -1.88 16.95
C ASN F 135 -33.13 -3.04 16.41
N ALA F 136 -33.79 -3.78 17.31
CA ALA F 136 -34.50 -5.00 16.93
C ALA F 136 -35.67 -4.74 15.97
N SER F 137 -36.20 -3.52 15.97
CA SER F 137 -37.29 -3.16 15.09
C SER F 137 -36.88 -2.94 13.65
N PHE F 138 -35.59 -2.70 13.41
CA PHE F 138 -35.15 -2.26 12.10
C PHE F 138 -35.09 -3.44 11.13
N LYS F 139 -35.46 -3.18 9.88
CA LYS F 139 -35.37 -4.14 8.79
C LYS F 139 -34.41 -3.64 7.73
N ALA F 140 -33.84 -4.59 6.99
CA ALA F 140 -33.09 -4.23 5.80
C ALA F 140 -33.99 -3.45 4.85
N GLY F 141 -33.45 -2.37 4.29
CA GLY F 141 -34.24 -1.46 3.46
C GLY F 141 -34.87 -0.29 4.19
N ASP F 142 -35.05 -0.37 5.52
CA ASP F 142 -35.42 0.81 6.31
C ASP F 142 -34.35 1.89 6.24
N LEU F 143 -34.75 3.14 6.43
CA LEU F 143 -33.82 4.24 6.67
C LEU F 143 -33.86 4.62 8.14
N MET F 144 -32.81 5.32 8.58
CA MET F 144 -32.81 5.89 9.92
C MET F 144 -32.20 7.29 9.86
N CYS F 145 -33.03 8.29 10.14
CA CYS F 145 -32.52 9.63 10.40
C CYS F 145 -31.71 9.63 11.70
N VAL F 146 -30.46 10.10 11.64
CA VAL F 146 -29.56 10.08 12.78
C VAL F 146 -29.85 11.29 13.66
N TYR F 147 -30.16 11.08 14.94
CA TYR F 147 -30.43 12.23 15.79
C TYR F 147 -29.45 12.21 16.95
N ASP F 148 -28.52 11.25 16.97
CA ASP F 148 -27.53 11.18 18.02
C ASP F 148 -26.48 10.17 17.59
N HIS F 149 -25.34 10.19 18.26
CA HIS F 149 -24.37 9.16 17.91
C HIS F 149 -23.54 8.79 19.12
N ILE F 150 -22.82 7.67 19.01
CA ILE F 150 -21.79 7.28 19.97
C ILE F 150 -20.50 7.18 19.20
N ASN F 151 -19.53 8.06 19.52
CA ASN F 151 -18.22 8.03 18.86
C ASN F 151 -17.29 7.14 19.69
N PHE F 152 -17.37 5.81 19.48
CA PHE F 152 -16.51 4.93 20.27
C PHE F 152 -15.02 5.19 20.12
N PRO F 153 -14.46 5.27 18.91
CA PRO F 153 -13.02 5.57 18.82
C PRO F 153 -12.69 6.90 19.43
N GLY F 154 -13.57 7.88 19.28
CA GLY F 154 -13.33 9.20 19.86
C GLY F 154 -13.26 9.20 21.38
N LEU F 155 -14.06 8.35 22.05
CA LEU F 155 -13.90 8.20 23.48
C LEU F 155 -12.50 7.72 23.86
N CYS F 156 -11.84 6.98 22.95
CA CYS F 156 -10.62 6.26 23.30
C CYS F 156 -9.37 6.95 22.81
N GLY F 157 -9.47 7.77 21.77
CA GLY F 157 -8.27 8.48 21.35
C GLY F 157 -8.04 8.59 19.86
N PHE F 158 -8.96 8.09 19.06
CA PHE F 158 -8.92 8.29 17.61
CA PHE F 158 -8.92 8.28 17.62
C PHE F 158 -10.06 9.25 17.34
N HIS F 159 -9.72 10.54 17.16
CA HIS F 159 -10.69 11.61 17.19
C HIS F 159 -10.28 12.69 16.19
N PRO F 160 -11.20 13.17 15.35
CA PRO F 160 -10.82 14.16 14.32
C PRO F 160 -10.32 15.47 14.89
N LEU F 161 -10.63 15.77 16.16
CA LEU F 161 -10.22 17.02 16.80
C LEU F 161 -9.00 16.86 17.69
N ARG F 162 -8.47 15.64 17.84
CA ARG F 162 -7.24 15.44 18.58
C ARG F 162 -6.12 16.31 18.01
N GLY F 163 -5.24 16.81 18.86
CA GLY F 163 -4.16 17.67 18.42
C GLY F 163 -4.48 19.12 18.71
N ALA F 164 -3.63 19.99 18.18
CA ALA F 164 -3.87 21.43 18.28
C ALA F 164 -5.22 21.79 17.68
N ASN F 165 -5.98 22.60 18.42
CA ASN F 165 -7.25 23.07 17.93
C ASN F 165 -7.07 24.06 16.78
N PHE F 166 -7.99 24.02 15.83
CA PHE F 166 -8.06 25.04 14.78
C PHE F 166 -8.87 26.20 15.34
N ASP F 167 -8.19 27.14 16.04
CA ASP F 167 -8.92 28.19 16.75
C ASP F 167 -9.71 29.07 15.82
N GLU F 168 -9.25 29.25 14.56
CA GLU F 168 -9.99 30.10 13.67
C GLU F 168 -11.30 29.49 13.18
N PHE F 169 -11.53 28.19 13.41
CA PHE F 169 -12.73 27.50 12.94
C PHE F 169 -13.76 27.26 14.04
N GLY F 170 -13.32 26.87 15.22
CA GLY F 170 -14.24 26.41 16.24
C GLY F 170 -13.57 26.23 17.57
N PRO F 171 -14.34 25.84 18.58
CA PRO F 171 -13.84 25.82 19.96
C PRO F 171 -12.94 24.63 20.29
N ARG F 172 -12.05 24.85 21.28
CA ARG F 172 -11.23 23.75 21.80
C ARG F 172 -12.13 22.60 22.31
N PHE F 173 -13.20 22.94 23.03
CA PHE F 173 -14.08 21.93 23.61
C PHE F 173 -15.46 22.08 23.01
N LEU F 174 -15.80 21.17 22.12
CA LEU F 174 -17.02 21.24 21.30
C LEU F 174 -18.10 20.34 21.90
N ALA F 175 -19.27 20.90 22.18
CA ALA F 175 -20.41 20.08 22.59
C ALA F 175 -20.95 19.29 21.40
N THR F 176 -21.50 18.10 21.71
CA THR F 176 -22.19 17.27 20.71
C THR F 176 -23.57 16.81 21.13
N SER F 177 -24.11 17.29 22.27
CA SER F 177 -25.51 17.04 22.57
C SER F 177 -26.44 17.79 21.62
N ASP F 178 -25.95 18.79 20.89
CA ASP F 178 -26.77 19.48 19.90
C ASP F 178 -26.31 19.19 18.46
N ALA F 179 -25.82 17.97 18.19
CA ALA F 179 -25.20 17.77 16.88
C ALA F 179 -26.18 17.63 15.73
N TYR F 180 -27.44 17.21 15.97
CA TYR F 180 -28.30 16.84 14.85
C TYR F 180 -29.52 17.79 14.86
N ASP F 181 -29.37 18.89 14.12
CA ASP F 181 -30.37 19.95 13.97
C ASP F 181 -31.79 19.42 13.88
N LEU F 182 -32.68 19.96 14.72
CA LEU F 182 -34.07 19.50 14.75
C LEU F 182 -34.82 19.87 13.47
N GLU F 183 -34.70 21.13 13.06
CA GLU F 183 -35.45 21.64 11.91
C GLU F 183 -35.07 20.91 10.63
N LEU F 184 -33.81 20.54 10.48
CA LEU F 184 -33.48 19.73 9.30
C LEU F 184 -34.12 18.35 9.37
N ARG F 185 -34.20 17.74 10.56
CA ARG F 185 -34.90 16.44 10.63
C ARG F 185 -36.39 16.59 10.38
N LYS F 186 -37.03 17.64 10.94
CA LYS F 186 -38.43 17.88 10.63
C LYS F 186 -38.61 18.13 9.13
N LEU F 187 -37.67 18.84 8.52
CA LEU F 187 -37.72 19.06 7.07
C LEU F 187 -37.72 17.74 6.32
N LEU F 188 -36.82 16.83 6.71
CA LEU F 188 -36.74 15.52 6.05
C LEU F 188 -38.06 14.77 6.15
N PHE F 189 -38.68 14.76 7.36
CA PHE F 189 -39.94 14.02 7.53
C PHE F 189 -41.08 14.68 6.78
N SER F 190 -41.05 15.99 6.64
CA SER F 190 -42.13 16.60 5.87
C SER F 190 -41.96 16.31 4.37
N LYS F 191 -40.72 16.12 3.93
CA LYS F 191 -40.54 15.73 2.53
C LYS F 191 -40.87 14.26 2.32
N LYS F 192 -40.67 13.41 3.33
CA LYS F 192 -41.17 12.05 3.24
C LYS F 192 -42.67 12.04 3.07
N LYS F 193 -43.36 12.94 3.79
CA LYS F 193 -44.80 13.11 3.66
C LYS F 193 -45.16 13.62 2.26
N GLU F 194 -44.46 14.66 1.81
CA GLU F 194 -44.81 15.30 0.55
C GLU F 194 -44.55 14.39 -0.64
N LEU F 195 -43.54 13.54 -0.57
CA LEU F 195 -43.27 12.62 -1.66
C LEU F 195 -44.03 11.30 -1.53
N ASN F 196 -44.80 11.12 -0.46
CA ASN F 196 -45.41 9.81 -0.17
C ASN F 196 -44.38 8.69 -0.24
N ILE F 197 -43.20 8.92 0.32
CA ILE F 197 -42.27 7.80 0.48
C ILE F 197 -42.76 6.92 1.62
N GLU F 198 -43.13 5.69 1.28
CA GLU F 198 -43.70 4.72 2.21
C GLU F 198 -42.63 4.02 3.05
N ARG F 199 -41.41 3.88 2.52
CA ARG F 199 -40.25 3.36 3.25
C ARG F 199 -40.14 3.95 4.64
N LYS F 200 -39.96 3.09 5.64
CA LYS F 200 -39.82 3.60 7.01
C LYS F 200 -38.56 4.44 7.16
N ILE F 201 -38.70 5.55 7.89
CA ILE F 201 -37.57 6.38 8.31
C ILE F 201 -37.63 6.45 9.83
N HIS F 202 -36.81 5.62 10.47
CA HIS F 202 -36.67 5.63 11.92
C HIS F 202 -35.87 6.85 12.33
N GLU F 203 -35.83 7.12 13.63
CA GLU F 203 -34.99 8.19 14.14
C GLU F 203 -34.21 7.57 15.29
N GLY F 204 -32.89 7.63 15.24
CA GLY F 204 -32.13 6.87 16.22
C GLY F 204 -30.67 7.24 16.32
N THR F 205 -29.93 6.39 17.05
CA THR F 205 -28.54 6.63 17.42
C THR F 205 -27.64 5.80 16.54
N TYR F 206 -26.66 6.45 15.89
CA TYR F 206 -25.66 5.80 15.05
C TYR F 206 -24.39 5.60 15.85
N SER F 207 -23.91 4.37 15.95
CA SER F 207 -22.61 4.15 16.62
C SER F 207 -21.52 3.97 15.59
N TYR F 208 -20.45 4.72 15.76
CA TYR F 208 -19.26 4.68 14.92
C TYR F 208 -18.24 3.73 15.56
N VAL F 209 -17.87 2.68 14.83
CA VAL F 209 -16.87 1.71 15.28
C VAL F 209 -15.92 1.42 14.12
N HIS F 210 -14.94 0.56 14.36
CA HIS F 210 -14.02 0.10 13.33
C HIS F 210 -14.22 -1.39 13.11
N GLY F 211 -14.30 -1.82 11.84
CA GLY F 211 -14.59 -3.19 11.46
C GLY F 211 -15.97 -3.77 11.81
N PRO F 212 -17.07 -2.99 11.69
CA PRO F 212 -18.40 -3.56 11.97
C PRO F 212 -18.76 -4.77 11.13
N THR F 213 -18.45 -4.72 9.83
CA THR F 213 -18.88 -5.76 8.88
C THR F 213 -18.68 -7.17 9.43
N PHE F 214 -17.53 -7.42 10.06
CA PHE F 214 -17.29 -8.73 10.65
C PHE F 214 -17.35 -8.70 12.18
N GLU F 215 -18.43 -8.16 12.76
CA GLU F 215 -18.56 -8.12 14.21
C GLU F 215 -19.43 -9.29 14.66
N SER F 216 -19.15 -9.80 15.86
CA SER F 216 -19.74 -11.04 16.35
C SER F 216 -21.14 -10.81 16.87
N ARG F 217 -21.84 -11.92 17.15
CA ARG F 217 -23.13 -11.80 17.84
C ARG F 217 -22.98 -11.07 19.16
N ALA F 218 -21.93 -11.39 19.93
CA ALA F 218 -21.70 -10.76 21.23
C ALA F 218 -21.38 -9.28 21.08
N GLU F 219 -20.61 -8.91 20.06
CA GLU F 219 -20.35 -7.49 19.85
C GLU F 219 -21.64 -6.74 19.50
N SER F 220 -22.48 -7.32 18.65
CA SER F 220 -23.73 -6.66 18.27
C SER F 220 -24.64 -6.52 19.46
N ARG F 221 -24.73 -7.59 20.26
CA ARG F 221 -25.48 -7.52 21.50
C ARG F 221 -24.93 -6.45 22.43
N PHE F 222 -23.60 -6.30 22.51
CA PHE F 222 -23.03 -5.22 23.32
C PHE F 222 -23.46 -3.85 22.80
N LEU F 223 -23.34 -3.66 21.47
CA LEU F 223 -23.70 -2.37 20.87
C LEU F 223 -25.17 -2.05 21.14
N ARG F 224 -26.03 -3.07 21.12
CA ARG F 224 -27.45 -2.80 21.32
C ARG F 224 -27.73 -2.34 22.76
N LEU F 225 -27.17 -3.05 23.76
CA LEU F 225 -27.40 -2.57 25.14
C LEU F 225 -26.61 -1.30 25.43
N ALA F 226 -25.56 -0.99 24.65
CA ALA F 226 -24.94 0.33 24.77
C ALA F 226 -25.85 1.45 24.26
N GLY F 227 -26.98 1.15 23.64
CA GLY F 227 -27.85 2.17 23.09
C GLY F 227 -27.74 2.42 21.58
N THR F 228 -27.12 1.50 20.81
CA THR F 228 -26.96 1.66 19.36
C THR F 228 -28.23 1.27 18.62
N ASP F 229 -28.65 2.09 17.66
CA ASP F 229 -29.71 1.69 16.72
C ASP F 229 -29.18 1.26 15.36
N ALA F 230 -28.15 1.92 14.85
CA ALA F 230 -27.47 1.49 13.64
C ALA F 230 -25.97 1.62 13.85
N VAL F 231 -25.19 0.78 13.18
CA VAL F 231 -23.75 0.78 13.38
C VAL F 231 -23.05 0.87 12.03
N GLY F 232 -21.94 1.60 11.99
CA GLY F 232 -21.15 1.67 10.78
C GLY F 232 -19.76 2.22 11.06
N MET F 233 -19.03 2.47 9.99
CA MET F 233 -17.65 2.91 10.10
C MET F 233 -17.47 4.26 9.39
N SER F 234 -18.48 5.12 9.41
CA SER F 234 -18.31 6.40 8.70
C SER F 234 -19.03 7.49 9.48
N THR F 235 -19.22 8.63 8.82
CA THR F 235 -20.17 9.66 9.23
C THR F 235 -19.75 10.48 10.44
N VAL F 236 -19.46 9.85 11.59
CA VAL F 236 -19.26 10.62 12.82
C VAL F 236 -18.08 11.57 12.73
N PRO F 237 -16.90 11.18 12.19
CA PRO F 237 -15.81 12.19 12.02
C PRO F 237 -16.24 13.42 11.24
N GLU F 238 -17.03 13.22 10.20
CA GLU F 238 -17.48 14.34 9.39
C GLU F 238 -18.50 15.19 10.13
N VAL F 239 -19.44 14.55 10.83
CA VAL F 239 -20.38 15.31 11.67
C VAL F 239 -19.64 16.17 12.68
N VAL F 240 -18.68 15.59 13.39
CA VAL F 240 -17.99 16.33 14.44
C VAL F 240 -17.23 17.50 13.82
N THR F 241 -16.60 17.27 12.67
CA THR F 241 -15.83 18.33 12.01
C THR F 241 -16.74 19.44 11.48
N ALA F 242 -17.85 19.08 10.83
CA ALA F 242 -18.77 20.12 10.40
C ALA F 242 -19.30 20.91 11.59
N ARG F 243 -19.66 20.23 12.69
CA ARG F 243 -20.11 20.94 13.88
C ARG F 243 -19.00 21.81 14.47
N HIS F 244 -17.75 21.37 14.36
CA HIS F 244 -16.68 22.26 14.80
C HIS F 244 -16.61 23.52 13.91
N CYS F 245 -16.92 23.38 12.61
CA CYS F 245 -16.99 24.56 11.76
C CYS F 245 -18.27 25.39 11.94
N GLY F 246 -19.19 24.93 12.76
CA GLY F 246 -20.42 25.64 13.06
C GLY F 246 -21.57 25.29 12.13
N TRP F 247 -21.42 24.29 11.27
CA TRP F 247 -22.47 23.95 10.32
C TRP F 247 -23.59 23.17 11.00
N ARG F 248 -24.79 23.25 10.42
CA ARG F 248 -25.90 22.36 10.70
CA ARG F 248 -25.88 22.35 10.74
C ARG F 248 -25.69 21.02 10.01
N VAL F 249 -26.18 19.93 10.64
CA VAL F 249 -25.96 18.59 10.13
C VAL F 249 -27.29 17.84 10.00
N LEU F 250 -27.44 17.11 8.90
CA LEU F 250 -28.52 16.17 8.66
C LEU F 250 -27.87 14.86 8.24
N ALA F 251 -28.20 13.77 8.93
CA ALA F 251 -27.53 12.52 8.63
C ALA F 251 -28.57 11.40 8.48
N LEU F 252 -28.36 10.55 7.48
CA LEU F 252 -29.35 9.55 7.12
C LEU F 252 -28.66 8.24 6.76
N SER F 253 -29.03 7.17 7.47
CA SER F 253 -28.54 5.83 7.24
C SER F 253 -29.51 5.00 6.44
N LEU F 254 -28.99 4.24 5.49
CA LEU F 254 -29.72 3.12 4.89
C LEU F 254 -29.34 1.84 5.63
N ILE F 255 -30.33 1.15 6.20
CA ILE F 255 -30.09 -0.10 6.91
C ILE F 255 -29.97 -1.21 5.87
N THR F 256 -28.76 -1.77 5.72
CA THR F 256 -28.53 -2.77 4.68
C THR F 256 -28.70 -4.20 5.15
N ASN F 257 -28.75 -4.42 6.46
CA ASN F 257 -28.76 -5.79 7.00
C ASN F 257 -29.13 -5.67 8.46
N GLU F 258 -29.72 -6.74 8.99
CA GLU F 258 -30.10 -6.81 10.40
C GLU F 258 -29.06 -7.64 11.14
N CYS F 259 -28.35 -7.01 12.07
CA CYS F 259 -27.29 -7.73 12.79
C CYS F 259 -27.91 -8.73 13.76
N VAL F 260 -27.30 -9.90 13.86
CA VAL F 260 -27.79 -10.97 14.72
C VAL F 260 -27.16 -10.84 16.12
N VAL F 261 -27.99 -10.95 17.14
CA VAL F 261 -27.55 -10.79 18.52
C VAL F 261 -27.72 -12.06 19.35
N ASP F 262 -28.36 -13.10 18.81
CA ASP F 262 -28.54 -14.34 19.55
C ASP F 262 -27.20 -15.05 19.72
N PRO F 263 -26.97 -15.68 20.87
CA PRO F 263 -25.74 -16.44 21.05
C PRO F 263 -25.66 -17.54 20.02
N PRO F 264 -24.46 -18.02 19.68
CA PRO F 264 -24.34 -19.16 18.77
C PRO F 264 -24.83 -20.43 19.44
N ALA F 265 -24.95 -21.48 18.61
CA ALA F 265 -25.40 -22.76 19.08
C ALA F 265 -24.51 -23.31 20.18
N SER F 266 -25.16 -23.88 21.20
CA SER F 266 -24.46 -24.53 22.30
C SER F 266 -24.02 -25.92 21.88
N ALA F 267 -22.82 -26.31 22.31
CA ALA F 267 -22.38 -27.67 22.10
C ALA F 267 -23.32 -28.69 22.74
N HIS F 268 -24.25 -28.27 23.60
CA HIS F 268 -25.14 -29.18 24.34
C HIS F 268 -26.52 -29.34 23.67
N ASP F 269 -26.83 -28.56 22.65
CA ASP F 269 -28.12 -28.62 21.95
C ASP F 269 -27.97 -29.33 20.61
N GLU F 270 -29.11 -29.66 20.00
CA GLU F 270 -29.12 -30.34 18.70
C GLU F 270 -30.31 -29.93 17.83
N ASN F 288 -30.72 -5.47 -3.48
CA ASN F 288 -31.11 -4.34 -4.32
C ASN F 288 -30.44 -3.03 -3.89
N SER F 289 -31.09 -2.30 -2.98
CA SER F 289 -30.66 -0.98 -2.52
C SER F 289 -30.85 0.04 -3.63
N ALA F 290 -31.15 -0.42 -4.83
CA ALA F 290 -31.46 0.47 -5.94
C ALA F 290 -32.67 1.32 -5.61
N LYS F 291 -33.77 0.68 -5.19
CA LYS F 291 -34.99 1.40 -4.87
C LYS F 291 -34.82 2.26 -3.62
N ALA F 292 -34.07 1.76 -2.63
CA ALA F 292 -33.80 2.59 -1.47
C ALA F 292 -32.99 3.82 -1.86
N SER F 293 -31.95 3.61 -2.66
CA SER F 293 -31.15 4.73 -3.17
C SER F 293 -32.00 5.74 -3.93
N LYS F 294 -32.95 5.28 -4.77
CA LYS F 294 -33.84 6.22 -5.44
C LYS F 294 -34.60 7.07 -4.42
N ASP F 295 -35.07 6.43 -3.33
CA ASP F 295 -35.80 7.16 -2.30
C ASP F 295 -34.92 8.20 -1.63
N VAL F 296 -33.67 7.83 -1.28
CA VAL F 296 -32.75 8.77 -0.64
C VAL F 296 -32.49 9.96 -1.54
N GLN F 297 -32.27 9.70 -2.83
CA GLN F 297 -32.03 10.77 -3.79
C GLN F 297 -33.19 11.74 -3.83
N GLU F 298 -34.42 11.22 -3.90
CA GLU F 298 -35.58 12.10 -3.95
C GLU F 298 -35.72 12.92 -2.68
N LEU F 299 -35.48 12.29 -1.52
CA LEU F 299 -35.57 13.03 -0.26
C LEU F 299 -34.57 14.16 -0.23
N ILE F 300 -33.33 13.88 -0.62
CA ILE F 300 -32.29 14.91 -0.56
C ILE F 300 -32.59 15.99 -1.59
N PHE F 301 -33.11 15.59 -2.76
CA PHE F 301 -33.46 16.55 -3.80
C PHE F 301 -34.53 17.53 -3.34
N SER F 302 -35.52 17.06 -2.56
CA SER F 302 -36.53 17.99 -2.07
C SER F 302 -36.00 18.83 -0.93
N VAL F 303 -35.23 18.20 -0.03
CA VAL F 303 -34.73 18.89 1.15
C VAL F 303 -33.84 20.08 0.78
N VAL F 304 -32.92 19.89 -0.17
CA VAL F 304 -31.89 20.92 -0.38
C VAL F 304 -32.48 22.22 -0.91
N ALA F 305 -33.66 22.18 -1.51
CA ALA F 305 -34.27 23.42 -1.97
C ALA F 305 -34.84 24.26 -0.82
N GLU F 306 -34.92 23.71 0.40
CA GLU F 306 -35.56 24.40 1.51
C GLU F 306 -34.60 24.65 2.66
N ILE F 307 -33.30 24.45 2.47
CA ILE F 307 -32.35 24.82 3.51
C ILE F 307 -31.94 26.30 3.37
#